data_5G4B
# 
_entry.id   5G4B 
# 
_audit_conform.dict_name       mmcif_pdbx.dic 
_audit_conform.dict_version    5.383 
_audit_conform.dict_location   http://mmcif.pdb.org/dictionaries/ascii/mmcif_pdbx.dic 
# 
loop_
_database_2.database_id 
_database_2.database_code 
_database_2.pdbx_database_accession 
_database_2.pdbx_DOI 
PDB   5G4B         pdb_00005g4b 10.2210/pdb5g4b/pdb 
PDBE  EBI-66766    ?            ?                   
WWPDB D_1290066766 ?            ?                   
# 
loop_
_pdbx_audit_revision_history.ordinal 
_pdbx_audit_revision_history.data_content_type 
_pdbx_audit_revision_history.major_revision 
_pdbx_audit_revision_history.minor_revision 
_pdbx_audit_revision_history.revision_date 
1 'Structure model' 1 0 2016-07-20 
2 'Structure model' 1 1 2017-03-29 
3 'Structure model' 1 2 2017-07-05 
4 'Structure model' 1 3 2024-01-10 
# 
_pdbx_audit_revision_details.ordinal             1 
_pdbx_audit_revision_details.revision_ordinal    1 
_pdbx_audit_revision_details.data_content_type   'Structure model' 
_pdbx_audit_revision_details.provider            repository 
_pdbx_audit_revision_details.type                'Initial release' 
_pdbx_audit_revision_details.description         ? 
_pdbx_audit_revision_details.details             ? 
# 
loop_
_pdbx_audit_revision_group.ordinal 
_pdbx_audit_revision_group.revision_ordinal 
_pdbx_audit_revision_group.data_content_type 
_pdbx_audit_revision_group.group 
1 2 'Structure model' Other                    
2 3 'Structure model' 'Data collection'        
3 4 'Structure model' 'Data collection'        
4 4 'Structure model' 'Database references'    
5 4 'Structure model' 'Derived calculations'   
6 4 'Structure model' Other                    
7 4 'Structure model' 'Refinement description' 
# 
loop_
_pdbx_audit_revision_category.ordinal 
_pdbx_audit_revision_category.revision_ordinal 
_pdbx_audit_revision_category.data_content_type 
_pdbx_audit_revision_category.category 
1 3 'Structure model' diffrn_source                 
2 4 'Structure model' chem_comp_atom                
3 4 'Structure model' chem_comp_bond                
4 4 'Structure model' database_2                    
5 4 'Structure model' pdbx_database_status          
6 4 'Structure model' pdbx_initial_refinement_model 
7 4 'Structure model' struct_site                   
# 
loop_
_pdbx_audit_revision_item.ordinal 
_pdbx_audit_revision_item.revision_ordinal 
_pdbx_audit_revision_item.data_content_type 
_pdbx_audit_revision_item.item 
1 3 'Structure model' '_diffrn_source.type'                  
2 4 'Structure model' '_database_2.pdbx_DOI'                 
3 4 'Structure model' '_database_2.pdbx_database_accession'  
4 4 'Structure model' '_pdbx_database_status.status_code_sf' 
5 4 'Structure model' '_struct_site.pdbx_auth_asym_id'       
6 4 'Structure model' '_struct_site.pdbx_auth_comp_id'       
7 4 'Structure model' '_struct_site.pdbx_auth_seq_id'        
# 
_pdbx_database_status.status_code                     REL 
_pdbx_database_status.entry_id                        5G4B 
_pdbx_database_status.deposit_site                    PDBE 
_pdbx_database_status.process_site                    PDBE 
_pdbx_database_status.SG_entry                        . 
_pdbx_database_status.recvd_initial_deposition_date   2016-05-08 
_pdbx_database_status.pdb_format_compatible           Y 
_pdbx_database_status.status_code_sf                  REL 
_pdbx_database_status.status_code_mr                  ? 
_pdbx_database_status.status_code_cs                  ? 
_pdbx_database_status.methods_development_category    ? 
_pdbx_database_status.status_code_nmr_data            ? 
# 
loop_
_audit_author.name 
_audit_author.pdbx_ordinal 
'Aggarwal, M.' 1 
'Kumar, P.'    2 
'Tomar, S.'    3 
# 
_citation.id                        primary 
_citation.title                     'Crystal Structure of Capsid Protein from Aura Virus in Complex with Piperazine' 
_citation.journal_abbrev            'To be Published' 
_citation.journal_volume            ? 
_citation.page_first                ? 
_citation.page_last                 ? 
_citation.year                      ? 
_citation.journal_id_ASTM           ? 
_citation.country                   ? 
_citation.journal_id_ISSN           ? 
_citation.journal_id_CSD            0353 
_citation.book_publisher            ? 
_citation.pdbx_database_id_PubMed   ? 
_citation.pdbx_database_id_DOI      ? 
# 
loop_
_citation_author.citation_id 
_citation_author.name 
_citation_author.ordinal 
_citation_author.identifier_ORCID 
primary 'Aggarwal, M.' 1 ? 
primary 'Kumar, P.'    2 ? 
primary 'Tomar, S.'    3 ? 
# 
loop_
_entity.id 
_entity.type 
_entity.src_method 
_entity.pdbx_description 
_entity.formula_weight 
_entity.pdbx_number_of_molecules 
_entity.pdbx_ec 
_entity.pdbx_mutation 
_entity.pdbx_fragment 
_entity.details 
1 polymer     man 'CAPSID PROTEIN' 17008.246 1  3.4.21.90 ? ? ? 
2 non-polymer syn piperazine       86.136    1  ?         ? ? ? 
3 water       nat water            18.015    65 ?         ? ? ? 
# 
_entity_poly.entity_id                      1 
_entity_poly.type                           'polypeptide(L)' 
_entity_poly.nstd_linkage                   no 
_entity_poly.nstd_monomer                   no 
_entity_poly.pdbx_seq_one_letter_code       
;ALKFEADRTFAVKNEDGKIMGYAVAMEGKVIKPLHVKGTIDHPALAKLKFTKSSSYDMEFAKLPTEMKSDAFGYTTEHPE
GFYNWHHGAVQFSGGRFTIPTGAGGPGDSGRPILDNSGKVVAIVLGGANEGARTALSVVTWNKKGAAIKTTHEDTVEW
;
_entity_poly.pdbx_seq_one_letter_code_can   
;ALKFEADRTFAVKNEDGKIMGYAVAMEGKVIKPLHVKGTIDHPALAKLKFTKSSSYDMEFAKLPTEMKSDAFGYTTEHPE
GFYNWHHGAVQFSGGRFTIPTGAGGPGDSGRPILDNSGKVVAIVLGGANEGARTALSVVTWNKKGAAIKTTHEDTVEW
;
_entity_poly.pdbx_strand_id                 A 
_entity_poly.pdbx_target_identifier         ? 
# 
loop_
_pdbx_entity_nonpoly.entity_id 
_pdbx_entity_nonpoly.name 
_pdbx_entity_nonpoly.comp_id 
2 piperazine PZE 
3 water      HOH 
# 
loop_
_entity_poly_seq.entity_id 
_entity_poly_seq.num 
_entity_poly_seq.mon_id 
_entity_poly_seq.hetero 
1 1   ALA n 
1 2   LEU n 
1 3   LYS n 
1 4   PHE n 
1 5   GLU n 
1 6   ALA n 
1 7   ASP n 
1 8   ARG n 
1 9   THR n 
1 10  PHE n 
1 11  ALA n 
1 12  VAL n 
1 13  LYS n 
1 14  ASN n 
1 15  GLU n 
1 16  ASP n 
1 17  GLY n 
1 18  LYS n 
1 19  ILE n 
1 20  MET n 
1 21  GLY n 
1 22  TYR n 
1 23  ALA n 
1 24  VAL n 
1 25  ALA n 
1 26  MET n 
1 27  GLU n 
1 28  GLY n 
1 29  LYS n 
1 30  VAL n 
1 31  ILE n 
1 32  LYS n 
1 33  PRO n 
1 34  LEU n 
1 35  HIS n 
1 36  VAL n 
1 37  LYS n 
1 38  GLY n 
1 39  THR n 
1 40  ILE n 
1 41  ASP n 
1 42  HIS n 
1 43  PRO n 
1 44  ALA n 
1 45  LEU n 
1 46  ALA n 
1 47  LYS n 
1 48  LEU n 
1 49  LYS n 
1 50  PHE n 
1 51  THR n 
1 52  LYS n 
1 53  SER n 
1 54  SER n 
1 55  SER n 
1 56  TYR n 
1 57  ASP n 
1 58  MET n 
1 59  GLU n 
1 60  PHE n 
1 61  ALA n 
1 62  LYS n 
1 63  LEU n 
1 64  PRO n 
1 65  THR n 
1 66  GLU n 
1 67  MET n 
1 68  LYS n 
1 69  SER n 
1 70  ASP n 
1 71  ALA n 
1 72  PHE n 
1 73  GLY n 
1 74  TYR n 
1 75  THR n 
1 76  THR n 
1 77  GLU n 
1 78  HIS n 
1 79  PRO n 
1 80  GLU n 
1 81  GLY n 
1 82  PHE n 
1 83  TYR n 
1 84  ASN n 
1 85  TRP n 
1 86  HIS n 
1 87  HIS n 
1 88  GLY n 
1 89  ALA n 
1 90  VAL n 
1 91  GLN n 
1 92  PHE n 
1 93  SER n 
1 94  GLY n 
1 95  GLY n 
1 96  ARG n 
1 97  PHE n 
1 98  THR n 
1 99  ILE n 
1 100 PRO n 
1 101 THR n 
1 102 GLY n 
1 103 ALA n 
1 104 GLY n 
1 105 GLY n 
1 106 PRO n 
1 107 GLY n 
1 108 ASP n 
1 109 SER n 
1 110 GLY n 
1 111 ARG n 
1 112 PRO n 
1 113 ILE n 
1 114 LEU n 
1 115 ASP n 
1 116 ASN n 
1 117 SER n 
1 118 GLY n 
1 119 LYS n 
1 120 VAL n 
1 121 VAL n 
1 122 ALA n 
1 123 ILE n 
1 124 VAL n 
1 125 LEU n 
1 126 GLY n 
1 127 GLY n 
1 128 ALA n 
1 129 ASN n 
1 130 GLU n 
1 131 GLY n 
1 132 ALA n 
1 133 ARG n 
1 134 THR n 
1 135 ALA n 
1 136 LEU n 
1 137 SER n 
1 138 VAL n 
1 139 VAL n 
1 140 THR n 
1 141 TRP n 
1 142 ASN n 
1 143 LYS n 
1 144 LYS n 
1 145 GLY n 
1 146 ALA n 
1 147 ALA n 
1 148 ILE n 
1 149 LYS n 
1 150 THR n 
1 151 THR n 
1 152 HIS n 
1 153 GLU n 
1 154 ASP n 
1 155 THR n 
1 156 VAL n 
1 157 GLU n 
1 158 TRP n 
# 
_entity_src_gen.entity_id                          1 
_entity_src_gen.pdbx_src_id                        1 
_entity_src_gen.pdbx_alt_source_flag               sample 
_entity_src_gen.pdbx_seq_type                      ? 
_entity_src_gen.pdbx_beg_seq_num                   ? 
_entity_src_gen.pdbx_end_seq_num                   ? 
_entity_src_gen.gene_src_common_name               ? 
_entity_src_gen.gene_src_genus                     ? 
_entity_src_gen.pdbx_gene_src_gene                 ? 
_entity_src_gen.gene_src_species                   ? 
_entity_src_gen.gene_src_strain                    ? 
_entity_src_gen.gene_src_tissue                    ? 
_entity_src_gen.gene_src_tissue_fraction           ? 
_entity_src_gen.gene_src_details                   ? 
_entity_src_gen.pdbx_gene_src_fragment             ? 
_entity_src_gen.pdbx_gene_src_scientific_name      'AURA VIRUS' 
_entity_src_gen.pdbx_gene_src_ncbi_taxonomy_id     44158 
_entity_src_gen.pdbx_gene_src_variant              ? 
_entity_src_gen.pdbx_gene_src_cell_line            ? 
_entity_src_gen.pdbx_gene_src_atcc                 ? 
_entity_src_gen.pdbx_gene_src_organ                ? 
_entity_src_gen.pdbx_gene_src_organelle            ? 
_entity_src_gen.pdbx_gene_src_cell                 ? 
_entity_src_gen.pdbx_gene_src_cellular_location    ? 
_entity_src_gen.host_org_common_name               ? 
_entity_src_gen.pdbx_host_org_scientific_name      'ESCHERICHIA COLI' 
_entity_src_gen.pdbx_host_org_ncbi_taxonomy_id     469008 
_entity_src_gen.host_org_genus                     ? 
_entity_src_gen.pdbx_host_org_gene                 ? 
_entity_src_gen.pdbx_host_org_organ                ? 
_entity_src_gen.host_org_species                   ? 
_entity_src_gen.pdbx_host_org_tissue               ? 
_entity_src_gen.pdbx_host_org_tissue_fraction      ? 
_entity_src_gen.pdbx_host_org_strain               'BL21(DE3)' 
_entity_src_gen.pdbx_host_org_variant              ROSETTA 
_entity_src_gen.pdbx_host_org_cell_line            ? 
_entity_src_gen.pdbx_host_org_atcc                 ? 
_entity_src_gen.pdbx_host_org_culture_collection   ? 
_entity_src_gen.pdbx_host_org_cell                 ? 
_entity_src_gen.pdbx_host_org_organelle            ? 
_entity_src_gen.pdbx_host_org_cellular_location    ? 
_entity_src_gen.pdbx_host_org_vector_type          PLASMID 
_entity_src_gen.pdbx_host_org_vector               PET28C 
_entity_src_gen.host_org_details                   ? 
_entity_src_gen.expression_system_id               ? 
_entity_src_gen.plasmid_name                       ? 
_entity_src_gen.plasmid_details                    ? 
_entity_src_gen.pdbx_description                   ? 
# 
loop_
_chem_comp.id 
_chem_comp.type 
_chem_comp.mon_nstd_flag 
_chem_comp.name 
_chem_comp.pdbx_synonyms 
_chem_comp.formula 
_chem_comp.formula_weight 
ALA 'L-peptide linking' y ALANINE         ? 'C3 H7 N O2'     89.093  
ARG 'L-peptide linking' y ARGININE        ? 'C6 H15 N4 O2 1' 175.209 
ASN 'L-peptide linking' y ASPARAGINE      ? 'C4 H8 N2 O3'    132.118 
ASP 'L-peptide linking' y 'ASPARTIC ACID' ? 'C4 H7 N O4'     133.103 
GLN 'L-peptide linking' y GLUTAMINE       ? 'C5 H10 N2 O3'   146.144 
GLU 'L-peptide linking' y 'GLUTAMIC ACID' ? 'C5 H9 N O4'     147.129 
GLY 'peptide linking'   y GLYCINE         ? 'C2 H5 N O2'     75.067  
HIS 'L-peptide linking' y HISTIDINE       ? 'C6 H10 N3 O2 1' 156.162 
HOH non-polymer         . WATER           ? 'H2 O'           18.015  
ILE 'L-peptide linking' y ISOLEUCINE      ? 'C6 H13 N O2'    131.173 
LEU 'L-peptide linking' y LEUCINE         ? 'C6 H13 N O2'    131.173 
LYS 'L-peptide linking' y LYSINE          ? 'C6 H15 N2 O2 1' 147.195 
MET 'L-peptide linking' y METHIONINE      ? 'C5 H11 N O2 S'  149.211 
PHE 'L-peptide linking' y PHENYLALANINE   ? 'C9 H11 N O2'    165.189 
PRO 'L-peptide linking' y PROLINE         ? 'C5 H9 N O2'     115.130 
PZE non-polymer         . piperazine      ? 'C4 H10 N2'      86.136  
SER 'L-peptide linking' y SERINE          ? 'C3 H7 N O3'     105.093 
THR 'L-peptide linking' y THREONINE       ? 'C4 H9 N O3'     119.119 
TRP 'L-peptide linking' y TRYPTOPHAN      ? 'C11 H12 N2 O2'  204.225 
TYR 'L-peptide linking' y TYROSINE        ? 'C9 H11 N O3'    181.189 
VAL 'L-peptide linking' y VALINE          ? 'C5 H11 N O2'    117.146 
# 
loop_
_pdbx_poly_seq_scheme.asym_id 
_pdbx_poly_seq_scheme.entity_id 
_pdbx_poly_seq_scheme.seq_id 
_pdbx_poly_seq_scheme.mon_id 
_pdbx_poly_seq_scheme.ndb_seq_num 
_pdbx_poly_seq_scheme.pdb_seq_num 
_pdbx_poly_seq_scheme.auth_seq_num 
_pdbx_poly_seq_scheme.pdb_mon_id 
_pdbx_poly_seq_scheme.auth_mon_id 
_pdbx_poly_seq_scheme.pdb_strand_id 
_pdbx_poly_seq_scheme.pdb_ins_code 
_pdbx_poly_seq_scheme.hetero 
A 1 1   ALA 1   110 ?   ?   ?   A . n 
A 1 2   LEU 2   111 ?   ?   ?   A . n 
A 1 3   LYS 3   112 ?   ?   ?   A . n 
A 1 4   PHE 4   113 ?   ?   ?   A . n 
A 1 5   GLU 5   114 ?   ?   ?   A . n 
A 1 6   ALA 6   115 ?   ?   ?   A . n 
A 1 7   ASP 7   116 116 ASP ASP A . n 
A 1 8   ARG 8   117 117 ARG ARG A . n 
A 1 9   THR 9   118 118 THR THR A . n 
A 1 10  PHE 10  119 119 PHE PHE A . n 
A 1 11  ALA 11  120 120 ALA ALA A . n 
A 1 12  VAL 12  121 121 VAL VAL A . n 
A 1 13  LYS 13  122 122 LYS LYS A . n 
A 1 14  ASN 14  123 123 ASN ASN A . n 
A 1 15  GLU 15  124 124 GLU GLU A . n 
A 1 16  ASP 16  125 125 ASP ASP A . n 
A 1 17  GLY 17  126 126 GLY GLY A . n 
A 1 18  LYS 18  127 127 LYS LYS A . n 
A 1 19  ILE 19  128 128 ILE ILE A . n 
A 1 20  MET 20  129 129 MET MET A . n 
A 1 21  GLY 21  130 130 GLY GLY A . n 
A 1 22  TYR 22  131 131 TYR TYR A . n 
A 1 23  ALA 23  132 132 ALA ALA A . n 
A 1 24  VAL 24  133 133 VAL VAL A . n 
A 1 25  ALA 25  134 134 ALA ALA A . n 
A 1 26  MET 26  135 135 MET MET A . n 
A 1 27  GLU 27  136 136 GLU GLU A . n 
A 1 28  GLY 28  137 137 GLY GLY A . n 
A 1 29  LYS 29  138 138 LYS LYS A . n 
A 1 30  VAL 30  139 139 VAL VAL A . n 
A 1 31  ILE 31  140 140 ILE ILE A . n 
A 1 32  LYS 32  141 141 LYS LYS A . n 
A 1 33  PRO 33  142 142 PRO PRO A . n 
A 1 34  LEU 34  143 143 LEU LEU A . n 
A 1 35  HIS 35  144 144 HIS HIS A . n 
A 1 36  VAL 36  145 145 VAL VAL A . n 
A 1 37  LYS 37  146 146 LYS LYS A . n 
A 1 38  GLY 38  147 147 GLY GLY A . n 
A 1 39  THR 39  148 148 THR THR A . n 
A 1 40  ILE 40  149 149 ILE ILE A . n 
A 1 41  ASP 41  150 150 ASP ASP A . n 
A 1 42  HIS 42  151 151 HIS HIS A . n 
A 1 43  PRO 43  152 152 PRO PRO A . n 
A 1 44  ALA 44  153 153 ALA ALA A . n 
A 1 45  LEU 45  154 154 LEU LEU A . n 
A 1 46  ALA 46  155 155 ALA ALA A . n 
A 1 47  LYS 47  156 156 LYS LYS A . n 
A 1 48  LEU 48  157 157 LEU LEU A . n 
A 1 49  LYS 49  158 158 LYS LYS A . n 
A 1 50  PHE 50  159 159 PHE PHE A . n 
A 1 51  THR 51  160 160 THR THR A . n 
A 1 52  LYS 52  161 161 LYS LYS A . n 
A 1 53  SER 53  162 162 SER SER A . n 
A 1 54  SER 54  163 163 SER SER A . n 
A 1 55  SER 55  164 164 SER SER A . n 
A 1 56  TYR 56  165 165 TYR TYR A . n 
A 1 57  ASP 57  166 166 ASP ASP A . n 
A 1 58  MET 58  167 167 MET MET A . n 
A 1 59  GLU 59  168 168 GLU GLU A . n 
A 1 60  PHE 60  169 169 PHE PHE A . n 
A 1 61  ALA 61  170 170 ALA ALA A . n 
A 1 62  LYS 62  171 171 LYS LYS A . n 
A 1 63  LEU 63  172 172 LEU LEU A . n 
A 1 64  PRO 64  173 173 PRO PRO A . n 
A 1 65  THR 65  174 174 THR THR A . n 
A 1 66  GLU 66  175 175 GLU GLU A . n 
A 1 67  MET 67  176 176 MET MET A . n 
A 1 68  LYS 68  177 177 LYS LYS A . n 
A 1 69  SER 69  178 178 SER SER A . n 
A 1 70  ASP 70  179 179 ASP ASP A . n 
A 1 71  ALA 71  180 180 ALA ALA A . n 
A 1 72  PHE 72  181 181 PHE PHE A . n 
A 1 73  GLY 73  182 182 GLY GLY A . n 
A 1 74  TYR 74  183 183 TYR TYR A . n 
A 1 75  THR 75  184 184 THR THR A . n 
A 1 76  THR 76  185 185 THR THR A . n 
A 1 77  GLU 77  186 186 GLU GLU A . n 
A 1 78  HIS 78  187 187 HIS HIS A . n 
A 1 79  PRO 79  188 188 PRO PRO A . n 
A 1 80  GLU 80  189 189 GLU GLU A . n 
A 1 81  GLY 81  190 190 GLY GLY A . n 
A 1 82  PHE 82  191 191 PHE PHE A . n 
A 1 83  TYR 83  192 192 TYR TYR A . n 
A 1 84  ASN 84  193 193 ASN ASN A . n 
A 1 85  TRP 85  194 194 TRP TRP A . n 
A 1 86  HIS 86  195 195 HIS HIS A . n 
A 1 87  HIS 87  196 196 HIS HIS A . n 
A 1 88  GLY 88  197 197 GLY GLY A . n 
A 1 89  ALA 89  198 198 ALA ALA A . n 
A 1 90  VAL 90  199 199 VAL VAL A . n 
A 1 91  GLN 91  200 200 GLN GLN A . n 
A 1 92  PHE 92  201 201 PHE PHE A . n 
A 1 93  SER 93  202 202 SER SER A . n 
A 1 94  GLY 94  203 203 GLY GLY A . n 
A 1 95  GLY 95  204 204 GLY GLY A . n 
A 1 96  ARG 96  205 205 ARG ARG A . n 
A 1 97  PHE 97  206 206 PHE PHE A . n 
A 1 98  THR 98  207 207 THR THR A . n 
A 1 99  ILE 99  208 208 ILE ILE A . n 
A 1 100 PRO 100 209 209 PRO PRO A . n 
A 1 101 THR 101 210 210 THR THR A . n 
A 1 102 GLY 102 211 211 GLY GLY A . n 
A 1 103 ALA 103 212 212 ALA ALA A . n 
A 1 104 GLY 104 213 213 GLY GLY A . n 
A 1 105 GLY 105 214 214 GLY GLY A . n 
A 1 106 PRO 106 215 215 PRO PRO A . n 
A 1 107 GLY 107 216 216 GLY GLY A . n 
A 1 108 ASP 108 217 217 ASP ASP A . n 
A 1 109 SER 109 218 218 SER SER A . n 
A 1 110 GLY 110 219 219 GLY GLY A . n 
A 1 111 ARG 111 220 220 ARG ARG A . n 
A 1 112 PRO 112 221 221 PRO PRO A . n 
A 1 113 ILE 113 222 222 ILE ILE A . n 
A 1 114 LEU 114 223 223 LEU LEU A . n 
A 1 115 ASP 115 224 224 ASP ASP A . n 
A 1 116 ASN 116 225 225 ASN ASN A . n 
A 1 117 SER 117 226 226 SER SER A . n 
A 1 118 GLY 118 227 227 GLY GLY A . n 
A 1 119 LYS 119 228 228 LYS LYS A . n 
A 1 120 VAL 120 229 229 VAL VAL A . n 
A 1 121 VAL 121 230 230 VAL VAL A . n 
A 1 122 ALA 122 231 231 ALA ALA A . n 
A 1 123 ILE 123 232 232 ILE ILE A . n 
A 1 124 VAL 124 233 233 VAL VAL A . n 
A 1 125 LEU 125 234 234 LEU LEU A . n 
A 1 126 GLY 126 235 235 GLY GLY A . n 
A 1 127 GLY 127 236 236 GLY GLY A . n 
A 1 128 ALA 128 237 237 ALA ALA A . n 
A 1 129 ASN 129 238 238 ASN ASN A . n 
A 1 130 GLU 130 239 239 GLU GLU A . n 
A 1 131 GLY 131 240 240 GLY GLY A . n 
A 1 132 ALA 132 241 241 ALA ALA A . n 
A 1 133 ARG 133 242 242 ARG ARG A . n 
A 1 134 THR 134 243 243 THR THR A . n 
A 1 135 ALA 135 244 244 ALA ALA A . n 
A 1 136 LEU 136 245 245 LEU LEU A . n 
A 1 137 SER 137 246 246 SER SER A . n 
A 1 138 VAL 138 247 247 VAL VAL A . n 
A 1 139 VAL 139 248 248 VAL VAL A . n 
A 1 140 THR 140 249 249 THR THR A . n 
A 1 141 TRP 141 250 250 TRP TRP A . n 
A 1 142 ASN 142 251 251 ASN ASN A . n 
A 1 143 LYS 143 252 252 LYS LYS A . n 
A 1 144 LYS 144 253 253 LYS LYS A . n 
A 1 145 GLY 145 254 254 GLY GLY A . n 
A 1 146 ALA 146 255 255 ALA ALA A . n 
A 1 147 ALA 147 256 256 ALA ALA A . n 
A 1 148 ILE 148 257 257 ILE ILE A . n 
A 1 149 LYS 149 258 258 LYS LYS A . n 
A 1 150 THR 150 259 259 THR THR A . n 
A 1 151 THR 151 260 260 THR THR A . n 
A 1 152 HIS 152 261 261 HIS HIS A . n 
A 1 153 GLU 153 262 262 GLU GLU A . n 
A 1 154 ASP 154 263 263 ASP ASP A . n 
A 1 155 THR 155 264 264 THR THR A . n 
A 1 156 VAL 156 265 265 VAL VAL A . n 
A 1 157 GLU 157 266 266 GLU GLU A . n 
A 1 158 TRP 158 267 267 TRP TRP A . n 
# 
loop_
_pdbx_nonpoly_scheme.asym_id 
_pdbx_nonpoly_scheme.entity_id 
_pdbx_nonpoly_scheme.mon_id 
_pdbx_nonpoly_scheme.ndb_seq_num 
_pdbx_nonpoly_scheme.pdb_seq_num 
_pdbx_nonpoly_scheme.auth_seq_num 
_pdbx_nonpoly_scheme.pdb_mon_id 
_pdbx_nonpoly_scheme.auth_mon_id 
_pdbx_nonpoly_scheme.pdb_strand_id 
_pdbx_nonpoly_scheme.pdb_ins_code 
B 2 PZE 1  1268 1268 PZE PZE A . 
C 3 HOH 1  2001 2001 HOH HOH A . 
C 3 HOH 2  2002 2002 HOH HOH A . 
C 3 HOH 3  2003 2003 HOH HOH A . 
C 3 HOH 4  2004 2004 HOH HOH A . 
C 3 HOH 5  2005 2005 HOH HOH A . 
C 3 HOH 6  2006 2006 HOH HOH A . 
C 3 HOH 7  2007 2007 HOH HOH A . 
C 3 HOH 8  2008 2008 HOH HOH A . 
C 3 HOH 9  2009 2009 HOH HOH A . 
C 3 HOH 10 2010 2010 HOH HOH A . 
C 3 HOH 11 2011 2011 HOH HOH A . 
C 3 HOH 12 2012 2012 HOH HOH A . 
C 3 HOH 13 2013 2013 HOH HOH A . 
C 3 HOH 14 2014 2014 HOH HOH A . 
C 3 HOH 15 2015 2015 HOH HOH A . 
C 3 HOH 16 2016 2016 HOH HOH A . 
C 3 HOH 17 2017 2017 HOH HOH A . 
C 3 HOH 18 2018 2018 HOH HOH A . 
C 3 HOH 19 2019 2019 HOH HOH A . 
C 3 HOH 20 2020 2020 HOH HOH A . 
C 3 HOH 21 2021 2021 HOH HOH A . 
C 3 HOH 22 2022 2022 HOH HOH A . 
C 3 HOH 23 2023 2023 HOH HOH A . 
C 3 HOH 24 2024 2024 HOH HOH A . 
C 3 HOH 25 2025 2025 HOH HOH A . 
C 3 HOH 26 2026 2026 HOH HOH A . 
C 3 HOH 27 2027 2027 HOH HOH A . 
C 3 HOH 28 2028 2028 HOH HOH A . 
C 3 HOH 29 2029 2029 HOH HOH A . 
C 3 HOH 30 2030 2030 HOH HOH A . 
C 3 HOH 31 2031 2031 HOH HOH A . 
C 3 HOH 32 2032 2032 HOH HOH A . 
C 3 HOH 33 2033 2033 HOH HOH A . 
C 3 HOH 34 2034 2034 HOH HOH A . 
C 3 HOH 35 2035 2035 HOH HOH A . 
C 3 HOH 36 2036 2036 HOH HOH A . 
C 3 HOH 37 2037 2037 HOH HOH A . 
C 3 HOH 38 2038 2038 HOH HOH A . 
C 3 HOH 39 2039 2039 HOH HOH A . 
C 3 HOH 40 2040 2040 HOH HOH A . 
C 3 HOH 41 2041 2041 HOH HOH A . 
C 3 HOH 42 2042 2042 HOH HOH A . 
C 3 HOH 43 2043 2043 HOH HOH A . 
C 3 HOH 44 2044 2044 HOH HOH A . 
C 3 HOH 45 2045 2045 HOH HOH A . 
C 3 HOH 46 2046 2046 HOH HOH A . 
C 3 HOH 47 2047 2047 HOH HOH A . 
C 3 HOH 48 2048 2048 HOH HOH A . 
C 3 HOH 49 2049 2049 HOH HOH A . 
C 3 HOH 50 2050 2050 HOH HOH A . 
C 3 HOH 51 2051 2051 HOH HOH A . 
C 3 HOH 52 2052 2052 HOH HOH A . 
C 3 HOH 53 2053 2053 HOH HOH A . 
C 3 HOH 54 2054 2054 HOH HOH A . 
C 3 HOH 55 2055 2055 HOH HOH A . 
C 3 HOH 56 2056 2056 HOH HOH A . 
C 3 HOH 57 2057 2057 HOH HOH A . 
C 3 HOH 58 2058 2058 HOH HOH A . 
C 3 HOH 59 2059 2059 HOH HOH A . 
C 3 HOH 60 2060 2060 HOH HOH A . 
C 3 HOH 61 2061 2061 HOH HOH A . 
C 3 HOH 62 2062 2062 HOH HOH A . 
C 3 HOH 63 2063 2063 HOH HOH A . 
C 3 HOH 64 2064 2064 HOH HOH A . 
C 3 HOH 65 2065 2065 HOH HOH A . 
# 
loop_
_software.name 
_software.classification 
_software.version 
_software.citation_id 
_software.pdbx_ordinal 
_software.date 
_software.type 
_software.location 
_software.language 
REFMAC    refinement       5.8.0049 ? 1 ? ? ? ? 
HKL-2000  'data reduction' .        ? 2 ? ? ? ? 
SCALEPACK 'data scaling'   .        ? 3 ? ? ? ? 
MOLREP    phasing          .        ? 4 ? ? ? ? 
# 
_cell.entry_id           5G4B 
_cell.length_a           79.256 
_cell.length_b           34.839 
_cell.length_c           49.169 
_cell.angle_alpha        90.00 
_cell.angle_beta         101.94 
_cell.angle_gamma        90.00 
_cell.Z_PDB              4 
_cell.pdbx_unique_axis   ? 
# 
_symmetry.entry_id                         5G4B 
_symmetry.space_group_name_H-M             'C 1 2 1' 
_symmetry.pdbx_full_space_group_name_H-M   ? 
_symmetry.cell_setting                     ? 
_symmetry.Int_Tables_number                5 
# 
_exptl.entry_id          5G4B 
_exptl.method            'X-RAY DIFFRACTION' 
_exptl.crystals_number   1 
# 
_exptl_crystal.id                    1 
_exptl_crystal.density_meas          ? 
_exptl_crystal.density_Matthews      1.95 
_exptl_crystal.density_percent_sol   37.07 
_exptl_crystal.description           NONE 
_exptl_crystal.preparation           ? 
# 
_exptl_crystal_grow.crystal_id      1 
_exptl_crystal_grow.method          ? 
_exptl_crystal_grow.temp            ? 
_exptl_crystal_grow.temp_details    ? 
_exptl_crystal_grow.pH              6.5 
_exptl_crystal_grow.pdbx_pH_range   ? 
_exptl_crystal_grow.pdbx_details    '0.1 M BIS-TRIS AND 22 % POLYETHYLENE GLYCOL MONOMETHYL ETHER 2000, pH 6.5' 
# 
_diffrn.id                     1 
_diffrn.ambient_temp           100 
_diffrn.ambient_temp_details   ? 
_diffrn.crystal_id             1 
# 
_diffrn_detector.diffrn_id              1 
_diffrn_detector.detector               'IMAGE PLATE' 
_diffrn_detector.type                   'MAR scanner 345 mm plate' 
_diffrn_detector.pdbx_collection_date   2013-10-31 
_diffrn_detector.details                MIRROR 
# 
_diffrn_radiation.diffrn_id                        1 
_diffrn_radiation.wavelength_id                    1 
_diffrn_radiation.pdbx_monochromatic_or_laue_m_l   M 
_diffrn_radiation.monochromator                    GRAPHITE 
_diffrn_radiation.pdbx_diffrn_protocol             'SINGLE WAVELENGTH' 
_diffrn_radiation.pdbx_scattering_type             x-ray 
# 
_diffrn_radiation_wavelength.id           1 
_diffrn_radiation_wavelength.wavelength   1.5418 
_diffrn_radiation_wavelength.wt           1.0 
# 
_diffrn_source.diffrn_id                   1 
_diffrn_source.source                      'ROTATING ANODE' 
_diffrn_source.type                        'BRUKER AXS MICROSTAR-H' 
_diffrn_source.pdbx_synchrotron_site       ? 
_diffrn_source.pdbx_synchrotron_beamline   ? 
_diffrn_source.pdbx_wavelength             1.5418 
_diffrn_source.pdbx_wavelength_list        ? 
# 
_reflns.pdbx_diffrn_id               1 
_reflns.pdbx_ordinal                 1 
_reflns.entry_id                     5G4B 
_reflns.observed_criterion_sigma_I   2.0 
_reflns.observed_criterion_sigma_F   ? 
_reflns.d_resolution_low             50.00 
_reflns.d_resolution_high            2.21 
_reflns.number_obs                   4847 
_reflns.number_all                   ? 
_reflns.percent_possible_obs         79.6 
_reflns.pdbx_Rmerge_I_obs            0.06 
_reflns.pdbx_Rsym_value              ? 
_reflns.pdbx_netI_over_sigmaI        14.80 
_reflns.B_iso_Wilson_estimate        ? 
_reflns.pdbx_redundancy              2.7 
# 
_reflns_shell.pdbx_diffrn_id         1 
_reflns_shell.pdbx_ordinal           1 
_reflns_shell.d_res_high             2.21 
_reflns_shell.d_res_low              2.25 
_reflns_shell.percent_possible_all   41.6 
_reflns_shell.Rmerge_I_obs           0.26 
_reflns_shell.pdbx_Rsym_value        ? 
_reflns_shell.meanI_over_sigI_obs    2.00 
_reflns_shell.pdbx_redundancy        1.8 
# 
_refine.pdbx_refine_id                           'X-RAY DIFFRACTION' 
_refine.entry_id                                 5G4B 
_refine.pdbx_diffrn_id                           1 
_refine.pdbx_TLS_residual_ADP_flag               ? 
_refine.ls_number_reflns_obs                     4614 
_refine.ls_number_reflns_all                     ? 
_refine.pdbx_ls_sigma_I                          ? 
_refine.pdbx_ls_sigma_F                          . 
_refine.pdbx_data_cutoff_high_absF               ? 
_refine.pdbx_data_cutoff_low_absF                ? 
_refine.pdbx_data_cutoff_high_rms_absF           ? 
_refine.ls_d_res_low                             48.11 
_refine.ls_d_res_high                            2.24 
_refine.ls_percent_reflns_obs                    74.29 
_refine.ls_R_factor_obs                          0.20127 
_refine.ls_R_factor_all                          ? 
_refine.ls_R_factor_R_work                       0.19864 
_refine.ls_R_factor_R_free                       0.26484 
_refine.ls_R_factor_R_free_error                 ? 
_refine.ls_R_factor_R_free_error_details         ? 
_refine.ls_percent_reflns_R_free                 4.8 
_refine.ls_number_reflns_R_free                  232 
_refine.ls_number_parameters                     ? 
_refine.ls_number_restraints                     ? 
_refine.occupancy_min                            ? 
_refine.occupancy_max                            ? 
_refine.correlation_coeff_Fo_to_Fc               0.951 
_refine.correlation_coeff_Fo_to_Fc_free          0.890 
_refine.B_iso_mean                               38.281 
_refine.aniso_B[1][1]                            -0.23 
_refine.aniso_B[2][2]                            1.61 
_refine.aniso_B[3][3]                            -0.07 
_refine.aniso_B[1][2]                            0.00 
_refine.aniso_B[1][3]                            -3.09 
_refine.aniso_B[2][3]                            0.00 
_refine.solvent_model_details                    MASK 
_refine.solvent_model_param_ksol                 ? 
_refine.solvent_model_param_bsol                 ? 
_refine.pdbx_solvent_vdw_probe_radii             1.20 
_refine.pdbx_solvent_ion_probe_radii             0.80 
_refine.pdbx_solvent_shrinkage_radii             0.80 
_refine.pdbx_ls_cross_valid_method               THROUGHOUT 
_refine.details                                  
'HYDROGENS HAVE BEEN ADDED IN THE RIDING POSITIONS. RESIDUES 110-115 ARE DISORDERED.' 
_refine.pdbx_starting_model                      4AGK 
_refine.pdbx_method_to_determine_struct          'MOLECULAR REPLACEMENT' 
_refine.pdbx_isotropic_thermal_model             ? 
_refine.pdbx_stereochemistry_target_values       'MAXIMUM LIKELIHOOD' 
_refine.pdbx_stereochem_target_val_spec_case     ? 
_refine.pdbx_R_Free_selection_details            RANDOM 
_refine.pdbx_overall_ESU_R                       ? 
_refine.pdbx_overall_ESU_R_Free                  0.343 
_refine.overall_SU_ML                            0.221 
_refine.pdbx_overall_phase_error                 ? 
_refine.overall_SU_B                             10.151 
_refine.overall_SU_R_Cruickshank_DPI             ? 
_refine.pdbx_overall_SU_R_free_Cruickshank_DPI   ? 
_refine.pdbx_overall_SU_R_Blow_DPI               ? 
_refine.pdbx_overall_SU_R_free_Blow_DPI          ? 
# 
_refine_hist.pdbx_refine_id                   'X-RAY DIFFRACTION' 
_refine_hist.cycle_id                         LAST 
_refine_hist.pdbx_number_atoms_protein        1152 
_refine_hist.pdbx_number_atoms_nucleic_acid   0 
_refine_hist.pdbx_number_atoms_ligand         6 
_refine_hist.number_atoms_solvent             65 
_refine_hist.number_atoms_total               1223 
_refine_hist.d_res_high                       2.24 
_refine_hist.d_res_low                        48.11 
# 
loop_
_refine_ls_restr.type 
_refine_ls_restr.dev_ideal 
_refine_ls_restr.dev_ideal_target 
_refine_ls_restr.weight 
_refine_ls_restr.number 
_refine_ls_restr.pdbx_refine_id 
_refine_ls_restr.pdbx_restraint_function 
r_bond_refined_d             0.004  0.019  ? 1191 'X-RAY DIFFRACTION' ? 
r_bond_other_d               ?      ?      ? ?    'X-RAY DIFFRACTION' ? 
r_angle_refined_deg          0.936  1.943  ? 1610 'X-RAY DIFFRACTION' ? 
r_angle_other_deg            ?      ?      ? ?    'X-RAY DIFFRACTION' ? 
r_dihedral_angle_1_deg       5.800  5.000  ? 153  'X-RAY DIFFRACTION' ? 
r_dihedral_angle_2_deg       32.712 24.043 ? 47   'X-RAY DIFFRACTION' ? 
r_dihedral_angle_3_deg       13.679 15.000 ? 194  'X-RAY DIFFRACTION' ? 
r_dihedral_angle_4_deg       13.243 15.000 ? 4    'X-RAY DIFFRACTION' ? 
r_chiral_restr               0.060  0.200  ? 172  'X-RAY DIFFRACTION' ? 
r_gen_planes_refined         0.004  0.021  ? 899  'X-RAY DIFFRACTION' ? 
r_gen_planes_other           ?      ?      ? ?    'X-RAY DIFFRACTION' ? 
r_nbd_refined                ?      ?      ? ?    'X-RAY DIFFRACTION' ? 
r_nbd_other                  ?      ?      ? ?    'X-RAY DIFFRACTION' ? 
r_nbtor_refined              ?      ?      ? ?    'X-RAY DIFFRACTION' ? 
r_nbtor_other                ?      ?      ? ?    'X-RAY DIFFRACTION' ? 
r_xyhbond_nbd_refined        ?      ?      ? ?    'X-RAY DIFFRACTION' ? 
r_xyhbond_nbd_other          ?      ?      ? ?    'X-RAY DIFFRACTION' ? 
r_metal_ion_refined          ?      ?      ? ?    'X-RAY DIFFRACTION' ? 
r_metal_ion_other            ?      ?      ? ?    'X-RAY DIFFRACTION' ? 
r_symmetry_vdw_refined       ?      ?      ? ?    'X-RAY DIFFRACTION' ? 
r_symmetry_vdw_other         ?      ?      ? ?    'X-RAY DIFFRACTION' ? 
r_symmetry_hbond_refined     ?      ?      ? ?    'X-RAY DIFFRACTION' ? 
r_symmetry_hbond_other       ?      ?      ? ?    'X-RAY DIFFRACTION' ? 
r_symmetry_metal_ion_refined ?      ?      ? ?    'X-RAY DIFFRACTION' ? 
r_symmetry_metal_ion_other   ?      ?      ? ?    'X-RAY DIFFRACTION' ? 
r_mcbond_it                  0.894  3.792  ? 609  'X-RAY DIFFRACTION' ? 
r_mcbond_other               ?      ?      ? ?    'X-RAY DIFFRACTION' ? 
r_mcangle_it                 1.647  5.686  ? 760  'X-RAY DIFFRACTION' ? 
r_mcangle_other              ?      ?      ? ?    'X-RAY DIFFRACTION' ? 
r_scbond_it                  0.691  3.880  ? 582  'X-RAY DIFFRACTION' ? 
r_scbond_other               ?      ?      ? ?    'X-RAY DIFFRACTION' ? 
r_scangle_it                 ?      ?      ? ?    'X-RAY DIFFRACTION' ? 
r_scangle_other              ?      ?      ? ?    'X-RAY DIFFRACTION' ? 
r_long_range_B_refined       ?      ?      ? ?    'X-RAY DIFFRACTION' ? 
r_long_range_B_other         ?      ?      ? ?    'X-RAY DIFFRACTION' ? 
r_rigid_bond_restr           ?      ?      ? ?    'X-RAY DIFFRACTION' ? 
r_sphericity_free            ?      ?      ? ?    'X-RAY DIFFRACTION' ? 
r_sphericity_bonded          ?      ?      ? ?    'X-RAY DIFFRACTION' ? 
# 
_refine_ls_shell.pdbx_refine_id                   'X-RAY DIFFRACTION' 
_refine_ls_shell.pdbx_total_number_of_bins_used   20 
_refine_ls_shell.d_res_high                       2.236 
_refine_ls_shell.d_res_low                        2.294 
_refine_ls_shell.number_reflns_R_work             79 
_refine_ls_shell.R_factor_R_work                  0.315 
_refine_ls_shell.percent_reflns_obs               18.49 
_refine_ls_shell.R_factor_R_free                  0.265 
_refine_ls_shell.R_factor_R_free_error            ? 
_refine_ls_shell.percent_reflns_R_free            ? 
_refine_ls_shell.number_reflns_R_free             7 
_refine_ls_shell.number_reflns_all                ? 
_refine_ls_shell.R_factor_all                     ? 
# 
_struct.entry_id                  5G4B 
_struct.title                     'Crystal structure of Aura virus capsid protein in complex with piperazine.' 
_struct.pdbx_model_details        ? 
_struct.pdbx_CASP_flag            ? 
_struct.pdbx_model_type_details   ? 
# 
_struct_keywords.entry_id        5G4B 
_struct_keywords.pdbx_keywords   HYDROLASE 
_struct_keywords.text            'HYDROLASE, AURA VIRUS, CAPSID, PROTEIN, PIPERAZINE' 
# 
loop_
_struct_asym.id 
_struct_asym.pdbx_blank_PDB_chainid_flag 
_struct_asym.pdbx_modified 
_struct_asym.entity_id 
_struct_asym.details 
A N N 1 ? 
B N N 2 ? 
C N N 3 ? 
# 
_struct_ref.id                         1 
_struct_ref.db_name                    UNP 
_struct_ref.db_code                    POLS_AURAV 
_struct_ref.entity_id                  1 
_struct_ref.pdbx_seq_one_letter_code   ? 
_struct_ref.pdbx_align_begin           ? 
_struct_ref.pdbx_db_accession          Q86925 
_struct_ref.pdbx_db_isoform            ? 
# 
_struct_ref_seq.align_id                      1 
_struct_ref_seq.ref_id                        1 
_struct_ref_seq.pdbx_PDB_id_code              5G4B 
_struct_ref_seq.pdbx_strand_id                A 
_struct_ref_seq.seq_align_beg                 1 
_struct_ref_seq.pdbx_seq_align_beg_ins_code   ? 
_struct_ref_seq.seq_align_end                 158 
_struct_ref_seq.pdbx_seq_align_end_ins_code   ? 
_struct_ref_seq.pdbx_db_accession             Q86925 
_struct_ref_seq.db_align_beg                  110 
_struct_ref_seq.pdbx_db_align_beg_ins_code    ? 
_struct_ref_seq.db_align_end                  267 
_struct_ref_seq.pdbx_db_align_end_ins_code    ? 
_struct_ref_seq.pdbx_auth_seq_align_beg       110 
_struct_ref_seq.pdbx_auth_seq_align_end       267 
# 
loop_
_struct_ref_seq_dif.align_id 
_struct_ref_seq_dif.pdbx_pdb_id_code 
_struct_ref_seq_dif.mon_id 
_struct_ref_seq_dif.pdbx_pdb_strand_id 
_struct_ref_seq_dif.seq_num 
_struct_ref_seq_dif.pdbx_pdb_ins_code 
_struct_ref_seq_dif.pdbx_seq_db_name 
_struct_ref_seq_dif.pdbx_seq_db_accession_code 
_struct_ref_seq_dif.db_mon_id 
_struct_ref_seq_dif.pdbx_seq_db_seq_num 
_struct_ref_seq_dif.details 
_struct_ref_seq_dif.pdbx_auth_seq_num 
_struct_ref_seq_dif.pdbx_ordinal 
1 5G4B ALA A 11  ? UNP Q86925 VAL 120 conflict 120 1 
1 5G4B VAL A 12  ? UNP Q86925 GLY 121 conflict 121 2 
1 5G4B GLY A 81  ? UNP Q86925 VAL 190 conflict 190 3 
1 5G4B ALA A 103 ? UNP Q86925 VAL 212 conflict 212 4 
1 5G4B GLY A 131 ? UNP Q86925 VAL 240 conflict 240 5 
1 5G4B ALA A 132 ? UNP Q86925 PRO 241 conflict 241 6 
1 5G4B ARG A 133 ? UNP Q86925 GLY 242 conflict 242 7 
# 
_pdbx_struct_assembly.id                   1 
_pdbx_struct_assembly.details              author_and_software_defined_assembly 
_pdbx_struct_assembly.method_details       PISA 
_pdbx_struct_assembly.oligomeric_details   monomeric 
_pdbx_struct_assembly.oligomeric_count     1 
# 
_pdbx_struct_assembly_gen.assembly_id       1 
_pdbx_struct_assembly_gen.oper_expression   1 
_pdbx_struct_assembly_gen.asym_id_list      A,B,C 
# 
_pdbx_struct_oper_list.id                   1 
_pdbx_struct_oper_list.type                 'identity operation' 
_pdbx_struct_oper_list.name                 1_555 
_pdbx_struct_oper_list.symmetry_operation   x,y,z 
_pdbx_struct_oper_list.matrix[1][1]         1.0000000000 
_pdbx_struct_oper_list.matrix[1][2]         0.0000000000 
_pdbx_struct_oper_list.matrix[1][3]         0.0000000000 
_pdbx_struct_oper_list.vector[1]            0.0000000000 
_pdbx_struct_oper_list.matrix[2][1]         0.0000000000 
_pdbx_struct_oper_list.matrix[2][2]         1.0000000000 
_pdbx_struct_oper_list.matrix[2][3]         0.0000000000 
_pdbx_struct_oper_list.vector[2]            0.0000000000 
_pdbx_struct_oper_list.matrix[3][1]         0.0000000000 
_pdbx_struct_oper_list.matrix[3][2]         0.0000000000 
_pdbx_struct_oper_list.matrix[3][3]         1.0000000000 
_pdbx_struct_oper_list.vector[3]            0.0000000000 
# 
loop_
_struct_sheet.id 
_struct_sheet.type 
_struct_sheet.number_strands 
_struct_sheet.details 
1  ? 1 ? 
2  ? 1 ? 
3  ? 1 ? 
4  ? 1 ? 
5  ? 1 ? 
6  ? 1 ? 
7  ? 1 ? 
8  ? 1 ? 
9  ? 1 ? 
10 ? 1 ? 
11 ? 1 ? 
12 ? 1 ? 
13 ? 1 ? 
14 ? 1 ? 
# 
loop_
_struct_sheet_range.sheet_id 
_struct_sheet_range.id 
_struct_sheet_range.beg_label_comp_id 
_struct_sheet_range.beg_label_asym_id 
_struct_sheet_range.beg_label_seq_id 
_struct_sheet_range.pdbx_beg_PDB_ins_code 
_struct_sheet_range.end_label_comp_id 
_struct_sheet_range.end_label_asym_id 
_struct_sheet_range.end_label_seq_id 
_struct_sheet_range.pdbx_end_PDB_ins_code 
_struct_sheet_range.beg_auth_comp_id 
_struct_sheet_range.beg_auth_asym_id 
_struct_sheet_range.beg_auth_seq_id 
_struct_sheet_range.end_auth_comp_id 
_struct_sheet_range.end_auth_asym_id 
_struct_sheet_range.end_auth_seq_id 
1  1 THR A 9   ? LYS A 13  ? THR A 118 LYS A 122 
2  1 ILE A 19  ? MET A 26  ? ILE A 128 MET A 135 
3  1 LYS A 29  ? PRO A 33  ? LYS A 138 PRO A 142 
4  1 THR A 39  ? ILE A 40  ? THR A 148 ILE A 149 
5  1 THR A 51  ? SER A 53  ? THR A 160 SER A 162 
6  1 MET A 58  ? LYS A 62  ? MET A 167 LYS A 171 
7  1 GLY A 81  ? TRP A 85  ? GLY A 190 TRP A 194 
8  1 GLY A 88  ? SER A 93  ? GLY A 197 SER A 202 
9  1 ARG A 96  ? PRO A 100 ? ARG A 205 PRO A 209 
10 1 PRO A 112 ? LEU A 114 ? PRO A 221 LEU A 223 
11 1 VAL A 120 ? ASN A 129 ? VAL A 229 ASN A 238 
12 1 ARG A 133 ? TRP A 141 ? ARG A 242 TRP A 250 
13 1 ALA A 147 ? THR A 150 ? ALA A 256 THR A 259 
14 1 VAL A 156 ? GLU A 157 ? VAL A 265 GLU A 266 
# 
_struct_site.id                   AC1 
_struct_site.pdbx_evidence_code   Software 
_struct_site.pdbx_auth_asym_id    A 
_struct_site.pdbx_auth_comp_id    PZE 
_struct_site.pdbx_auth_seq_id     1268 
_struct_site.pdbx_auth_ins_code   ? 
_struct_site.pdbx_num_residues    4 
_struct_site.details              'BINDING SITE FOR RESIDUE PZE A 1268' 
# 
loop_
_struct_site_gen.id 
_struct_site_gen.site_id 
_struct_site_gen.pdbx_num_res 
_struct_site_gen.label_comp_id 
_struct_site_gen.label_asym_id 
_struct_site_gen.label_seq_id 
_struct_site_gen.pdbx_auth_ins_code 
_struct_site_gen.auth_comp_id 
_struct_site_gen.auth_asym_id 
_struct_site_gen.auth_seq_id 
_struct_site_gen.label_atom_id 
_struct_site_gen.label_alt_id 
_struct_site_gen.symmetry 
_struct_site_gen.details 
1 AC1 4 GLU A 27  ? GLU A 136  . ? 1_555 ? 
2 AC1 4 LYS A 29  ? LYS A 138  . ? 1_555 ? 
3 AC1 4 TRP A 141 ? TRP A 250  . ? 1_555 ? 
4 AC1 4 HOH C .   ? HOH A 2058 . ? 1_555 ? 
# 
loop_
_pdbx_validate_torsion.id 
_pdbx_validate_torsion.PDB_model_num 
_pdbx_validate_torsion.auth_comp_id 
_pdbx_validate_torsion.auth_asym_id 
_pdbx_validate_torsion.auth_seq_id 
_pdbx_validate_torsion.PDB_ins_code 
_pdbx_validate_torsion.label_alt_id 
_pdbx_validate_torsion.phi 
_pdbx_validate_torsion.psi 
1 1 MET A 176 ? ? -78.07  -100.06 
2 1 LYS A 177 ? ? 63.56   -58.23  
3 1 ASP A 179 ? ? -100.15 72.51   
# 
_pdbx_database_remark.id     700 
_pdbx_database_remark.text   
;
SHEET
DETERMINATION METHOD: AUTHOR PROVIDED.
;
# 
_pdbx_entry_details.entry_id                 5G4B 
_pdbx_entry_details.compound_details         ? 
_pdbx_entry_details.source_details           ? 
_pdbx_entry_details.nonpolymer_details       ? 
_pdbx_entry_details.sequence_details         'SOME RESIDUES ARE DIFFERENT IN OUR SEQUENCE' 
_pdbx_entry_details.has_ligand_of_interest   ? 
# 
loop_
_pdbx_unobs_or_zero_occ_residues.id 
_pdbx_unobs_or_zero_occ_residues.PDB_model_num 
_pdbx_unobs_or_zero_occ_residues.polymer_flag 
_pdbx_unobs_or_zero_occ_residues.occupancy_flag 
_pdbx_unobs_or_zero_occ_residues.auth_asym_id 
_pdbx_unobs_or_zero_occ_residues.auth_comp_id 
_pdbx_unobs_or_zero_occ_residues.auth_seq_id 
_pdbx_unobs_or_zero_occ_residues.PDB_ins_code 
_pdbx_unobs_or_zero_occ_residues.label_asym_id 
_pdbx_unobs_or_zero_occ_residues.label_comp_id 
_pdbx_unobs_or_zero_occ_residues.label_seq_id 
1 1 Y 1 A ALA 110 ? A ALA 1 
2 1 Y 1 A LEU 111 ? A LEU 2 
3 1 Y 1 A LYS 112 ? A LYS 3 
4 1 Y 1 A PHE 113 ? A PHE 4 
5 1 Y 1 A GLU 114 ? A GLU 5 
6 1 Y 1 A ALA 115 ? A ALA 6 
# 
loop_
_chem_comp_atom.comp_id 
_chem_comp_atom.atom_id 
_chem_comp_atom.type_symbol 
_chem_comp_atom.pdbx_aromatic_flag 
_chem_comp_atom.pdbx_stereo_config 
_chem_comp_atom.pdbx_ordinal 
ALA N    N N N 1   
ALA CA   C N S 2   
ALA C    C N N 3   
ALA O    O N N 4   
ALA CB   C N N 5   
ALA OXT  O N N 6   
ALA H    H N N 7   
ALA H2   H N N 8   
ALA HA   H N N 9   
ALA HB1  H N N 10  
ALA HB2  H N N 11  
ALA HB3  H N N 12  
ALA HXT  H N N 13  
ARG N    N N N 14  
ARG CA   C N S 15  
ARG C    C N N 16  
ARG O    O N N 17  
ARG CB   C N N 18  
ARG CG   C N N 19  
ARG CD   C N N 20  
ARG NE   N N N 21  
ARG CZ   C N N 22  
ARG NH1  N N N 23  
ARG NH2  N N N 24  
ARG OXT  O N N 25  
ARG H    H N N 26  
ARG H2   H N N 27  
ARG HA   H N N 28  
ARG HB2  H N N 29  
ARG HB3  H N N 30  
ARG HG2  H N N 31  
ARG HG3  H N N 32  
ARG HD2  H N N 33  
ARG HD3  H N N 34  
ARG HE   H N N 35  
ARG HH11 H N N 36  
ARG HH12 H N N 37  
ARG HH21 H N N 38  
ARG HH22 H N N 39  
ARG HXT  H N N 40  
ASN N    N N N 41  
ASN CA   C N S 42  
ASN C    C N N 43  
ASN O    O N N 44  
ASN CB   C N N 45  
ASN CG   C N N 46  
ASN OD1  O N N 47  
ASN ND2  N N N 48  
ASN OXT  O N N 49  
ASN H    H N N 50  
ASN H2   H N N 51  
ASN HA   H N N 52  
ASN HB2  H N N 53  
ASN HB3  H N N 54  
ASN HD21 H N N 55  
ASN HD22 H N N 56  
ASN HXT  H N N 57  
ASP N    N N N 58  
ASP CA   C N S 59  
ASP C    C N N 60  
ASP O    O N N 61  
ASP CB   C N N 62  
ASP CG   C N N 63  
ASP OD1  O N N 64  
ASP OD2  O N N 65  
ASP OXT  O N N 66  
ASP H    H N N 67  
ASP H2   H N N 68  
ASP HA   H N N 69  
ASP HB2  H N N 70  
ASP HB3  H N N 71  
ASP HD2  H N N 72  
ASP HXT  H N N 73  
GLN N    N N N 74  
GLN CA   C N S 75  
GLN C    C N N 76  
GLN O    O N N 77  
GLN CB   C N N 78  
GLN CG   C N N 79  
GLN CD   C N N 80  
GLN OE1  O N N 81  
GLN NE2  N N N 82  
GLN OXT  O N N 83  
GLN H    H N N 84  
GLN H2   H N N 85  
GLN HA   H N N 86  
GLN HB2  H N N 87  
GLN HB3  H N N 88  
GLN HG2  H N N 89  
GLN HG3  H N N 90  
GLN HE21 H N N 91  
GLN HE22 H N N 92  
GLN HXT  H N N 93  
GLU N    N N N 94  
GLU CA   C N S 95  
GLU C    C N N 96  
GLU O    O N N 97  
GLU CB   C N N 98  
GLU CG   C N N 99  
GLU CD   C N N 100 
GLU OE1  O N N 101 
GLU OE2  O N N 102 
GLU OXT  O N N 103 
GLU H    H N N 104 
GLU H2   H N N 105 
GLU HA   H N N 106 
GLU HB2  H N N 107 
GLU HB3  H N N 108 
GLU HG2  H N N 109 
GLU HG3  H N N 110 
GLU HE2  H N N 111 
GLU HXT  H N N 112 
GLY N    N N N 113 
GLY CA   C N N 114 
GLY C    C N N 115 
GLY O    O N N 116 
GLY OXT  O N N 117 
GLY H    H N N 118 
GLY H2   H N N 119 
GLY HA2  H N N 120 
GLY HA3  H N N 121 
GLY HXT  H N N 122 
HIS N    N N N 123 
HIS CA   C N S 124 
HIS C    C N N 125 
HIS O    O N N 126 
HIS CB   C N N 127 
HIS CG   C Y N 128 
HIS ND1  N Y N 129 
HIS CD2  C Y N 130 
HIS CE1  C Y N 131 
HIS NE2  N Y N 132 
HIS OXT  O N N 133 
HIS H    H N N 134 
HIS H2   H N N 135 
HIS HA   H N N 136 
HIS HB2  H N N 137 
HIS HB3  H N N 138 
HIS HD1  H N N 139 
HIS HD2  H N N 140 
HIS HE1  H N N 141 
HIS HE2  H N N 142 
HIS HXT  H N N 143 
HOH O    O N N 144 
HOH H1   H N N 145 
HOH H2   H N N 146 
ILE N    N N N 147 
ILE CA   C N S 148 
ILE C    C N N 149 
ILE O    O N N 150 
ILE CB   C N S 151 
ILE CG1  C N N 152 
ILE CG2  C N N 153 
ILE CD1  C N N 154 
ILE OXT  O N N 155 
ILE H    H N N 156 
ILE H2   H N N 157 
ILE HA   H N N 158 
ILE HB   H N N 159 
ILE HG12 H N N 160 
ILE HG13 H N N 161 
ILE HG21 H N N 162 
ILE HG22 H N N 163 
ILE HG23 H N N 164 
ILE HD11 H N N 165 
ILE HD12 H N N 166 
ILE HD13 H N N 167 
ILE HXT  H N N 168 
LEU N    N N N 169 
LEU CA   C N S 170 
LEU C    C N N 171 
LEU O    O N N 172 
LEU CB   C N N 173 
LEU CG   C N N 174 
LEU CD1  C N N 175 
LEU CD2  C N N 176 
LEU OXT  O N N 177 
LEU H    H N N 178 
LEU H2   H N N 179 
LEU HA   H N N 180 
LEU HB2  H N N 181 
LEU HB3  H N N 182 
LEU HG   H N N 183 
LEU HD11 H N N 184 
LEU HD12 H N N 185 
LEU HD13 H N N 186 
LEU HD21 H N N 187 
LEU HD22 H N N 188 
LEU HD23 H N N 189 
LEU HXT  H N N 190 
LYS N    N N N 191 
LYS CA   C N S 192 
LYS C    C N N 193 
LYS O    O N N 194 
LYS CB   C N N 195 
LYS CG   C N N 196 
LYS CD   C N N 197 
LYS CE   C N N 198 
LYS NZ   N N N 199 
LYS OXT  O N N 200 
LYS H    H N N 201 
LYS H2   H N N 202 
LYS HA   H N N 203 
LYS HB2  H N N 204 
LYS HB3  H N N 205 
LYS HG2  H N N 206 
LYS HG3  H N N 207 
LYS HD2  H N N 208 
LYS HD3  H N N 209 
LYS HE2  H N N 210 
LYS HE3  H N N 211 
LYS HZ1  H N N 212 
LYS HZ2  H N N 213 
LYS HZ3  H N N 214 
LYS HXT  H N N 215 
MET N    N N N 216 
MET CA   C N S 217 
MET C    C N N 218 
MET O    O N N 219 
MET CB   C N N 220 
MET CG   C N N 221 
MET SD   S N N 222 
MET CE   C N N 223 
MET OXT  O N N 224 
MET H    H N N 225 
MET H2   H N N 226 
MET HA   H N N 227 
MET HB2  H N N 228 
MET HB3  H N N 229 
MET HG2  H N N 230 
MET HG3  H N N 231 
MET HE1  H N N 232 
MET HE2  H N N 233 
MET HE3  H N N 234 
MET HXT  H N N 235 
PHE N    N N N 236 
PHE CA   C N S 237 
PHE C    C N N 238 
PHE O    O N N 239 
PHE CB   C N N 240 
PHE CG   C Y N 241 
PHE CD1  C Y N 242 
PHE CD2  C Y N 243 
PHE CE1  C Y N 244 
PHE CE2  C Y N 245 
PHE CZ   C Y N 246 
PHE OXT  O N N 247 
PHE H    H N N 248 
PHE H2   H N N 249 
PHE HA   H N N 250 
PHE HB2  H N N 251 
PHE HB3  H N N 252 
PHE HD1  H N N 253 
PHE HD2  H N N 254 
PHE HE1  H N N 255 
PHE HE2  H N N 256 
PHE HZ   H N N 257 
PHE HXT  H N N 258 
PRO N    N N N 259 
PRO CA   C N S 260 
PRO C    C N N 261 
PRO O    O N N 262 
PRO CB   C N N 263 
PRO CG   C N N 264 
PRO CD   C N N 265 
PRO OXT  O N N 266 
PRO H    H N N 267 
PRO HA   H N N 268 
PRO HB2  H N N 269 
PRO HB3  H N N 270 
PRO HG2  H N N 271 
PRO HG3  H N N 272 
PRO HD2  H N N 273 
PRO HD3  H N N 274 
PRO HXT  H N N 275 
PZE N7   N N N 276 
PZE C8   C N N 277 
PZE C9   C N N 278 
PZE N10  N N N 279 
PZE C11  C N N 280 
PZE C12  C N N 281 
PZE HN7  H N N 282 
PZE H8   H N N 283 
PZE H8A  H N N 284 
PZE H9   H N N 285 
PZE H9A  H N N 286 
PZE HN10 H N N 287 
PZE H11  H N N 288 
PZE H11A H N N 289 
PZE H12  H N N 290 
PZE H12A H N N 291 
SER N    N N N 292 
SER CA   C N S 293 
SER C    C N N 294 
SER O    O N N 295 
SER CB   C N N 296 
SER OG   O N N 297 
SER OXT  O N N 298 
SER H    H N N 299 
SER H2   H N N 300 
SER HA   H N N 301 
SER HB2  H N N 302 
SER HB3  H N N 303 
SER HG   H N N 304 
SER HXT  H N N 305 
THR N    N N N 306 
THR CA   C N S 307 
THR C    C N N 308 
THR O    O N N 309 
THR CB   C N R 310 
THR OG1  O N N 311 
THR CG2  C N N 312 
THR OXT  O N N 313 
THR H    H N N 314 
THR H2   H N N 315 
THR HA   H N N 316 
THR HB   H N N 317 
THR HG1  H N N 318 
THR HG21 H N N 319 
THR HG22 H N N 320 
THR HG23 H N N 321 
THR HXT  H N N 322 
TRP N    N N N 323 
TRP CA   C N S 324 
TRP C    C N N 325 
TRP O    O N N 326 
TRP CB   C N N 327 
TRP CG   C Y N 328 
TRP CD1  C Y N 329 
TRP CD2  C Y N 330 
TRP NE1  N Y N 331 
TRP CE2  C Y N 332 
TRP CE3  C Y N 333 
TRP CZ2  C Y N 334 
TRP CZ3  C Y N 335 
TRP CH2  C Y N 336 
TRP OXT  O N N 337 
TRP H    H N N 338 
TRP H2   H N N 339 
TRP HA   H N N 340 
TRP HB2  H N N 341 
TRP HB3  H N N 342 
TRP HD1  H N N 343 
TRP HE1  H N N 344 
TRP HE3  H N N 345 
TRP HZ2  H N N 346 
TRP HZ3  H N N 347 
TRP HH2  H N N 348 
TRP HXT  H N N 349 
TYR N    N N N 350 
TYR CA   C N S 351 
TYR C    C N N 352 
TYR O    O N N 353 
TYR CB   C N N 354 
TYR CG   C Y N 355 
TYR CD1  C Y N 356 
TYR CD2  C Y N 357 
TYR CE1  C Y N 358 
TYR CE2  C Y N 359 
TYR CZ   C Y N 360 
TYR OH   O N N 361 
TYR OXT  O N N 362 
TYR H    H N N 363 
TYR H2   H N N 364 
TYR HA   H N N 365 
TYR HB2  H N N 366 
TYR HB3  H N N 367 
TYR HD1  H N N 368 
TYR HD2  H N N 369 
TYR HE1  H N N 370 
TYR HE2  H N N 371 
TYR HH   H N N 372 
TYR HXT  H N N 373 
VAL N    N N N 374 
VAL CA   C N S 375 
VAL C    C N N 376 
VAL O    O N N 377 
VAL CB   C N N 378 
VAL CG1  C N N 379 
VAL CG2  C N N 380 
VAL OXT  O N N 381 
VAL H    H N N 382 
VAL H2   H N N 383 
VAL HA   H N N 384 
VAL HB   H N N 385 
VAL HG11 H N N 386 
VAL HG12 H N N 387 
VAL HG13 H N N 388 
VAL HG21 H N N 389 
VAL HG22 H N N 390 
VAL HG23 H N N 391 
VAL HXT  H N N 392 
# 
loop_
_chem_comp_bond.comp_id 
_chem_comp_bond.atom_id_1 
_chem_comp_bond.atom_id_2 
_chem_comp_bond.value_order 
_chem_comp_bond.pdbx_aromatic_flag 
_chem_comp_bond.pdbx_stereo_config 
_chem_comp_bond.pdbx_ordinal 
ALA N   CA   sing N N 1   
ALA N   H    sing N N 2   
ALA N   H2   sing N N 3   
ALA CA  C    sing N N 4   
ALA CA  CB   sing N N 5   
ALA CA  HA   sing N N 6   
ALA C   O    doub N N 7   
ALA C   OXT  sing N N 8   
ALA CB  HB1  sing N N 9   
ALA CB  HB2  sing N N 10  
ALA CB  HB3  sing N N 11  
ALA OXT HXT  sing N N 12  
ARG N   CA   sing N N 13  
ARG N   H    sing N N 14  
ARG N   H2   sing N N 15  
ARG CA  C    sing N N 16  
ARG CA  CB   sing N N 17  
ARG CA  HA   sing N N 18  
ARG C   O    doub N N 19  
ARG C   OXT  sing N N 20  
ARG CB  CG   sing N N 21  
ARG CB  HB2  sing N N 22  
ARG CB  HB3  sing N N 23  
ARG CG  CD   sing N N 24  
ARG CG  HG2  sing N N 25  
ARG CG  HG3  sing N N 26  
ARG CD  NE   sing N N 27  
ARG CD  HD2  sing N N 28  
ARG CD  HD3  sing N N 29  
ARG NE  CZ   sing N N 30  
ARG NE  HE   sing N N 31  
ARG CZ  NH1  sing N N 32  
ARG CZ  NH2  doub N N 33  
ARG NH1 HH11 sing N N 34  
ARG NH1 HH12 sing N N 35  
ARG NH2 HH21 sing N N 36  
ARG NH2 HH22 sing N N 37  
ARG OXT HXT  sing N N 38  
ASN N   CA   sing N N 39  
ASN N   H    sing N N 40  
ASN N   H2   sing N N 41  
ASN CA  C    sing N N 42  
ASN CA  CB   sing N N 43  
ASN CA  HA   sing N N 44  
ASN C   O    doub N N 45  
ASN C   OXT  sing N N 46  
ASN CB  CG   sing N N 47  
ASN CB  HB2  sing N N 48  
ASN CB  HB3  sing N N 49  
ASN CG  OD1  doub N N 50  
ASN CG  ND2  sing N N 51  
ASN ND2 HD21 sing N N 52  
ASN ND2 HD22 sing N N 53  
ASN OXT HXT  sing N N 54  
ASP N   CA   sing N N 55  
ASP N   H    sing N N 56  
ASP N   H2   sing N N 57  
ASP CA  C    sing N N 58  
ASP CA  CB   sing N N 59  
ASP CA  HA   sing N N 60  
ASP C   O    doub N N 61  
ASP C   OXT  sing N N 62  
ASP CB  CG   sing N N 63  
ASP CB  HB2  sing N N 64  
ASP CB  HB3  sing N N 65  
ASP CG  OD1  doub N N 66  
ASP CG  OD2  sing N N 67  
ASP OD2 HD2  sing N N 68  
ASP OXT HXT  sing N N 69  
GLN N   CA   sing N N 70  
GLN N   H    sing N N 71  
GLN N   H2   sing N N 72  
GLN CA  C    sing N N 73  
GLN CA  CB   sing N N 74  
GLN CA  HA   sing N N 75  
GLN C   O    doub N N 76  
GLN C   OXT  sing N N 77  
GLN CB  CG   sing N N 78  
GLN CB  HB2  sing N N 79  
GLN CB  HB3  sing N N 80  
GLN CG  CD   sing N N 81  
GLN CG  HG2  sing N N 82  
GLN CG  HG3  sing N N 83  
GLN CD  OE1  doub N N 84  
GLN CD  NE2  sing N N 85  
GLN NE2 HE21 sing N N 86  
GLN NE2 HE22 sing N N 87  
GLN OXT HXT  sing N N 88  
GLU N   CA   sing N N 89  
GLU N   H    sing N N 90  
GLU N   H2   sing N N 91  
GLU CA  C    sing N N 92  
GLU CA  CB   sing N N 93  
GLU CA  HA   sing N N 94  
GLU C   O    doub N N 95  
GLU C   OXT  sing N N 96  
GLU CB  CG   sing N N 97  
GLU CB  HB2  sing N N 98  
GLU CB  HB3  sing N N 99  
GLU CG  CD   sing N N 100 
GLU CG  HG2  sing N N 101 
GLU CG  HG3  sing N N 102 
GLU CD  OE1  doub N N 103 
GLU CD  OE2  sing N N 104 
GLU OE2 HE2  sing N N 105 
GLU OXT HXT  sing N N 106 
GLY N   CA   sing N N 107 
GLY N   H    sing N N 108 
GLY N   H2   sing N N 109 
GLY CA  C    sing N N 110 
GLY CA  HA2  sing N N 111 
GLY CA  HA3  sing N N 112 
GLY C   O    doub N N 113 
GLY C   OXT  sing N N 114 
GLY OXT HXT  sing N N 115 
HIS N   CA   sing N N 116 
HIS N   H    sing N N 117 
HIS N   H2   sing N N 118 
HIS CA  C    sing N N 119 
HIS CA  CB   sing N N 120 
HIS CA  HA   sing N N 121 
HIS C   O    doub N N 122 
HIS C   OXT  sing N N 123 
HIS CB  CG   sing N N 124 
HIS CB  HB2  sing N N 125 
HIS CB  HB3  sing N N 126 
HIS CG  ND1  sing Y N 127 
HIS CG  CD2  doub Y N 128 
HIS ND1 CE1  doub Y N 129 
HIS ND1 HD1  sing N N 130 
HIS CD2 NE2  sing Y N 131 
HIS CD2 HD2  sing N N 132 
HIS CE1 NE2  sing Y N 133 
HIS CE1 HE1  sing N N 134 
HIS NE2 HE2  sing N N 135 
HIS OXT HXT  sing N N 136 
HOH O   H1   sing N N 137 
HOH O   H2   sing N N 138 
ILE N   CA   sing N N 139 
ILE N   H    sing N N 140 
ILE N   H2   sing N N 141 
ILE CA  C    sing N N 142 
ILE CA  CB   sing N N 143 
ILE CA  HA   sing N N 144 
ILE C   O    doub N N 145 
ILE C   OXT  sing N N 146 
ILE CB  CG1  sing N N 147 
ILE CB  CG2  sing N N 148 
ILE CB  HB   sing N N 149 
ILE CG1 CD1  sing N N 150 
ILE CG1 HG12 sing N N 151 
ILE CG1 HG13 sing N N 152 
ILE CG2 HG21 sing N N 153 
ILE CG2 HG22 sing N N 154 
ILE CG2 HG23 sing N N 155 
ILE CD1 HD11 sing N N 156 
ILE CD1 HD12 sing N N 157 
ILE CD1 HD13 sing N N 158 
ILE OXT HXT  sing N N 159 
LEU N   CA   sing N N 160 
LEU N   H    sing N N 161 
LEU N   H2   sing N N 162 
LEU CA  C    sing N N 163 
LEU CA  CB   sing N N 164 
LEU CA  HA   sing N N 165 
LEU C   O    doub N N 166 
LEU C   OXT  sing N N 167 
LEU CB  CG   sing N N 168 
LEU CB  HB2  sing N N 169 
LEU CB  HB3  sing N N 170 
LEU CG  CD1  sing N N 171 
LEU CG  CD2  sing N N 172 
LEU CG  HG   sing N N 173 
LEU CD1 HD11 sing N N 174 
LEU CD1 HD12 sing N N 175 
LEU CD1 HD13 sing N N 176 
LEU CD2 HD21 sing N N 177 
LEU CD2 HD22 sing N N 178 
LEU CD2 HD23 sing N N 179 
LEU OXT HXT  sing N N 180 
LYS N   CA   sing N N 181 
LYS N   H    sing N N 182 
LYS N   H2   sing N N 183 
LYS CA  C    sing N N 184 
LYS CA  CB   sing N N 185 
LYS CA  HA   sing N N 186 
LYS C   O    doub N N 187 
LYS C   OXT  sing N N 188 
LYS CB  CG   sing N N 189 
LYS CB  HB2  sing N N 190 
LYS CB  HB3  sing N N 191 
LYS CG  CD   sing N N 192 
LYS CG  HG2  sing N N 193 
LYS CG  HG3  sing N N 194 
LYS CD  CE   sing N N 195 
LYS CD  HD2  sing N N 196 
LYS CD  HD3  sing N N 197 
LYS CE  NZ   sing N N 198 
LYS CE  HE2  sing N N 199 
LYS CE  HE3  sing N N 200 
LYS NZ  HZ1  sing N N 201 
LYS NZ  HZ2  sing N N 202 
LYS NZ  HZ3  sing N N 203 
LYS OXT HXT  sing N N 204 
MET N   CA   sing N N 205 
MET N   H    sing N N 206 
MET N   H2   sing N N 207 
MET CA  C    sing N N 208 
MET CA  CB   sing N N 209 
MET CA  HA   sing N N 210 
MET C   O    doub N N 211 
MET C   OXT  sing N N 212 
MET CB  CG   sing N N 213 
MET CB  HB2  sing N N 214 
MET CB  HB3  sing N N 215 
MET CG  SD   sing N N 216 
MET CG  HG2  sing N N 217 
MET CG  HG3  sing N N 218 
MET SD  CE   sing N N 219 
MET CE  HE1  sing N N 220 
MET CE  HE2  sing N N 221 
MET CE  HE3  sing N N 222 
MET OXT HXT  sing N N 223 
PHE N   CA   sing N N 224 
PHE N   H    sing N N 225 
PHE N   H2   sing N N 226 
PHE CA  C    sing N N 227 
PHE CA  CB   sing N N 228 
PHE CA  HA   sing N N 229 
PHE C   O    doub N N 230 
PHE C   OXT  sing N N 231 
PHE CB  CG   sing N N 232 
PHE CB  HB2  sing N N 233 
PHE CB  HB3  sing N N 234 
PHE CG  CD1  doub Y N 235 
PHE CG  CD2  sing Y N 236 
PHE CD1 CE1  sing Y N 237 
PHE CD1 HD1  sing N N 238 
PHE CD2 CE2  doub Y N 239 
PHE CD2 HD2  sing N N 240 
PHE CE1 CZ   doub Y N 241 
PHE CE1 HE1  sing N N 242 
PHE CE2 CZ   sing Y N 243 
PHE CE2 HE2  sing N N 244 
PHE CZ  HZ   sing N N 245 
PHE OXT HXT  sing N N 246 
PRO N   CA   sing N N 247 
PRO N   CD   sing N N 248 
PRO N   H    sing N N 249 
PRO CA  C    sing N N 250 
PRO CA  CB   sing N N 251 
PRO CA  HA   sing N N 252 
PRO C   O    doub N N 253 
PRO C   OXT  sing N N 254 
PRO CB  CG   sing N N 255 
PRO CB  HB2  sing N N 256 
PRO CB  HB3  sing N N 257 
PRO CG  CD   sing N N 258 
PRO CG  HG2  sing N N 259 
PRO CG  HG3  sing N N 260 
PRO CD  HD2  sing N N 261 
PRO CD  HD3  sing N N 262 
PRO OXT HXT  sing N N 263 
PZE N7  C8   sing N N 264 
PZE N7  C12  sing N N 265 
PZE C8  C9   sing N N 266 
PZE C9  N10  sing N N 267 
PZE N10 C11  sing N N 268 
PZE C11 C12  sing N N 269 
PZE N7  HN7  sing N N 270 
PZE C8  H8   sing N N 271 
PZE C8  H8A  sing N N 272 
PZE C9  H9   sing N N 273 
PZE C9  H9A  sing N N 274 
PZE N10 HN10 sing N N 275 
PZE C11 H11  sing N N 276 
PZE C11 H11A sing N N 277 
PZE C12 H12  sing N N 278 
PZE C12 H12A sing N N 279 
SER N   CA   sing N N 280 
SER N   H    sing N N 281 
SER N   H2   sing N N 282 
SER CA  C    sing N N 283 
SER CA  CB   sing N N 284 
SER CA  HA   sing N N 285 
SER C   O    doub N N 286 
SER C   OXT  sing N N 287 
SER CB  OG   sing N N 288 
SER CB  HB2  sing N N 289 
SER CB  HB3  sing N N 290 
SER OG  HG   sing N N 291 
SER OXT HXT  sing N N 292 
THR N   CA   sing N N 293 
THR N   H    sing N N 294 
THR N   H2   sing N N 295 
THR CA  C    sing N N 296 
THR CA  CB   sing N N 297 
THR CA  HA   sing N N 298 
THR C   O    doub N N 299 
THR C   OXT  sing N N 300 
THR CB  OG1  sing N N 301 
THR CB  CG2  sing N N 302 
THR CB  HB   sing N N 303 
THR OG1 HG1  sing N N 304 
THR CG2 HG21 sing N N 305 
THR CG2 HG22 sing N N 306 
THR CG2 HG23 sing N N 307 
THR OXT HXT  sing N N 308 
TRP N   CA   sing N N 309 
TRP N   H    sing N N 310 
TRP N   H2   sing N N 311 
TRP CA  C    sing N N 312 
TRP CA  CB   sing N N 313 
TRP CA  HA   sing N N 314 
TRP C   O    doub N N 315 
TRP C   OXT  sing N N 316 
TRP CB  CG   sing N N 317 
TRP CB  HB2  sing N N 318 
TRP CB  HB3  sing N N 319 
TRP CG  CD1  doub Y N 320 
TRP CG  CD2  sing Y N 321 
TRP CD1 NE1  sing Y N 322 
TRP CD1 HD1  sing N N 323 
TRP CD2 CE2  doub Y N 324 
TRP CD2 CE3  sing Y N 325 
TRP NE1 CE2  sing Y N 326 
TRP NE1 HE1  sing N N 327 
TRP CE2 CZ2  sing Y N 328 
TRP CE3 CZ3  doub Y N 329 
TRP CE3 HE3  sing N N 330 
TRP CZ2 CH2  doub Y N 331 
TRP CZ2 HZ2  sing N N 332 
TRP CZ3 CH2  sing Y N 333 
TRP CZ3 HZ3  sing N N 334 
TRP CH2 HH2  sing N N 335 
TRP OXT HXT  sing N N 336 
TYR N   CA   sing N N 337 
TYR N   H    sing N N 338 
TYR N   H2   sing N N 339 
TYR CA  C    sing N N 340 
TYR CA  CB   sing N N 341 
TYR CA  HA   sing N N 342 
TYR C   O    doub N N 343 
TYR C   OXT  sing N N 344 
TYR CB  CG   sing N N 345 
TYR CB  HB2  sing N N 346 
TYR CB  HB3  sing N N 347 
TYR CG  CD1  doub Y N 348 
TYR CG  CD2  sing Y N 349 
TYR CD1 CE1  sing Y N 350 
TYR CD1 HD1  sing N N 351 
TYR CD2 CE2  doub Y N 352 
TYR CD2 HD2  sing N N 353 
TYR CE1 CZ   doub Y N 354 
TYR CE1 HE1  sing N N 355 
TYR CE2 CZ   sing Y N 356 
TYR CE2 HE2  sing N N 357 
TYR CZ  OH   sing N N 358 
TYR OH  HH   sing N N 359 
TYR OXT HXT  sing N N 360 
VAL N   CA   sing N N 361 
VAL N   H    sing N N 362 
VAL N   H2   sing N N 363 
VAL CA  C    sing N N 364 
VAL CA  CB   sing N N 365 
VAL CA  HA   sing N N 366 
VAL C   O    doub N N 367 
VAL C   OXT  sing N N 368 
VAL CB  CG1  sing N N 369 
VAL CB  CG2  sing N N 370 
VAL CB  HB   sing N N 371 
VAL CG1 HG11 sing N N 372 
VAL CG1 HG12 sing N N 373 
VAL CG1 HG13 sing N N 374 
VAL CG2 HG21 sing N N 375 
VAL CG2 HG22 sing N N 376 
VAL CG2 HG23 sing N N 377 
VAL OXT HXT  sing N N 378 
# 
_pdbx_initial_refinement_model.id               1 
_pdbx_initial_refinement_model.entity_id_list   ? 
_pdbx_initial_refinement_model.type             'experimental model' 
_pdbx_initial_refinement_model.source_name      PDB 
_pdbx_initial_refinement_model.accession_code   4AGK 
_pdbx_initial_refinement_model.details          ? 
# 
_atom_sites.entry_id                    5G4B 
_atom_sites.fract_transf_matrix[1][1]   -0.00876069 
_atom_sites.fract_transf_matrix[1][2]   -0.00704814 
_atom_sites.fract_transf_matrix[1][3]   -0.00631514 
_atom_sites.fract_transf_matrix[2][1]   0.01310093 
_atom_sites.fract_transf_matrix[2][2]   0.00596556 
_atom_sites.fract_transf_matrix[2][3]   -0.02483224 
_atom_sites.fract_transf_matrix[3][1]   0.00876494 
_atom_sites.fract_transf_matrix[3][2]   -0.01884960 
_atom_sites.fract_transf_matrix[3][3]   0.00009586 
_atom_sites.fract_transf_vector[1]      0.311322 
_atom_sites.fract_transf_vector[2]      -0.005716 
_atom_sites.fract_transf_vector[3]      0.243935 
# 
loop_
_atom_type.symbol 
C 
N 
O 
S 
# 
loop_
_atom_site.group_PDB 
_atom_site.id 
_atom_site.type_symbol 
_atom_site.label_atom_id 
_atom_site.label_alt_id 
_atom_site.label_comp_id 
_atom_site.label_asym_id 
_atom_site.label_entity_id 
_atom_site.label_seq_id 
_atom_site.pdbx_PDB_ins_code 
_atom_site.Cartn_x 
_atom_site.Cartn_y 
_atom_site.Cartn_z 
_atom_site.occupancy 
_atom_site.B_iso_or_equiv 
_atom_site.pdbx_formal_charge 
_atom_site.auth_seq_id 
_atom_site.auth_comp_id 
_atom_site.auth_asym_id 
_atom_site.auth_atom_id 
_atom_site.pdbx_PDB_model_num 
ATOM   1    N N   . ASP A 1 7   ? 14.953  -6.469  -0.852  1.00 57.00 ? 116  ASP A N   1 
ATOM   2    C CA  . ASP A 1 7   ? 14.037  -5.820  0.127   1.00 56.99 ? 116  ASP A CA  1 
ATOM   3    C C   . ASP A 1 7   ? 13.396  -4.579  -0.492  1.00 55.47 ? 116  ASP A C   1 
ATOM   4    O O   . ASP A 1 7   ? 14.096  -3.682  -0.971  1.00 54.57 ? 116  ASP A O   1 
ATOM   5    C CB  . ASP A 1 7   ? 14.794  -5.467  1.409   1.00 58.00 ? 116  ASP A CB  1 
ATOM   6    C CG  . ASP A 1 7   ? 13.869  -5.108  2.553   1.00 59.57 ? 116  ASP A CG  1 
ATOM   7    O OD1 . ASP A 1 7   ? 13.404  -3.949  2.602   1.00 60.24 ? 116  ASP A OD1 1 
ATOM   8    O OD2 . ASP A 1 7   ? 13.615  -5.982  3.409   1.00 60.09 ? 116  ASP A OD2 1 
ATOM   9    N N   . ARG A 1 8   ? 12.064  -4.540  -0.483  1.00 53.69 ? 117  ARG A N   1 
ATOM   10   C CA  . ARG A 1 8   ? 11.308  -3.498  -1.189  1.00 51.18 ? 117  ARG A CA  1 
ATOM   11   C C   . ARG A 1 8   ? 10.175  -2.892  -0.362  1.00 48.77 ? 117  ARG A C   1 
ATOM   12   O O   . ARG A 1 8   ? 9.560   -1.906  -0.772  1.00 47.28 ? 117  ARG A O   1 
ATOM   13   C CB  . ARG A 1 8   ? 10.756  -4.046  -2.507  1.00 52.47 ? 117  ARG A CB  1 
ATOM   14   C CG  . ARG A 1 8   ? 11.809  -4.294  -3.575  1.00 54.85 ? 117  ARG A CG  1 
ATOM   15   C CD  . ARG A 1 8   ? 11.173  -4.728  -4.881  1.00 56.25 ? 117  ARG A CD  1 
ATOM   16   N NE  . ARG A 1 8   ? 10.794  -6.137  -4.884  1.00 57.36 ? 117  ARG A NE  1 
ATOM   17   C CZ  . ARG A 1 8   ? 11.515  -7.106  -5.441  1.00 59.04 ? 117  ARG A CZ  1 
ATOM   18   N NH1 . ARG A 1 8   ? 12.665  -6.826  -6.045  1.00 59.40 ? 117  ARG A NH1 1 
ATOM   19   N NH2 . ARG A 1 8   ? 11.085  -8.359  -5.392  1.00 60.49 ? 117  ARG A NH2 1 
ATOM   20   N N   . THR A 1 9   ? 9.907   -3.487  0.799   1.00 47.24 ? 118  THR A N   1 
ATOM   21   C CA  . THR A 1 9   ? 8.888   -2.993  1.720   1.00 45.92 ? 118  THR A CA  1 
ATOM   22   C C   . THR A 1 9   ? 9.556   -2.601  3.037   1.00 45.42 ? 118  THR A C   1 
ATOM   23   O O   . THR A 1 9   ? 10.336  -3.374  3.599   1.00 45.93 ? 118  THR A O   1 
ATOM   24   C CB  . THR A 1 9   ? 7.785   -4.047  1.963   1.00 45.77 ? 118  THR A CB  1 
ATOM   25   O OG1 . THR A 1 9   ? 7.343   -4.575  0.706   1.00 46.04 ? 118  THR A OG1 1 
ATOM   26   C CG2 . THR A 1 9   ? 6.593   -3.437  2.693   1.00 45.60 ? 118  THR A CG2 1 
ATOM   27   N N   . PHE A 1 10  ? 9.250   -1.395  3.516   1.00 44.07 ? 119  PHE A N   1 
ATOM   28   C CA  . PHE A 1 10  ? 9.924   -0.826  4.686   1.00 43.22 ? 119  PHE A CA  1 
ATOM   29   C C   . PHE A 1 10  ? 8.931   -0.393  5.764   1.00 42.96 ? 119  PHE A C   1 
ATOM   30   O O   . PHE A 1 10  ? 7.870   0.145   5.455   1.00 43.46 ? 119  PHE A O   1 
ATOM   31   C CB  . PHE A 1 10  ? 10.798  0.364   4.272   1.00 42.18 ? 119  PHE A CB  1 
ATOM   32   C CG  . PHE A 1 10  ? 11.555  0.148   2.990   1.00 41.71 ? 119  PHE A CG  1 
ATOM   33   C CD1 . PHE A 1 10  ? 12.780  -0.512  2.989   1.00 41.44 ? 119  PHE A CD1 1 
ATOM   34   C CD2 . PHE A 1 10  ? 11.042  0.607   1.779   1.00 41.26 ? 119  PHE A CD2 1 
ATOM   35   C CE1 . PHE A 1 10  ? 13.477  -0.712  1.806   1.00 40.94 ? 119  PHE A CE1 1 
ATOM   36   C CE2 . PHE A 1 10  ? 11.734  0.410   0.594   1.00 40.97 ? 119  PHE A CE2 1 
ATOM   37   C CZ  . PHE A 1 10  ? 12.954  -0.250  0.608   1.00 40.76 ? 119  PHE A CZ  1 
ATOM   38   N N   . ALA A 1 11  ? 9.287   -0.631  7.024   1.00 42.54 ? 120  ALA A N   1 
ATOM   39   C CA  . ALA A 1 11  ? 8.435   -0.273  8.155   1.00 42.38 ? 120  ALA A CA  1 
ATOM   40   C C   . ALA A 1 11  ? 8.531   1.213   8.475   1.00 42.83 ? 120  ALA A C   1 
ATOM   41   O O   . ALA A 1 11  ? 9.617   1.794   8.449   1.00 42.56 ? 120  ALA A O   1 
ATOM   42   C CB  . ALA A 1 11  ? 8.793   -1.101  9.379   1.00 41.94 ? 120  ALA A CB  1 
ATOM   43   N N   . VAL A 1 12  ? 7.382   1.819   8.763   1.00 43.14 ? 121  VAL A N   1 
ATOM   44   C CA  . VAL A 1 12  ? 7.321   3.209   9.202   1.00 43.67 ? 121  VAL A CA  1 
ATOM   45   C C   . VAL A 1 12  ? 7.096   3.210   10.713  1.00 45.04 ? 121  VAL A C   1 
ATOM   46   O O   . VAL A 1 12  ? 6.032   2.817   11.195  1.00 45.47 ? 121  VAL A O   1 
ATOM   47   C CB  . VAL A 1 12  ? 6.217   4.004   8.467   1.00 42.83 ? 121  VAL A CB  1 
ATOM   48   C CG1 . VAL A 1 12  ? 6.194   5.452   8.933   1.00 41.93 ? 121  VAL A CG1 1 
ATOM   49   C CG2 . VAL A 1 12  ? 6.422   3.943   6.961   1.00 42.07 ? 121  VAL A CG2 1 
ATOM   50   N N   . LYS A 1 13  ? 8.116   3.643   11.447  1.00 47.12 ? 122  LYS A N   1 
ATOM   51   C CA  . LYS A 1 13  ? 8.122   3.548   12.903  1.00 49.48 ? 122  LYS A CA  1 
ATOM   52   C C   . LYS A 1 13  ? 8.058   4.914   13.569  1.00 51.18 ? 122  LYS A C   1 
ATOM   53   O O   . LYS A 1 13  ? 8.686   5.866   13.104  1.00 51.86 ? 122  LYS A O   1 
ATOM   54   C CB  . LYS A 1 13  ? 9.365   2.792   13.377  1.00 49.64 ? 122  LYS A CB  1 
ATOM   55   C CG  . LYS A 1 13  ? 9.313   1.296   13.112  1.00 50.44 ? 122  LYS A CG  1 
ATOM   56   C CD  . LYS A 1 13  ? 10.642  0.623   13.413  1.00 51.09 ? 122  LYS A CD  1 
ATOM   57   C CE  . LYS A 1 13  ? 10.526  -0.886  13.274  1.00 51.82 ? 122  LYS A CE  1 
ATOM   58   N NZ  . LYS A 1 13  ? 11.825  -1.574  13.507  1.00 53.19 ? 122  LYS A NZ  1 
ATOM   59   N N   . ASN A 1 14  ? 7.294   5.000   14.656  1.00 52.99 ? 123  ASN A N   1 
ATOM   60   C CA  . ASN A 1 14  ? 7.213   6.222   15.449  1.00 55.55 ? 123  ASN A CA  1 
ATOM   61   C C   . ASN A 1 14  ? 8.369   6.337   16.449  1.00 57.31 ? 123  ASN A C   1 
ATOM   62   O O   . ASN A 1 14  ? 9.297   5.524   16.427  1.00 57.61 ? 123  ASN A O   1 
ATOM   63   C CB  . ASN A 1 14  ? 5.847   6.342   16.140  1.00 55.97 ? 123  ASN A CB  1 
ATOM   64   C CG  . ASN A 1 14  ? 5.616   5.266   17.184  1.00 56.08 ? 123  ASN A CG  1 
ATOM   65   O OD1 . ASN A 1 14  ? 6.301   5.211   18.207  1.00 56.74 ? 123  ASN A OD1 1 
ATOM   66   N ND2 . ASN A 1 14  ? 4.633   4.414   16.939  1.00 56.16 ? 123  ASN A ND2 1 
ATOM   67   N N   . GLU A 1 15  ? 8.294   7.341   17.323  1.00 60.14 ? 124  GLU A N   1 
ATOM   68   C CA  . GLU A 1 15  ? 9.366   7.666   18.274  1.00 62.32 ? 124  GLU A CA  1 
ATOM   69   C C   . GLU A 1 15  ? 9.753   6.518   19.211  1.00 62.28 ? 124  GLU A C   1 
ATOM   70   O O   . GLU A 1 15  ? 10.931  6.354   19.537  1.00 62.61 ? 124  GLU A O   1 
ATOM   71   C CB  . GLU A 1 15  ? 9.001   8.910   19.089  1.00 64.94 ? 124  GLU A CB  1 
ATOM   72   C CG  . GLU A 1 15  ? 8.941   10.194  18.274  1.00 67.69 ? 124  GLU A CG  1 
ATOM   73   C CD  . GLU A 1 15  ? 8.530   11.401  19.099  1.00 69.83 ? 124  GLU A CD  1 
ATOM   74   O OE1 . GLU A 1 15  ? 9.272   11.777  20.033  1.00 70.96 ? 124  GLU A OE1 1 
ATOM   75   O OE2 . GLU A 1 15  ? 7.463   11.982  18.805  1.00 70.50 ? 124  GLU A OE2 1 
ATOM   76   N N   . ASP A 1 16  ? 8.764   5.734   19.636  1.00 61.76 ? 125  ASP A N   1 
ATOM   77   C CA  . ASP A 1 16  ? 9.000   4.569   20.492  1.00 61.17 ? 125  ASP A CA  1 
ATOM   78   C C   . ASP A 1 16  ? 9.642   3.412   19.726  1.00 60.24 ? 125  ASP A C   1 
ATOM   79   O O   . ASP A 1 16  ? 10.407  2.632   20.296  1.00 60.32 ? 125  ASP A O   1 
ATOM   80   C CB  . ASP A 1 16  ? 7.693   4.100   21.140  1.00 62.50 ? 125  ASP A CB  1 
ATOM   81   C CG  . ASP A 1 16  ? 7.074   5.151   22.050  1.00 63.85 ? 125  ASP A CG  1 
ATOM   82   O OD1 . ASP A 1 16  ? 7.709   6.205   22.283  1.00 64.88 ? 125  ASP A OD1 1 
ATOM   83   O OD2 . ASP A 1 16  ? 5.946   4.921   22.535  1.00 63.95 ? 125  ASP A OD2 1 
ATOM   84   N N   . GLY A 1 17  ? 9.325   3.314   18.436  1.00 58.86 ? 126  GLY A N   1 
ATOM   85   C CA  . GLY A 1 17  ? 9.827   2.241   17.579  1.00 55.43 ? 126  GLY A CA  1 
ATOM   86   C C   . GLY A 1 17  ? 8.731   1.306   17.095  1.00 53.23 ? 126  GLY A C   1 
ATOM   87   O O   . GLY A 1 17  ? 9.005   0.333   16.393  1.00 53.33 ? 126  GLY A O   1 
ATOM   88   N N   . LYS A 1 18  ? 7.493   1.607   17.481  1.00 52.02 ? 127  LYS A N   1 
ATOM   89   C CA  . LYS A 1 18  ? 6.316   0.842   17.072  1.00 51.17 ? 127  LYS A CA  1 
ATOM   90   C C   . LYS A 1 18  ? 6.017   1.047   15.585  1.00 49.51 ? 127  LYS A C   1 
ATOM   91   O O   . LYS A 1 18  ? 5.998   2.180   15.101  1.00 49.96 ? 127  LYS A O   1 
ATOM   92   C CB  . LYS A 1 18  ? 5.104   1.249   17.927  1.00 52.15 ? 127  LYS A CB  1 
ATOM   93   C CG  . LYS A 1 18  ? 3.792   0.546   17.591  1.00 53.45 ? 127  LYS A CG  1 
ATOM   94   C CD  . LYS A 1 18  ? 3.674   -0.805  18.287  1.00 55.40 ? 127  LYS A CD  1 
ATOM   95   C CE  . LYS A 1 18  ? 2.550   -1.651  17.705  1.00 56.49 ? 127  LYS A CE  1 
ATOM   96   N NZ  . LYS A 1 18  ? 1.205   -1.040  17.895  1.00 56.63 ? 127  LYS A NZ  1 
ATOM   97   N N   . ILE A 1 19  ? 5.791   -0.057  14.871  1.00 47.40 ? 128  ILE A N   1 
ATOM   98   C CA  . ILE A 1 19  ? 5.406   -0.016  13.458  1.00 45.36 ? 128  ILE A CA  1 
ATOM   99   C C   . ILE A 1 19  ? 4.002   0.568   13.311  1.00 43.79 ? 128  ILE A C   1 
ATOM   100  O O   . ILE A 1 19  ? 3.049   0.084   13.931  1.00 43.32 ? 128  ILE A O   1 
ATOM   101  C CB  . ILE A 1 19  ? 5.479   -1.413  12.796  1.00 45.45 ? 128  ILE A CB  1 
ATOM   102  C CG1 . ILE A 1 19  ? 6.920   -1.940  12.808  1.00 45.63 ? 128  ILE A CG1 1 
ATOM   103  C CG2 . ILE A 1 19  ? 4.946   -1.364  11.368  1.00 45.47 ? 128  ILE A CG2 1 
ATOM   104  C CD1 . ILE A 1 19  ? 7.055   -3.417  12.496  1.00 45.29 ? 128  ILE A CD1 1 
ATOM   105  N N   . MET A 1 20  ? 3.892   1.612   12.494  1.00 42.07 ? 129  MET A N   1 
ATOM   106  C CA  . MET A 1 20  ? 2.630   2.318   12.276  1.00 40.43 ? 129  MET A CA  1 
ATOM   107  C C   . MET A 1 20  ? 2.042   2.006   10.903  1.00 38.51 ? 129  MET A C   1 
ATOM   108  O O   . MET A 1 20  ? 0.847   2.202   10.664  1.00 38.52 ? 129  MET A O   1 
ATOM   109  C CB  . MET A 1 20  ? 2.838   3.827   12.420  1.00 41.44 ? 129  MET A CB  1 
ATOM   110  C CG  . MET A 1 20  ? 3.401   4.260   13.766  1.00 42.45 ? 129  MET A CG  1 
ATOM   111  S SD  . MET A 1 20  ? 2.254   3.997   15.133  1.00 44.31 ? 129  MET A SD  1 
ATOM   112  C CE  . MET A 1 20  ? 1.072   5.317   14.858  1.00 43.41 ? 129  MET A CE  1 
ATOM   113  N N   . GLY A 1 21  ? 2.895   1.522   10.007  1.00 36.34 ? 130  GLY A N   1 
ATOM   114  C CA  . GLY A 1 21  ? 2.503   1.197   8.644   1.00 34.37 ? 130  GLY A CA  1 
ATOM   115  C C   . GLY A 1 21  ? 3.723   0.883   7.808   1.00 33.02 ? 130  GLY A C   1 
ATOM   116  O O   . GLY A 1 21  ? 4.803   0.643   8.348   1.00 32.76 ? 130  GLY A O   1 
ATOM   117  N N   . TYR A 1 22  ? 3.555   0.888   6.487   1.00 32.25 ? 131  TYR A N   1 
ATOM   118  C CA  . TYR A 1 22  ? 4.629   0.489   5.577   1.00 31.54 ? 131  TYR A CA  1 
ATOM   119  C C   . TYR A 1 22  ? 4.810   1.410   4.383   1.00 31.19 ? 131  TYR A C   1 
ATOM   120  O O   . TYR A 1 22  ? 3.890   2.117   3.974   1.00 30.89 ? 131  TYR A O   1 
ATOM   121  C CB  . TYR A 1 22  ? 4.444   -0.965  5.119   1.00 31.47 ? 131  TYR A CB  1 
ATOM   122  C CG  . TYR A 1 22  ? 4.715   -1.952  6.224   1.00 31.51 ? 131  TYR A CG  1 
ATOM   123  C CD1 . TYR A 1 22  ? 3.707   -2.327  7.110   1.00 31.70 ? 131  TYR A CD1 1 
ATOM   124  C CD2 . TYR A 1 22  ? 5.989   -2.486  6.408   1.00 31.61 ? 131  TYR A CD2 1 
ATOM   125  C CE1 . TYR A 1 22  ? 3.958   -3.212  8.144   1.00 32.26 ? 131  TYR A CE1 1 
ATOM   126  C CE2 . TYR A 1 22  ? 6.250   -3.376  7.436   1.00 31.79 ? 131  TYR A CE2 1 
ATOM   127  C CZ  . TYR A 1 22  ? 5.229   -3.735  8.301   1.00 32.39 ? 131  TYR A CZ  1 
ATOM   128  O OH  . TYR A 1 22  ? 5.478   -4.620  9.324   1.00 33.41 ? 131  TYR A OH  1 
ATOM   129  N N   . ALA A 1 23  ? 6.026   1.398   3.849   1.00 31.29 ? 132  ALA A N   1 
ATOM   130  C CA  . ALA A 1 23  ? 6.366   2.110   2.629   1.00 31.28 ? 132  ALA A CA  1 
ATOM   131  C C   . ALA A 1 23  ? 6.925   1.122   1.610   1.00 31.75 ? 132  ALA A C   1 
ATOM   132  O O   . ALA A 1 23  ? 7.585   0.148   1.978   1.00 31.81 ? 132  ALA A O   1 
ATOM   133  C CB  . ALA A 1 23  ? 7.377   3.203   2.923   1.00 30.97 ? 132  ALA A CB  1 
ATOM   134  N N   . VAL A 1 24  ? 6.649   1.367   0.333   1.00 32.17 ? 133  VAL A N   1 
ATOM   135  C CA  . VAL A 1 24  ? 7.185   0.524   -0.737  1.00 32.77 ? 133  VAL A CA  1 
ATOM   136  C C   . VAL A 1 24  ? 8.144   1.288   -1.644  1.00 33.04 ? 133  VAL A C   1 
ATOM   137  O O   . VAL A 1 24  ? 7.980   2.487   -1.875  1.00 32.36 ? 133  VAL A O   1 
ATOM   138  C CB  . VAL A 1 24  ? 6.079   -0.141  -1.598  1.00 32.40 ? 133  VAL A CB  1 
ATOM   139  C CG1 . VAL A 1 24  ? 5.221   -1.066  -0.752  1.00 32.59 ? 133  VAL A CG1 1 
ATOM   140  C CG2 . VAL A 1 24  ? 5.219   0.898   -2.307  1.00 32.46 ? 133  VAL A CG2 1 
ATOM   141  N N   . ALA A 1 25  ? 9.158   0.577   -2.131  1.00 33.94 ? 134  ALA A N   1 
ATOM   142  C CA  . ALA A 1 25  ? 9.984   1.046   -3.229  1.00 34.22 ? 134  ALA A CA  1 
ATOM   143  C C   . ALA A 1 25  ? 9.340   0.531   -4.508  1.00 34.29 ? 134  ALA A C   1 
ATOM   144  O O   . ALA A 1 25  ? 9.280   -0.679  -4.731  1.00 34.29 ? 134  ALA A O   1 
ATOM   145  C CB  . ALA A 1 25  ? 11.404  0.522   -3.088  1.00 34.16 ? 134  ALA A CB  1 
ATOM   146  N N   . MET A 1 26  ? 8.828   1.449   -5.325  1.00 34.80 ? 135  MET A N   1 
ATOM   147  C CA  . MET A 1 26  ? 8.090   1.079   -6.532  1.00 35.60 ? 135  MET A CA  1 
ATOM   148  C C   . MET A 1 26  ? 8.222   2.105   -7.653  1.00 36.24 ? 135  MET A C   1 
ATOM   149  O O   . MET A 1 26  ? 7.720   3.228   -7.549  1.00 35.75 ? 135  MET A O   1 
ATOM   150  C CB  . MET A 1 26  ? 6.609   0.839   -6.215  1.00 36.01 ? 135  MET A CB  1 
ATOM   151  C CG  . MET A 1 26  ? 5.770   0.451   -7.423  1.00 36.01 ? 135  MET A CG  1 
ATOM   152  S SD  . MET A 1 26  ? 4.033   0.175   -7.036  1.00 35.62 ? 135  MET A SD  1 
ATOM   153  C CE  . MET A 1 26  ? 3.448   1.851   -6.820  1.00 36.18 ? 135  MET A CE  1 
ATOM   154  N N   . GLU A 1 27  ? 8.896   1.689   -8.723  1.00 37.50 ? 136  GLU A N   1 
ATOM   155  C CA  . GLU A 1 27  ? 9.043   2.473   -9.951  1.00 38.56 ? 136  GLU A CA  1 
ATOM   156  C C   . GLU A 1 27  ? 9.663   3.857   -9.732  1.00 38.49 ? 136  GLU A C   1 
ATOM   157  O O   . GLU A 1 27  ? 9.035   4.888   -9.990  1.00 38.14 ? 136  GLU A O   1 
ATOM   158  C CB  . GLU A 1 27  ? 7.713   2.560   -10.710 1.00 39.65 ? 136  GLU A CB  1 
ATOM   159  C CG  . GLU A 1 27  ? 7.194   1.207   -11.164 1.00 41.15 ? 136  GLU A CG  1 
ATOM   160  C CD  . GLU A 1 27  ? 6.217   1.310   -12.314 1.00 42.55 ? 136  GLU A CD  1 
ATOM   161  O OE1 . GLU A 1 27  ? 5.224   2.058   -12.189 1.00 43.19 ? 136  GLU A OE1 1 
ATOM   162  O OE2 . GLU A 1 27  ? 6.441   0.635   -13.342 1.00 43.00 ? 136  GLU A OE2 1 
ATOM   163  N N   . GLY A 1 28  ? 10.902  3.851   -9.245  1.00 38.78 ? 137  GLY A N   1 
ATOM   164  C CA  . GLY A 1 28  ? 11.677  5.071   -9.025  1.00 39.25 ? 137  GLY A CA  1 
ATOM   165  C C   . GLY A 1 28  ? 11.153  5.956   -7.909  1.00 39.33 ? 137  GLY A C   1 
ATOM   166  O O   . GLY A 1 28  ? 11.544  7.123   -7.804  1.00 38.97 ? 137  GLY A O   1 
ATOM   167  N N   . LYS A 1 29  ? 10.280  5.397   -7.071  1.00 38.84 ? 138  LYS A N   1 
ATOM   168  C CA  . LYS A 1 29  ? 9.643   6.151   -5.994  1.00 38.34 ? 138  LYS A CA  1 
ATOM   169  C C   . LYS A 1 29  ? 9.662   5.428   -4.653  1.00 37.65 ? 138  LYS A C   1 
ATOM   170  O O   . LYS A 1 29  ? 9.729   4.200   -4.595  1.00 37.14 ? 138  LYS A O   1 
ATOM   171  C CB  . LYS A 1 29  ? 8.197   6.491   -6.359  1.00 38.84 ? 138  LYS A CB  1 
ATOM   172  C CG  . LYS A 1 29  ? 8.041   7.553   -7.439  1.00 39.65 ? 138  LYS A CG  1 
ATOM   173  C CD  . LYS A 1 29  ? 6.577   7.839   -7.751  1.00 40.15 ? 138  LYS A CD  1 
ATOM   174  C CE  . LYS A 1 29  ? 5.853   6.617   -8.308  1.00 40.56 ? 138  LYS A CE  1 
ATOM   175  N NZ  . LYS A 1 29  ? 6.395   6.138   -9.612  1.00 40.92 ? 138  LYS A NZ  1 
ATOM   176  N N   . VAL A 1 30  ? 9.620   6.216   -3.582  1.00 37.63 ? 139  VAL A N   1 
ATOM   177  C CA  . VAL A 1 30  ? 9.291   5.722   -2.251  1.00 37.43 ? 139  VAL A CA  1 
ATOM   178  C C   . VAL A 1 30  ? 7.845   6.132   -2.001  1.00 37.46 ? 139  VAL A C   1 
ATOM   179  O O   . VAL A 1 30  ? 7.510   7.315   -2.073  1.00 37.39 ? 139  VAL A O   1 
ATOM   180  C CB  . VAL A 1 30  ? 10.182  6.337   -1.152  1.00 37.45 ? 139  VAL A CB  1 
ATOM   181  C CG1 . VAL A 1 30  ? 9.944   5.639   0.180   1.00 37.11 ? 139  VAL A CG1 1 
ATOM   182  C CG2 . VAL A 1 30  ? 11.651  6.258   -1.537  1.00 38.10 ? 139  VAL A CG2 1 
ATOM   183  N N   . ILE A 1 31  ? 6.995   5.152   -1.715  1.00 37.09 ? 140  ILE A N   1 
ATOM   184  C CA  . ILE A 1 31  ? 5.564   5.390   -1.577  1.00 36.34 ? 140  ILE A CA  1 
ATOM   185  C C   . ILE A 1 31  ? 5.040   4.905   -0.229  1.00 35.60 ? 140  ILE A C   1 
ATOM   186  O O   . ILE A 1 31  ? 5.279   3.765   0.166   1.00 35.39 ? 140  ILE A O   1 
ATOM   187  C CB  . ILE A 1 31  ? 4.796   4.750   -2.756  1.00 37.16 ? 140  ILE A CB  1 
ATOM   188  C CG1 . ILE A 1 31  ? 4.707   5.745   -3.916  1.00 37.78 ? 140  ILE A CG1 1 
ATOM   189  C CG2 . ILE A 1 31  ? 3.408   4.284   -2.340  1.00 37.27 ? 140  ILE A CG2 1 
ATOM   190  C CD1 . ILE A 1 31  ? 4.553   5.100   -5.276  1.00 38.60 ? 140  ILE A CD1 1 
ATOM   191  N N   . LYS A 1 32  ? 4.342   5.791   0.476   1.00 35.01 ? 141  LYS A N   1 
ATOM   192  C CA  . LYS A 1 32  ? 3.679   5.447   1.732   1.00 34.60 ? 141  LYS A CA  1 
ATOM   193  C C   . LYS A 1 32  ? 2.339   6.179   1.868   1.00 34.44 ? 141  LYS A C   1 
ATOM   194  O O   . LYS A 1 32  ? 2.182   7.275   1.324   1.00 34.31 ? 141  LYS A O   1 
ATOM   195  C CB  . LYS A 1 32  ? 4.591   5.736   2.935   1.00 34.38 ? 141  LYS A CB  1 
ATOM   196  C CG  . LYS A 1 32  ? 5.003   7.192   3.109   1.00 34.27 ? 141  LYS A CG  1 
ATOM   197  C CD  . LYS A 1 32  ? 5.694   7.441   4.443   1.00 33.76 ? 141  LYS A CD  1 
ATOM   198  C CE  . LYS A 1 32  ? 4.754   7.254   5.626   1.00 33.64 ? 141  LYS A CE  1 
ATOM   199  N NZ  . LYS A 1 32  ? 3.611   8.208   5.627   1.00 33.32 ? 141  LYS A NZ  1 
ATOM   200  N N   . PRO A 1 33  ? 1.363   5.568   2.575   1.00 34.35 ? 142  PRO A N   1 
ATOM   201  C CA  . PRO A 1 33  ? 0.105   6.262   2.870   1.00 34.19 ? 142  PRO A CA  1 
ATOM   202  C C   . PRO A 1 33  ? 0.339   7.506   3.719   1.00 34.21 ? 142  PRO A C   1 
ATOM   203  O O   . PRO A 1 33  ? 1.244   7.524   4.557   1.00 34.58 ? 142  PRO A O   1 
ATOM   204  C CB  . PRO A 1 33  ? -0.696  5.226   3.666   1.00 34.13 ? 142  PRO A CB  1 
ATOM   205  C CG  . PRO A 1 33  ? -0.131  3.914   3.257   1.00 34.03 ? 142  PRO A CG  1 
ATOM   206  C CD  . PRO A 1 33  ? 1.331   4.165   3.026   1.00 34.15 ? 142  PRO A CD  1 
ATOM   207  N N   . LEU A 1 34  ? -0.472  8.535   3.497   1.00 34.02 ? 143  LEU A N   1 
ATOM   208  C CA  . LEU A 1 34  ? -0.280  9.819   4.163   1.00 34.02 ? 143  LEU A CA  1 
ATOM   209  C C   . LEU A 1 34  ? -0.592  9.762   5.661   1.00 34.70 ? 143  LEU A C   1 
ATOM   210  O O   . LEU A 1 34  ? 0.096   10.401  6.462   1.00 34.83 ? 143  LEU A O   1 
ATOM   211  C CB  . LEU A 1 34  ? -1.101  10.915  3.471   1.00 32.94 ? 143  LEU A CB  1 
ATOM   212  C CG  . LEU A 1 34  ? -0.923  12.367  3.915   1.00 32.30 ? 143  LEU A CG  1 
ATOM   213  C CD1 . LEU A 1 34  ? 0.515   12.822  3.731   1.00 32.12 ? 143  LEU A CD1 1 
ATOM   214  C CD2 . LEU A 1 34  ? -1.875  13.270  3.150   1.00 31.93 ? 143  LEU A CD2 1 
ATOM   215  N N   . HIS A 1 35  ? -1.612  8.990   6.033   1.00 35.10 ? 144  HIS A N   1 
ATOM   216  C CA  . HIS A 1 35  ? -2.055  8.909   7.428   1.00 35.81 ? 144  HIS A CA  1 
ATOM   217  C C   . HIS A 1 35  ? -1.067  8.163   8.328   1.00 36.43 ? 144  HIS A C   1 
ATOM   218  O O   . HIS A 1 35  ? -1.077  8.343   9.547   1.00 36.92 ? 144  HIS A O   1 
ATOM   219  C CB  . HIS A 1 35  ? -3.453  8.287   7.525   1.00 35.37 ? 144  HIS A CB  1 
ATOM   220  C CG  . HIS A 1 35  ? -3.492  6.827   7.201   1.00 35.99 ? 144  HIS A CG  1 
ATOM   221  N ND1 . HIS A 1 35  ? -3.652  6.352   5.916   1.00 36.13 ? 144  HIS A ND1 1 
ATOM   222  C CD2 . HIS A 1 35  ? -3.393  5.735   7.995   1.00 35.96 ? 144  HIS A CD2 1 
ATOM   223  C CE1 . HIS A 1 35  ? -3.649  5.032   5.935   1.00 36.30 ? 144  HIS A CE1 1 
ATOM   224  N NE2 . HIS A 1 35  ? -3.493  4.632   7.184   1.00 36.25 ? 144  HIS A NE2 1 
ATOM   225  N N   . VAL A 1 36  ? -0.222  7.331   7.721   1.00 37.42 ? 145  VAL A N   1 
ATOM   226  C CA  . VAL A 1 36  ? 0.794   6.565   8.447   1.00 37.91 ? 145  VAL A CA  1 
ATOM   227  C C   . VAL A 1 36  ? 1.893   7.491   8.971   1.00 39.01 ? 145  VAL A C   1 
ATOM   228  O O   . VAL A 1 36  ? 2.730   7.978   8.204   1.00 39.21 ? 145  VAL A O   1 
ATOM   229  C CB  . VAL A 1 36  ? 1.405   5.453   7.563   1.00 37.06 ? 145  VAL A CB  1 
ATOM   230  C CG1 . VAL A 1 36  ? 2.553   4.763   8.278   1.00 37.26 ? 145  VAL A CG1 1 
ATOM   231  C CG2 . VAL A 1 36  ? 0.345   4.437   7.183   1.00 36.91 ? 145  VAL A CG2 1 
ATOM   232  N N   . LYS A 1 37  ? 1.878   7.734   10.281  1.00 40.17 ? 146  LYS A N   1 
ATOM   233  C CA  . LYS A 1 37  ? 2.831   8.652   10.906  1.00 40.90 ? 146  LYS A CA  1 
ATOM   234  C C   . LYS A 1 37  ? 4.087   7.944   11.404  1.00 40.88 ? 146  LYS A C   1 
ATOM   235  O O   . LYS A 1 37  ? 4.024   6.815   11.889  1.00 40.57 ? 146  LYS A O   1 
ATOM   236  C CB  . LYS A 1 37  ? 2.169   9.450   12.040  1.00 41.40 ? 146  LYS A CB  1 
ATOM   237  C CG  . LYS A 1 37  ? 1.000   10.322  11.594  1.00 41.68 ? 146  LYS A CG  1 
ATOM   238  C CD  . LYS A 1 37  ? 1.410   11.305  10.507  1.00 41.92 ? 146  LYS A CD  1 
ATOM   239  C CE  . LYS A 1 37  ? 0.240   11.666  9.606   1.00 42.04 ? 146  LYS A CE  1 
ATOM   240  N NZ  . LYS A 1 37  ? 0.695   12.396  8.387   1.00 41.89 ? 146  LYS A NZ  1 
ATOM   241  N N   . GLY A 1 38  ? 5.224   8.618   11.266  1.00 41.59 ? 147  GLY A N   1 
ATOM   242  C CA  . GLY A 1 38  ? 6.511   8.084   11.701  1.00 41.64 ? 147  GLY A CA  1 
ATOM   243  C C   . GLY A 1 38  ? 7.599   8.220   10.653  1.00 41.79 ? 147  GLY A C   1 
ATOM   244  O O   . GLY A 1 38  ? 7.388   8.806   9.590   1.00 41.09 ? 147  GLY A O   1 
ATOM   245  N N   . THR A 1 39  ? 8.769   7.669   10.965  1.00 42.99 ? 148  THR A N   1 
ATOM   246  C CA  . THR A 1 39  ? 9.913   7.683   10.057  1.00 43.32 ? 148  THR A CA  1 
ATOM   247  C C   . THR A 1 39  ? 10.109  6.298   9.457   1.00 43.60 ? 148  THR A C   1 
ATOM   248  O O   . THR A 1 39  ? 9.930   5.289   10.140  1.00 43.56 ? 148  THR A O   1 
ATOM   249  C CB  . THR A 1 39  ? 11.209  8.096   10.786  1.00 43.51 ? 148  THR A CB  1 
ATOM   250  O OG1 . THR A 1 39  ? 10.926  9.132   11.736  1.00 43.55 ? 148  THR A OG1 1 
ATOM   251  C CG2 . THR A 1 39  ? 12.259  8.591   9.791   1.00 43.38 ? 148  THR A CG2 1 
ATOM   252  N N   . ILE A 1 40  ? 10.474  6.258   8.179   1.00 44.48 ? 149  ILE A N   1 
ATOM   253  C CA  . ILE A 1 40  ? 10.806  5.006   7.512   1.00 45.66 ? 149  ILE A CA  1 
ATOM   254  C C   . ILE A 1 40  ? 12.100  4.442   8.099   1.00 47.23 ? 149  ILE A C   1 
ATOM   255  O O   . ILE A 1 40  ? 13.125  5.126   8.149   1.00 47.50 ? 149  ILE A O   1 
ATOM   256  C CB  . ILE A 1 40  ? 10.927  5.182   5.982   1.00 45.27 ? 149  ILE A CB  1 
ATOM   257  C CG1 . ILE A 1 40  ? 9.596   5.680   5.401   1.00 45.61 ? 149  ILE A CG1 1 
ATOM   258  C CG2 . ILE A 1 40  ? 11.343  3.874   5.321   1.00 44.73 ? 149  ILE A CG2 1 
ATOM   259  C CD1 . ILE A 1 40  ? 9.657   6.104   3.948   1.00 45.87 ? 149  ILE A CD1 1 
ATOM   260  N N   . ASP A 1 41  ? 12.027  3.193   8.551   1.00 49.47 ? 150  ASP A N   1 
ATOM   261  C CA  . ASP A 1 41  ? 13.155  2.495   9.165   1.00 50.36 ? 150  ASP A CA  1 
ATOM   262  C C   . ASP A 1 41  ? 14.161  2.032   8.104   1.00 50.01 ? 150  ASP A C   1 
ATOM   263  O O   . ASP A 1 41  ? 14.302  0.832   7.840   1.00 50.67 ? 150  ASP A O   1 
ATOM   264  C CB  . ASP A 1 41  ? 12.639  1.310   9.997   1.00 51.78 ? 150  ASP A CB  1 
ATOM   265  C CG  . ASP A 1 41  ? 13.695  0.725   10.926  1.00 53.41 ? 150  ASP A CG  1 
ATOM   266  O OD1 . ASP A 1 41  ? 14.819  1.270   11.010  1.00 54.44 ? 150  ASP A OD1 1 
ATOM   267  O OD2 . ASP A 1 41  ? 13.390  -0.294  11.580  1.00 54.17 ? 150  ASP A OD2 1 
ATOM   268  N N   . HIS A 1 42  ? 14.843  3.000   7.493   1.00 48.92 ? 151  HIS A N   1 
ATOM   269  C CA  . HIS A 1 42  ? 15.910  2.741   6.525   1.00 48.63 ? 151  HIS A CA  1 
ATOM   270  C C   . HIS A 1 42  ? 16.793  3.978   6.377   1.00 48.96 ? 151  HIS A C   1 
ATOM   271  O O   . HIS A 1 42  ? 16.282  5.079   6.146   1.00 49.18 ? 151  HIS A O   1 
ATOM   272  C CB  . HIS A 1 42  ? 15.343  2.334   5.163   1.00 48.41 ? 151  HIS A CB  1 
ATOM   273  C CG  . HIS A 1 42  ? 16.342  1.669   4.266   1.00 48.64 ? 151  HIS A CG  1 
ATOM   274  N ND1 . HIS A 1 42  ? 17.329  2.366   3.602   1.00 48.66 ? 151  HIS A ND1 1 
ATOM   275  C CD2 . HIS A 1 42  ? 16.504  0.369   3.922   1.00 48.39 ? 151  HIS A CD2 1 
ATOM   276  C CE1 . HIS A 1 42  ? 18.059  1.523   2.893   1.00 48.29 ? 151  HIS A CE1 1 
ATOM   277  N NE2 . HIS A 1 42  ? 17.577  0.306   3.067   1.00 48.21 ? 151  HIS A NE2 1 
ATOM   278  N N   . PRO A 1 43  ? 18.126  3.799   6.508   1.00 49.03 ? 152  PRO A N   1 
ATOM   279  C CA  . PRO A 1 43  ? 19.108  4.888   6.458   1.00 48.04 ? 152  PRO A CA  1 
ATOM   280  C C   . PRO A 1 43  ? 19.025  5.741   5.193   1.00 47.47 ? 152  PRO A C   1 
ATOM   281  O O   . PRO A 1 43  ? 19.222  6.956   5.260   1.00 48.39 ? 152  PRO A O   1 
ATOM   282  C CB  . PRO A 1 43  ? 20.445  4.148   6.504   1.00 48.68 ? 152  PRO A CB  1 
ATOM   283  C CG  . PRO A 1 43  ? 20.145  2.890   7.240   1.00 49.07 ? 152  PRO A CG  1 
ATOM   284  C CD  . PRO A 1 43  ? 18.771  2.501   6.783   1.00 49.01 ? 152  PRO A CD  1 
ATOM   285  N N   . ALA A 1 44  ? 18.730  5.109   4.060   1.00 46.03 ? 153  ALA A N   1 
ATOM   286  C CA  . ALA A 1 44  ? 18.646  5.801   2.775   1.00 45.38 ? 153  ALA A CA  1 
ATOM   287  C C   . ALA A 1 44  ? 17.310  6.510   2.562   1.00 45.78 ? 153  ALA A C   1 
ATOM   288  O O   . ALA A 1 44  ? 17.184  7.344   1.664   1.00 45.37 ? 153  ALA A O   1 
ATOM   289  C CB  . ALA A 1 44  ? 18.906  4.825   1.640   1.00 45.28 ? 153  ALA A CB  1 
ATOM   290  N N   . LEU A 1 45  ? 16.322  6.185   3.395   1.00 46.16 ? 154  LEU A N   1 
ATOM   291  C CA  . LEU A 1 45  ? 14.946  6.631   3.175   1.00 46.01 ? 154  LEU A CA  1 
ATOM   292  C C   . LEU A 1 45  ? 14.404  7.588   4.238   1.00 46.75 ? 154  LEU A C   1 
ATOM   293  O O   . LEU A 1 45  ? 13.388  8.250   4.017   1.00 47.10 ? 154  LEU A O   1 
ATOM   294  C CB  . LEU A 1 45  ? 14.016  5.418   3.039   1.00 45.40 ? 154  LEU A CB  1 
ATOM   295  C CG  . LEU A 1 45  ? 14.372  4.336   2.012   1.00 44.53 ? 154  LEU A CG  1 
ATOM   296  C CD1 . LEU A 1 45  ? 13.488  3.119   2.207   1.00 43.92 ? 154  LEU A CD1 1 
ATOM   297  C CD2 . LEU A 1 45  ? 14.260  4.840   0.583   1.00 43.93 ? 154  LEU A CD2 1 
ATOM   298  N N   . ALA A 1 46  ? 15.093  7.666   5.375   1.00 47.68 ? 155  ALA A N   1 
ATOM   299  C CA  . ALA A 1 46  ? 14.595  8.382   6.553   1.00 48.93 ? 155  ALA A CA  1 
ATOM   300  C C   . ALA A 1 46  ? 14.363  9.892   6.381   1.00 50.05 ? 155  ALA A C   1 
ATOM   301  O O   . ALA A 1 46  ? 13.374  10.428  6.893   1.00 50.35 ? 155  ALA A O   1 
ATOM   302  C CB  . ALA A 1 46  ? 15.499  8.117   7.750   1.00 48.70 ? 155  ALA A CB  1 
ATOM   303  N N   . LYS A 1 47  ? 15.260  10.567  5.661   1.00 50.37 ? 156  LYS A N   1 
ATOM   304  C CA  . LYS A 1 47  ? 15.253  12.035  5.589   1.00 49.65 ? 156  LYS A CA  1 
ATOM   305  C C   . LYS A 1 47  ? 14.982  12.616  4.198   1.00 48.43 ? 156  LYS A C   1 
ATOM   306  O O   . LYS A 1 47  ? 15.450  13.713  3.877   1.00 48.51 ? 156  LYS A O   1 
ATOM   307  C CB  . LYS A 1 47  ? 16.568  12.597  6.149   1.00 51.00 ? 156  LYS A CB  1 
ATOM   308  C CG  . LYS A 1 47  ? 16.560  12.884  7.644   1.00 52.39 ? 156  LYS A CG  1 
ATOM   309  C CD  . LYS A 1 47  ? 15.956  14.251  7.953   1.00 52.91 ? 156  LYS A CD  1 
ATOM   310  C CE  . LYS A 1 47  ? 16.381  14.765  9.322   1.00 53.59 ? 156  LYS A CE  1 
ATOM   311  N NZ  . LYS A 1 47  ? 15.846  13.956  10.455  1.00 53.38 ? 156  LYS A NZ  1 
ATOM   312  N N   . LEU A 1 48  ? 14.218  11.894  3.383   1.00 47.00 ? 157  LEU A N   1 
ATOM   313  C CA  . LEU A 1 48  ? 13.904  12.338  2.021   1.00 45.16 ? 157  LEU A CA  1 
ATOM   314  C C   . LEU A 1 48  ? 12.834  13.431  1.996   1.00 44.05 ? 157  LEU A C   1 
ATOM   315  O O   . LEU A 1 48  ? 12.074  13.585  2.954   1.00 44.67 ? 157  LEU A O   1 
ATOM   316  C CB  . LEU A 1 48  ? 13.461  11.150  1.161   1.00 44.68 ? 157  LEU A CB  1 
ATOM   317  C CG  . LEU A 1 48  ? 14.497  10.085  0.797   1.00 44.33 ? 157  LEU A CG  1 
ATOM   318  C CD1 . LEU A 1 48  ? 13.792  8.808   0.375   1.00 44.25 ? 157  LEU A CD1 1 
ATOM   319  C CD2 . LEU A 1 48  ? 15.438  10.569  -0.299  1.00 44.03 ? 157  LEU A CD2 1 
ATOM   320  N N   . LYS A 1 49  ? 12.786  14.190  0.899   1.00 42.70 ? 158  LYS A N   1 
ATOM   321  C CA  . LYS A 1 49  ? 11.743  15.198  0.697   1.00 41.39 ? 158  LYS A CA  1 
ATOM   322  C C   . LYS A 1 49  ? 10.484  14.547  0.140   1.00 39.88 ? 158  LYS A C   1 
ATOM   323  O O   . LYS A 1 49  ? 10.497  13.999  -0.967  1.00 39.45 ? 158  LYS A O   1 
ATOM   324  C CB  . LYS A 1 49  ? 12.210  16.300  -0.260  1.00 42.02 ? 158  LYS A CB  1 
ATOM   325  C CG  . LYS A 1 49  ? 13.285  17.225  0.284   1.00 43.52 ? 158  LYS A CG  1 
ATOM   326  C CD  . LYS A 1 49  ? 13.168  18.599  -0.358  1.00 44.33 ? 158  LYS A CD  1 
ATOM   327  C CE  . LYS A 1 49  ? 14.493  19.341  -0.385  1.00 45.19 ? 158  LYS A CE  1 
ATOM   328  N NZ  . LYS A 1 49  ? 15.321  18.934  -1.554  1.00 46.15 ? 158  LYS A NZ  1 
ATOM   329  N N   . PHE A 1 50  ? 9.400   14.610  0.910   1.00 37.92 ? 159  PHE A N   1 
ATOM   330  C CA  . PHE A 1 50  ? 8.133   13.995  0.518   1.00 36.21 ? 159  PHE A CA  1 
ATOM   331  C C   . PHE A 1 50  ? 7.130   15.007  -0.007  1.00 35.82 ? 159  PHE A C   1 
ATOM   332  O O   . PHE A 1 50  ? 7.005   16.107  0.529   1.00 36.08 ? 159  PHE A O   1 
ATOM   333  C CB  . PHE A 1 50  ? 7.519   13.212  1.683   1.00 35.26 ? 159  PHE A CB  1 
ATOM   334  C CG  . PHE A 1 50  ? 8.110   11.844  1.874   1.00 34.61 ? 159  PHE A CG  1 
ATOM   335  C CD1 . PHE A 1 50  ? 7.567   10.741  1.223   1.00 34.17 ? 159  PHE A CD1 1 
ATOM   336  C CD2 . PHE A 1 50  ? 9.208   11.655  2.708   1.00 34.11 ? 159  PHE A CD2 1 
ATOM   337  C CE1 . PHE A 1 50  ? 8.106   9.477   1.398   1.00 33.78 ? 159  PHE A CE1 1 
ATOM   338  C CE2 . PHE A 1 50  ? 9.752   10.394  2.888   1.00 33.71 ? 159  PHE A CE2 1 
ATOM   339  C CZ  . PHE A 1 50  ? 9.201   9.305   2.231   1.00 34.00 ? 159  PHE A CZ  1 
ATOM   340  N N   . THR A 1 51  ? 6.429   14.620  -1.070  1.00 35.52 ? 160  THR A N   1 
ATOM   341  C CA  . THR A 1 51  ? 5.317   15.390  -1.610  1.00 35.32 ? 160  THR A CA  1 
ATOM   342  C C   . THR A 1 51  ? 4.024   14.689  -1.204  1.00 35.72 ? 160  THR A C   1 
ATOM   343  O O   . THR A 1 51  ? 3.880   13.486  -1.406  1.00 36.34 ? 160  THR A O   1 
ATOM   344  C CB  . THR A 1 51  ? 5.413   15.518  -3.143  1.00 34.75 ? 160  THR A CB  1 
ATOM   345  O OG1 . THR A 1 51  ? 6.632   16.186  -3.485  1.00 35.04 ? 160  THR A OG1 1 
ATOM   346  C CG2 . THR A 1 51  ? 4.255   16.317  -3.700  1.00 34.53 ? 160  THR A CG2 1 
ATOM   347  N N   . LYS A 1 52  ? 3.097   15.449  -0.627  1.00 36.20 ? 161  LYS A N   1 
ATOM   348  C CA  . LYS A 1 52  ? 1.890   14.889  -0.023  1.00 36.87 ? 161  LYS A CA  1 
ATOM   349  C C   . LYS A 1 52  ? 0.649   15.098  -0.889  1.00 37.41 ? 161  LYS A C   1 
ATOM   350  O O   . LYS A 1 52  ? 0.517   16.116  -1.566  1.00 37.23 ? 161  LYS A O   1 
ATOM   351  C CB  . LYS A 1 52  ? 1.659   15.505  1.359   1.00 36.70 ? 161  LYS A CB  1 
ATOM   352  C CG  . LYS A 1 52  ? 2.833   15.382  2.321   1.00 36.65 ? 161  LYS A CG  1 
ATOM   353  C CD  . LYS A 1 52  ? 2.712   16.397  3.448   1.00 36.56 ? 161  LYS A CD  1 
ATOM   354  C CE  . LYS A 1 52  ? 3.782   16.200  4.508   1.00 36.51 ? 161  LYS A CE  1 
ATOM   355  N NZ  . LYS A 1 52  ? 3.481   15.052  5.404   1.00 37.00 ? 161  LYS A NZ  1 
ATOM   356  N N   . SER A 1 53  ? -0.259  14.125  -0.851  1.00 38.48 ? 162  SER A N   1 
ATOM   357  C CA  . SER A 1 53  ? -1.528  14.200  -1.570  1.00 39.61 ? 162  SER A CA  1 
ATOM   358  C C   . SER A 1 53  ? -2.693  13.754  -0.683  1.00 40.52 ? 162  SER A C   1 
ATOM   359  O O   . SER A 1 53  ? -2.930  12.556  -0.510  1.00 40.82 ? 162  SER A O   1 
ATOM   360  C CB  . SER A 1 53  ? -1.472  13.366  -2.855  1.00 39.22 ? 162  SER A CB  1 
ATOM   361  O OG  . SER A 1 53  ? -2.716  13.388  -3.532  1.00 39.23 ? 162  SER A OG  1 
ATOM   362  N N   . SER A 1 54  ? -3.411  14.734  -0.130  1.00 41.66 ? 163  SER A N   1 
ATOM   363  C CA  . SER A 1 54  ? -4.558  14.497  0.755   1.00 42.14 ? 163  SER A CA  1 
ATOM   364  C C   . SER A 1 54  ? -5.731  13.825  0.049   1.00 42.45 ? 163  SER A C   1 
ATOM   365  O O   . SER A 1 54  ? -6.505  13.098  0.675   1.00 42.82 ? 163  SER A O   1 
ATOM   366  C CB  . SER A 1 54  ? -5.035  15.811  1.372   1.00 42.71 ? 163  SER A CB  1 
ATOM   367  O OG  . SER A 1 54  ? -4.005  16.426  2.121   1.00 44.51 ? 163  SER A OG  1 
ATOM   368  N N   . SER A 1 55  ? -5.857  14.086  -1.251  1.00 42.85 ? 164  SER A N   1 
ATOM   369  C CA  . SER A 1 55  ? -6.917  13.511  -2.075  1.00 42.71 ? 164  SER A CA  1 
ATOM   370  C C   . SER A 1 55  ? -6.817  11.992  -2.163  1.00 42.76 ? 164  SER A C   1 
ATOM   371  O O   . SER A 1 55  ? -7.837  11.302  -2.164  1.00 42.97 ? 164  SER A O   1 
ATOM   372  C CB  . SER A 1 55  ? -6.876  14.112  -3.480  1.00 42.90 ? 164  SER A CB  1 
ATOM   373  O OG  . SER A 1 55  ? -7.037  15.517  -3.432  1.00 44.40 ? 164  SER A OG  1 
ATOM   374  N N   . TYR A 1 56  ? -5.587  11.485  -2.229  1.00 42.92 ? 165  TYR A N   1 
ATOM   375  C CA  . TYR A 1 56  ? -5.343  10.054  -2.408  1.00 42.44 ? 165  TYR A CA  1 
ATOM   376  C C   . TYR A 1 56  ? -4.710  9.375   -1.194  1.00 40.69 ? 165  TYR A C   1 
ATOM   377  O O   . TYR A 1 56  ? -4.389  8.186   -1.252  1.00 40.45 ? 165  TYR A O   1 
ATOM   378  C CB  . TYR A 1 56  ? -4.494  9.805   -3.666  1.00 44.47 ? 165  TYR A CB  1 
ATOM   379  C CG  . TYR A 1 56  ? -5.098  10.362  -4.938  1.00 46.20 ? 165  TYR A CG  1 
ATOM   380  C CD1 . TYR A 1 56  ? -6.310  9.875   -5.431  1.00 46.58 ? 165  TYR A CD1 1 
ATOM   381  C CD2 . TYR A 1 56  ? -4.458  11.376  -5.652  1.00 47.37 ? 165  TYR A CD2 1 
ATOM   382  C CE1 . TYR A 1 56  ? -6.870  10.386  -6.590  1.00 47.66 ? 165  TYR A CE1 1 
ATOM   383  C CE2 . TYR A 1 56  ? -5.011  11.892  -6.816  1.00 48.19 ? 165  TYR A CE2 1 
ATOM   384  C CZ  . TYR A 1 56  ? -6.217  11.392  -7.281  1.00 48.49 ? 165  TYR A CZ  1 
ATOM   385  O OH  . TYR A 1 56  ? -6.775  11.891  -8.436  1.00 49.29 ? 165  TYR A OH  1 
ATOM   386  N N   . ASP A 1 57  ? -4.552  10.122  -0.098  1.00 39.03 ? 166  ASP A N   1 
ATOM   387  C CA  . ASP A 1 57  ? -3.953  9.611   1.144   1.00 37.86 ? 166  ASP A CA  1 
ATOM   388  C C   . ASP A 1 57  ? -2.585  8.971   0.875   1.00 37.98 ? 166  ASP A C   1 
ATOM   389  O O   . ASP A 1 57  ? -2.293  7.865   1.331   1.00 37.23 ? 166  ASP A O   1 
ATOM   390  C CB  . ASP A 1 57  ? -4.912  8.635   1.850   1.00 37.10 ? 166  ASP A CB  1 
ATOM   391  C CG  . ASP A 1 57  ? -4.388  8.152   3.196   1.00 36.40 ? 166  ASP A CG  1 
ATOM   392  O OD1 . ASP A 1 57  ? -3.680  8.913   3.887   1.00 36.09 ? 166  ASP A OD1 1 
ATOM   393  O OD2 . ASP A 1 57  ? -4.692  7.002   3.567   1.00 36.15 ? 166  ASP A OD2 1 
ATOM   394  N N   . MET A 1 58  ? -1.756  9.687   0.121   1.00 38.87 ? 167  MET A N   1 
ATOM   395  C CA  . MET A 1 58  ? -0.468  9.176   -0.330  1.00 39.72 ? 167  MET A CA  1 
ATOM   396  C C   . MET A 1 58  ? 0.598   10.259  -0.318  1.00 39.00 ? 167  MET A C   1 
ATOM   397  O O   . MET A 1 58  ? 0.330   11.414  -0.649  1.00 38.56 ? 167  MET A O   1 
ATOM   398  C CB  . MET A 1 58  ? -0.586  8.617   -1.750  1.00 41.69 ? 167  MET A CB  1 
ATOM   399  C CG  . MET A 1 58  ? -1.316  7.285   -1.853  1.00 44.08 ? 167  MET A CG  1 
ATOM   400  S SD  . MET A 1 58  ? -0.262  5.852   -1.563  1.00 46.17 ? 167  MET A SD  1 
ATOM   401  C CE  . MET A 1 58  ? 0.704   5.895   -3.066  1.00 45.49 ? 167  MET A CE  1 
ATOM   402  N N   . GLU A 1 59  ? 1.809   9.875   0.072   1.00 38.75 ? 168  GLU A N   1 
ATOM   403  C CA  . GLU A 1 59  ? 2.976   10.730  -0.098  1.00 38.93 ? 168  GLU A CA  1 
ATOM   404  C C   . GLU A 1 59  ? 4.147   9.946   -0.681  1.00 39.53 ? 168  GLU A C   1 
ATOM   405  O O   . GLU A 1 59  ? 4.279   8.743   -0.456  1.00 38.95 ? 168  GLU A O   1 
ATOM   406  C CB  . GLU A 1 59  ? 3.360   11.451  1.199   1.00 38.00 ? 168  GLU A CB  1 
ATOM   407  C CG  . GLU A 1 59  ? 3.614   10.560  2.401   1.00 37.39 ? 168  GLU A CG  1 
ATOM   408  C CD  . GLU A 1 59  ? 4.183   11.322  3.581   1.00 36.95 ? 168  GLU A CD  1 
ATOM   409  O OE1 . GLU A 1 59  ? 4.355   12.553  3.480   1.00 36.98 ? 168  GLU A OE1 1 
ATOM   410  O OE2 . GLU A 1 59  ? 4.467   10.688  4.615   1.00 37.55 ? 168  GLU A OE2 1 
ATOM   411  N N   . PHE A 1 60  ? 4.983   10.642  -1.441  1.00 40.66 ? 169  PHE A N   1 
ATOM   412  C CA  . PHE A 1 60  ? 6.026   9.995   -2.223  1.00 41.44 ? 169  PHE A CA  1 
ATOM   413  C C   . PHE A 1 60  ? 7.315   10.805  -2.273  1.00 41.83 ? 169  PHE A C   1 
ATOM   414  O O   . PHE A 1 60  ? 7.302   12.029  -2.146  1.00 41.70 ? 169  PHE A O   1 
ATOM   415  C CB  . PHE A 1 60  ? 5.523   9.718   -3.646  1.00 41.79 ? 169  PHE A CB  1 
ATOM   416  C CG  . PHE A 1 60  ? 5.146   10.957  -4.410  1.00 42.10 ? 169  PHE A CG  1 
ATOM   417  C CD1 . PHE A 1 60  ? 3.871   11.509  -4.285  1.00 42.15 ? 169  PHE A CD1 1 
ATOM   418  C CD2 . PHE A 1 60  ? 6.063   11.576  -5.257  1.00 42.14 ? 169  PHE A CD2 1 
ATOM   419  C CE1 . PHE A 1 60  ? 3.523   12.652  -4.986  1.00 42.34 ? 169  PHE A CE1 1 
ATOM   420  C CE2 . PHE A 1 60  ? 5.721   12.719  -5.959  1.00 42.39 ? 169  PHE A CE2 1 
ATOM   421  C CZ  . PHE A 1 60  ? 4.449   13.257  -5.823  1.00 42.63 ? 169  PHE A CZ  1 
ATOM   422  N N   . ALA A 1 61  ? 8.423   10.097  -2.464  1.00 42.67 ? 170  ALA A N   1 
ATOM   423  C CA  . ALA A 1 61  ? 9.730   10.711  -2.634  1.00 43.64 ? 170  ALA A CA  1 
ATOM   424  C C   . ALA A 1 61  ? 10.452  10.038  -3.794  1.00 44.68 ? 170  ALA A C   1 
ATOM   425  O O   . ALA A 1 61  ? 10.169  8.883   -4.116  1.00 45.17 ? 170  ALA A O   1 
ATOM   426  C CB  . ALA A 1 61  ? 10.543  10.584  -1.354  1.00 43.02 ? 170  ALA A CB  1 
ATOM   427  N N   . LYS A 1 62  ? 11.370  10.767  -4.425  1.00 46.06 ? 171  LYS A N   1 
ATOM   428  C CA  . LYS A 1 62  ? 12.222  10.204  -5.468  1.00 47.50 ? 171  LYS A CA  1 
ATOM   429  C C   . LYS A 1 62  ? 13.135  9.154   -4.842  1.00 47.25 ? 171  LYS A C   1 
ATOM   430  O O   . LYS A 1 62  ? 13.886  9.451   -3.911  1.00 46.74 ? 171  LYS A O   1 
ATOM   431  C CB  . LYS A 1 62  ? 13.036  11.311  -6.153  1.00 49.14 ? 171  LYS A CB  1 
ATOM   432  C CG  . LYS A 1 62  ? 13.992  10.834  -7.242  1.00 50.71 ? 171  LYS A CG  1 
ATOM   433  C CD  . LYS A 1 62  ? 14.604  11.997  -8.018  1.00 51.72 ? 171  LYS A CD  1 
ATOM   434  C CE  . LYS A 1 62  ? 15.603  12.802  -7.193  1.00 52.09 ? 171  LYS A CE  1 
ATOM   435  N NZ  . LYS A 1 62  ? 16.859  12.052  -6.908  1.00 52.93 ? 171  LYS A NZ  1 
ATOM   436  N N   . LEU A 1 63  ? 13.049  7.925   -5.348  1.00 47.94 ? 172  LEU A N   1 
ATOM   437  C CA  . LEU A 1 63  ? 13.809  6.802   -4.800  1.00 48.42 ? 172  LEU A CA  1 
ATOM   438  C C   . LEU A 1 63  ? 15.312  7.065   -4.865  1.00 49.45 ? 172  LEU A C   1 
ATOM   439  O O   . LEU A 1 63  ? 15.828  7.436   -5.922  1.00 48.36 ? 172  LEU A O   1 
ATOM   440  C CB  . LEU A 1 63  ? 13.456  5.493   -5.521  1.00 47.10 ? 172  LEU A CB  1 
ATOM   441  C CG  . LEU A 1 63  ? 14.017  4.157   -5.012  1.00 46.04 ? 172  LEU A CG  1 
ATOM   442  C CD1 . LEU A 1 63  ? 13.417  3.758   -3.674  1.00 45.64 ? 172  LEU A CD1 1 
ATOM   443  C CD2 . LEU A 1 63  ? 13.783  3.059   -6.039  1.00 46.27 ? 172  LEU A CD2 1 
ATOM   444  N N   . PRO A 1 64  ? 16.008  6.896   -3.722  1.00 51.27 ? 173  PRO A N   1 
ATOM   445  C CA  . PRO A 1 64  ? 17.460  7.010   -3.652  1.00 52.83 ? 173  PRO A CA  1 
ATOM   446  C C   . PRO A 1 64  ? 18.115  6.148   -4.715  1.00 55.04 ? 173  PRO A C   1 
ATOM   447  O O   . PRO A 1 64  ? 17.809  4.957   -4.829  1.00 54.81 ? 173  PRO A O   1 
ATOM   448  C CB  . PRO A 1 64  ? 17.782  6.479   -2.259  1.00 52.33 ? 173  PRO A CB  1 
ATOM   449  C CG  . PRO A 1 64  ? 16.587  6.848   -1.461  1.00 52.31 ? 173  PRO A CG  1 
ATOM   450  C CD  . PRO A 1 64  ? 15.418  6.673   -2.389  1.00 51.93 ? 173  PRO A CD  1 
ATOM   451  N N   . THR A 1 65  ? 19.004  6.762   -5.489  1.00 58.21 ? 174  THR A N   1 
ATOM   452  C CA  . THR A 1 65  ? 19.599  6.120   -6.658  1.00 60.51 ? 174  THR A CA  1 
ATOM   453  C C   . THR A 1 65  ? 20.639  5.045   -6.294  1.00 61.52 ? 174  THR A C   1 
ATOM   454  O O   . THR A 1 65  ? 21.317  4.499   -7.165  1.00 63.09 ? 174  THR A O   1 
ATOM   455  C CB  . THR A 1 65  ? 20.113  7.166   -7.690  1.00 61.03 ? 174  THR A CB  1 
ATOM   456  O OG1 . THR A 1 65  ? 20.848  6.519   -8.736  1.00 62.27 ? 174  THR A OG1 1 
ATOM   457  C CG2 . THR A 1 65  ? 20.982  8.223   -7.029  1.00 61.01 ? 174  THR A CG2 1 
ATOM   458  N N   . GLU A 1 66  ? 20.732  4.739   -5.001  1.00 62.59 ? 175  GLU A N   1 
ATOM   459  C CA  . GLU A 1 66  ? 21.466  3.565   -4.526  1.00 64.21 ? 175  GLU A CA  1 
ATOM   460  C C   . GLU A 1 66  ? 20.589  2.307   -4.598  1.00 65.32 ? 175  GLU A C   1 
ATOM   461  O O   . GLU A 1 66  ? 21.102  1.196   -4.754  1.00 65.22 ? 175  GLU A O   1 
ATOM   462  C CB  . GLU A 1 66  ? 22.016  3.786   -3.109  1.00 64.07 ? 175  GLU A CB  1 
ATOM   463  C CG  . GLU A 1 66  ? 20.968  4.045   -2.035  1.00 64.89 ? 175  GLU A CG  1 
ATOM   464  C CD  . GLU A 1 66  ? 21.562  4.641   -0.774  1.00 65.67 ? 175  GLU A CD  1 
ATOM   465  O OE1 . GLU A 1 66  ? 21.806  5.866   -0.746  1.00 66.13 ? 175  GLU A OE1 1 
ATOM   466  O OE2 . GLU A 1 66  ? 21.790  3.882   0.192   1.00 66.87 ? 175  GLU A OE2 1 
ATOM   467  N N   . MET A 1 67  ? 19.273  2.494   -4.483  1.00 66.04 ? 176  MET A N   1 
ATOM   468  C CA  . MET A 1 67  ? 18.304  1.412   -4.665  1.00 66.25 ? 176  MET A CA  1 
ATOM   469  C C   . MET A 1 67  ? 18.097  1.129   -6.156  1.00 68.49 ? 176  MET A C   1 
ATOM   470  O O   . MET A 1 67  ? 18.917  0.448   -6.775  1.00 69.92 ? 176  MET A O   1 
ATOM   471  C CB  . MET A 1 67  ? 16.969  1.752   -3.991  1.00 64.56 ? 176  MET A CB  1 
ATOM   472  C CG  . MET A 1 67  ? 16.784  1.184   -2.593  1.00 62.92 ? 176  MET A CG  1 
ATOM   473  S SD  . MET A 1 67  ? 17.163  2.332   -1.255  1.00 60.83 ? 176  MET A SD  1 
ATOM   474  C CE  . MET A 1 67  ? 16.276  1.553   0.088   1.00 58.09 ? 176  MET A CE  1 
ATOM   475  N N   . LYS A 1 68  ? 17.003  1.659   -6.711  1.00 70.06 ? 177  LYS A N   1 
ATOM   476  C CA  . LYS A 1 68  ? 16.634  1.544   -8.137  1.00 71.29 ? 177  LYS A CA  1 
ATOM   477  C C   . LYS A 1 68  ? 16.350  0.118   -8.626  1.00 71.92 ? 177  LYS A C   1 
ATOM   478  O O   . LYS A 1 68  ? 15.259  -0.160  -9.131  1.00 73.63 ? 177  LYS A O   1 
ATOM   479  C CB  . LYS A 1 68  ? 17.650  2.251   -9.052  1.00 72.01 ? 177  LYS A CB  1 
ATOM   480  C CG  . LYS A 1 68  ? 17.759  3.756   -8.839  1.00 72.21 ? 177  LYS A CG  1 
ATOM   481  C CD  . LYS A 1 68  ? 16.509  4.498   -9.288  1.00 71.91 ? 177  LYS A CD  1 
ATOM   482  C CE  . LYS A 1 68  ? 16.589  5.969   -8.915  1.00 71.90 ? 177  LYS A CE  1 
ATOM   483  N NZ  . LYS A 1 68  ? 15.381  6.726   -9.347  1.00 72.06 ? 177  LYS A NZ  1 
ATOM   484  N N   . SER A 1 69  ? 17.332  -0.771  -8.487  1.00 71.46 ? 178  SER A N   1 
ATOM   485  C CA  . SER A 1 69  ? 17.174  -2.182  -8.841  1.00 69.44 ? 178  SER A CA  1 
ATOM   486  C C   . SER A 1 69  ? 16.297  -2.918  -7.827  1.00 67.91 ? 178  SER A C   1 
ATOM   487  O O   . SER A 1 69  ? 15.726  -3.967  -8.134  1.00 67.96 ? 178  SER A O   1 
ATOM   488  C CB  . SER A 1 69  ? 18.539  -2.862  -8.961  1.00 69.43 ? 178  SER A CB  1 
ATOM   489  O OG  . SER A 1 69  ? 19.275  -2.746  -7.755  1.00 69.98 ? 178  SER A OG  1 
ATOM   490  N N   . ASP A 1 70  ? 16.203  -2.361  -6.620  1.00 65.32 ? 179  ASP A N   1 
ATOM   491  C CA  . ASP A 1 70  ? 15.311  -2.874  -5.583  1.00 62.87 ? 179  ASP A CA  1 
ATOM   492  C C   . ASP A 1 70  ? 14.028  -2.046  -5.503  1.00 59.21 ? 179  ASP A C   1 
ATOM   493  O O   . ASP A 1 70  ? 13.824  -1.272  -4.562  1.00 58.75 ? 179  ASP A O   1 
ATOM   494  C CB  . ASP A 1 70  ? 16.024  -2.924  -4.225  1.00 64.95 ? 179  ASP A CB  1 
ATOM   495  C CG  . ASP A 1 70  ? 16.726  -4.247  -3.981  1.00 65.90 ? 179  ASP A CG  1 
ATOM   496  O OD1 . ASP A 1 70  ? 17.222  -4.856  -4.954  1.00 66.53 ? 179  ASP A OD1 1 
ATOM   497  O OD2 . ASP A 1 70  ? 16.783  -4.680  -2.810  1.00 66.77 ? 179  ASP A OD2 1 
ATOM   498  N N   . ALA A 1 71  ? 13.172  -2.218  -6.507  1.00 54.41 ? 180  ALA A N   1 
ATOM   499  C CA  . ALA A 1 71  ? 11.901  -1.507  -6.590  1.00 50.26 ? 180  ALA A CA  1 
ATOM   500  C C   . ALA A 1 71  ? 10.863  -2.351  -7.322  1.00 47.58 ? 180  ALA A C   1 
ATOM   501  O O   . ALA A 1 71  ? 11.166  -2.970  -8.345  1.00 47.19 ? 180  ALA A O   1 
ATOM   502  C CB  . ALA A 1 71  ? 12.082  -0.164  -7.285  1.00 50.27 ? 180  ALA A CB  1 
ATOM   503  N N   . PHE A 1 72  ? 9.645   -2.379  -6.783  1.00 44.23 ? 181  PHE A N   1 
ATOM   504  C CA  . PHE A 1 72  ? 8.521   -3.077  -7.402  1.00 41.26 ? 181  PHE A CA  1 
ATOM   505  C C   . PHE A 1 72  ? 8.185   -2.478  -8.761  1.00 40.10 ? 181  PHE A C   1 
ATOM   506  O O   . PHE A 1 72  ? 8.383   -1.284  -8.991  1.00 40.42 ? 181  PHE A O   1 
ATOM   507  C CB  . PHE A 1 72  ? 7.268   -2.965  -6.531  1.00 40.44 ? 181  PHE A CB  1 
ATOM   508  C CG  . PHE A 1 72  ? 7.266   -3.849  -5.315  1.00 39.75 ? 181  PHE A CG  1 
ATOM   509  C CD1 . PHE A 1 72  ? 7.262   -5.236  -5.438  1.00 39.62 ? 181  PHE A CD1 1 
ATOM   510  C CD2 . PHE A 1 72  ? 7.212   -3.292  -4.041  1.00 39.22 ? 181  PHE A CD2 1 
ATOM   511  C CE1 . PHE A 1 72  ? 7.240   -6.048  -4.313  1.00 39.19 ? 181  PHE A CE1 1 
ATOM   512  C CE2 . PHE A 1 72  ? 7.187   -4.099  -2.913  1.00 38.89 ? 181  PHE A CE2 1 
ATOM   513  C CZ  . PHE A 1 72  ? 7.202   -5.478  -3.050  1.00 38.90 ? 181  PHE A CZ  1 
ATOM   514  N N   . GLY A 1 73  ? 7.672   -3.313  -9.655  1.00 38.86 ? 182  GLY A N   1 
ATOM   515  C CA  . GLY A 1 73  ? 7.006   -2.833  -10.856 1.00 37.33 ? 182  GLY A CA  1 
ATOM   516  C C   . GLY A 1 73  ? 5.516   -2.794  -10.574 1.00 36.91 ? 182  GLY A C   1 
ATOM   517  O O   . GLY A 1 73  ? 5.001   -3.629  -9.824  1.00 36.86 ? 182  GLY A O   1 
ATOM   518  N N   . TYR A 1 74  ? 4.824   -1.813  -11.146 1.00 36.13 ? 183  TYR A N   1 
ATOM   519  C CA  . TYR A 1 74  ? 3.370   -1.753  -11.038 1.00 35.41 ? 183  TYR A CA  1 
ATOM   520  C C   . TYR A 1 74  ? 2.726   -2.299  -12.309 1.00 35.11 ? 183  TYR A C   1 
ATOM   521  O O   . TYR A 1 74  ? 3.301   -2.199  -13.390 1.00 35.34 ? 183  TYR A O   1 
ATOM   522  C CB  . TYR A 1 74  ? 2.880   -0.325  -10.747 1.00 35.03 ? 183  TYR A CB  1 
ATOM   523  C CG  . TYR A 1 74  ? 1.392   -0.260  -10.464 1.00 34.83 ? 183  TYR A CG  1 
ATOM   524  C CD1 . TYR A 1 74  ? 0.890   -0.573  -9.202  1.00 34.71 ? 183  TYR A CD1 1 
ATOM   525  C CD2 . TYR A 1 74  ? 0.483   0.086   -11.466 1.00 34.95 ? 183  TYR A CD2 1 
ATOM   526  C CE1 . TYR A 1 74  ? -0.470  -0.541  -8.944  1.00 34.40 ? 183  TYR A CE1 1 
ATOM   527  C CE2 . TYR A 1 74  ? -0.882  0.122   -11.216 1.00 34.62 ? 183  TYR A CE2 1 
ATOM   528  C CZ  . TYR A 1 74  ? -1.352  -0.192  -9.954  1.00 34.42 ? 183  TYR A CZ  1 
ATOM   529  O OH  . TYR A 1 74  ? -2.703  -0.157  -9.699  1.00 34.25 ? 183  TYR A OH  1 
ATOM   530  N N   . THR A 1 75  ? 1.541   -2.889  -12.166 1.00 35.18 ? 184  THR A N   1 
ATOM   531  C CA  . THR A 1 75  ? 0.764   -3.350  -13.316 1.00 35.07 ? 184  THR A CA  1 
ATOM   532  C C   . THR A 1 75  ? -0.699  -2.899  -13.252 1.00 35.86 ? 184  THR A C   1 
ATOM   533  O O   . THR A 1 75  ? -1.337  -2.953  -12.198 1.00 34.96 ? 184  THR A O   1 
ATOM   534  C CB  . THR A 1 75  ? 0.883   -4.881  -13.541 1.00 34.43 ? 184  THR A CB  1 
ATOM   535  O OG1 . THR A 1 75  ? 0.175   -5.251  -14.730 1.00 33.23 ? 184  THR A OG1 1 
ATOM   536  C CG2 . THR A 1 75  ? 0.347   -5.678  -12.350 1.00 34.27 ? 184  THR A CG2 1 
ATOM   537  N N   . THR A 1 76  ? -1.204  -2.441  -14.396 1.00 37.76 ? 185  THR A N   1 
ATOM   538  C CA  . THR A 1 76  ? -2.593  -1.995  -14.543 1.00 39.11 ? 185  THR A CA  1 
ATOM   539  C C   . THR A 1 76  ? -3.526  -3.169  -14.851 1.00 40.01 ? 185  THR A C   1 
ATOM   540  O O   . THR A 1 76  ? -4.743  -2.996  -14.976 1.00 40.24 ? 185  THR A O   1 
ATOM   541  C CB  . THR A 1 76  ? -2.727  -0.933  -15.656 1.00 39.07 ? 185  THR A CB  1 
ATOM   542  O OG1 . THR A 1 76  ? -2.088  -1.401  -16.850 1.00 39.55 ? 185  THR A OG1 1 
ATOM   543  C CG2 . THR A 1 76  ? -2.084  0.376   -15.234 1.00 39.09 ? 185  THR A CG2 1 
ATOM   544  N N   . GLU A 1 77  ? -2.943  -4.359  -14.972 1.00 40.89 ? 186  GLU A N   1 
ATOM   545  C CA  . GLU A 1 77  ? -3.691  -5.576  -15.255 1.00 41.63 ? 186  GLU A CA  1 
ATOM   546  C C   . GLU A 1 77  ? -4.145  -6.251  -13.963 1.00 41.12 ? 186  GLU A C   1 
ATOM   547  O O   . GLU A 1 77  ? -3.365  -6.939  -13.302 1.00 40.74 ? 186  GLU A O   1 
ATOM   548  C CB  . GLU A 1 77  ? -2.846  -6.540  -16.100 1.00 42.85 ? 186  GLU A CB  1 
ATOM   549  C CG  . GLU A 1 77  ? -2.565  -6.061  -17.519 1.00 44.63 ? 186  GLU A CG  1 
ATOM   550  C CD  . GLU A 1 77  ? -3.792  -6.098  -18.418 1.00 45.98 ? 186  GLU A CD  1 
ATOM   551  O OE1 . GLU A 1 77  ? -4.473  -7.147  -18.460 1.00 46.89 ? 186  GLU A OE1 1 
ATOM   552  O OE2 . GLU A 1 77  ? -4.070  -5.079  -19.090 1.00 45.94 ? 186  GLU A OE2 1 
ATOM   553  N N   . HIS A 1 78  ? -5.406  -6.035  -13.600 1.00 40.97 ? 187  HIS A N   1 
ATOM   554  C CA  . HIS A 1 78  ? -6.008  -6.751  -12.477 1.00 40.77 ? 187  HIS A CA  1 
ATOM   555  C C   . HIS A 1 78  ? -7.224  -7.554  -12.944 1.00 39.82 ? 187  HIS A C   1 
ATOM   556  O O   . HIS A 1 78  ? -8.364  -7.130  -12.730 1.00 40.30 ? 187  HIS A O   1 
ATOM   557  C CB  . HIS A 1 78  ? -6.426  -5.814  -11.329 1.00 41.63 ? 187  HIS A CB  1 
ATOM   558  C CG  . HIS A 1 78  ? -5.688  -4.513  -11.290 1.00 42.88 ? 187  HIS A CG  1 
ATOM   559  N ND1 . HIS A 1 78  ? -6.337  -3.299  -11.226 1.00 43.52 ? 187  HIS A ND1 1 
ATOM   560  C CD2 . HIS A 1 78  ? -4.364  -4.232  -11.299 1.00 43.41 ? 187  HIS A CD2 1 
ATOM   561  C CE1 . HIS A 1 78  ? -5.444  -2.326  -11.198 1.00 43.90 ? 187  HIS A CE1 1 
ATOM   562  N NE2 . HIS A 1 78  ? -4.239  -2.865  -11.245 1.00 43.89 ? 187  HIS A NE2 1 
ATOM   563  N N   . PRO A 1 79  ? -6.991  -8.715  -13.592 1.00 38.46 ? 188  PRO A N   1 
ATOM   564  C CA  . PRO A 1 79  ? -8.132  -9.573  -13.879 1.00 37.48 ? 188  PRO A CA  1 
ATOM   565  C C   . PRO A 1 79  ? -8.754  -10.044 -12.573 1.00 36.84 ? 188  PRO A C   1 
ATOM   566  O O   . PRO A 1 79  ? -8.081  -10.051 -11.539 1.00 36.42 ? 188  PRO A O   1 
ATOM   567  C CB  . PRO A 1 79  ? -7.504  -10.760 -14.617 1.00 37.46 ? 188  PRO A CB  1 
ATOM   568  C CG  . PRO A 1 79  ? -6.227  -10.237 -15.176 1.00 37.44 ? 188  PRO A CG  1 
ATOM   569  C CD  . PRO A 1 79  ? -5.741  -9.266  -14.145 1.00 37.89 ? 188  PRO A CD  1 
ATOM   570  N N   . GLU A 1 80  ? -10.028 -10.414 -12.615 1.00 36.27 ? 189  GLU A N   1 
ATOM   571  C CA  . GLU A 1 80  ? -10.693 -10.963 -11.440 1.00 35.60 ? 189  GLU A CA  1 
ATOM   572  C C   . GLU A 1 80  ? -10.056 -12.283 -11.018 1.00 34.69 ? 189  GLU A C   1 
ATOM   573  O O   . GLU A 1 80  ? -9.834  -13.176 -11.842 1.00 35.07 ? 189  GLU A O   1 
ATOM   574  C CB  . GLU A 1 80  ? -12.189 -11.147 -11.685 1.00 36.31 ? 189  GLU A CB  1 
ATOM   575  C CG  . GLU A 1 80  ? -12.971 -9.845  -11.659 1.00 37.81 ? 189  GLU A CG  1 
ATOM   576  C CD  . GLU A 1 80  ? -14.460 -10.052 -11.464 1.00 38.66 ? 189  GLU A CD  1 
ATOM   577  O OE1 . GLU A 1 80  ? -14.936 -11.201 -11.576 1.00 39.60 ? 189  GLU A OE1 1 
ATOM   578  O OE2 . GLU A 1 80  ? -15.157 -9.052  -11.199 1.00 39.51 ? 189  GLU A OE2 1 
ATOM   579  N N   . GLY A 1 81  ? -9.755  -12.383 -9.728  1.00 33.19 ? 190  GLY A N   1 
ATOM   580  C CA  . GLY A 1 81  ? -9.135  -13.572 -9.165  1.00 31.55 ? 190  GLY A CA  1 
ATOM   581  C C   . GLY A 1 81  ? -8.564  -13.302 -7.791  1.00 30.29 ? 190  GLY A C   1 
ATOM   582  O O   . GLY A 1 81  ? -9.073  -12.457 -7.057  1.00 29.68 ? 190  GLY A O   1 
ATOM   583  N N   . PHE A 1 82  ? -7.500  -14.021 -7.450  1.00 29.89 ? 191  PHE A N   1 
ATOM   584  C CA  . PHE A 1 82  ? -6.850  -13.862 -6.155  1.00 29.87 ? 191  PHE A CA  1 
ATOM   585  C C   . PHE A 1 82  ? -5.424  -13.342 -6.275  1.00 29.72 ? 191  PHE A C   1 
ATOM   586  O O   . PHE A 1 82  ? -4.700  -13.669 -7.219  1.00 29.65 ? 191  PHE A O   1 
ATOM   587  C CB  . PHE A 1 82  ? -6.899  -15.163 -5.346  1.00 29.71 ? 191  PHE A CB  1 
ATOM   588  C CG  . PHE A 1 82  ? -8.261  -15.476 -4.800  1.00 29.59 ? 191  PHE A CG  1 
ATOM   589  C CD1 . PHE A 1 82  ? -8.656  -14.983 -3.562  1.00 29.68 ? 191  PHE A CD1 1 
ATOM   590  C CD2 . PHE A 1 82  ? -9.156  -16.245 -5.531  1.00 29.50 ? 191  PHE A CD2 1 
ATOM   591  C CE1 . PHE A 1 82  ? -9.915  -15.261 -3.057  1.00 29.66 ? 191  PHE A CE1 1 
ATOM   592  C CE2 . PHE A 1 82  ? -10.418 -16.525 -5.035  1.00 29.77 ? 191  PHE A CE2 1 
ATOM   593  C CZ  . PHE A 1 82  ? -10.799 -16.033 -3.795  1.00 29.94 ? 191  PHE A CZ  1 
ATOM   594  N N   . TYR A 1 83  ? -5.047  -12.521 -5.300  1.00 29.81 ? 192  TYR A N   1 
ATOM   595  C CA  . TYR A 1 83  ? -3.755  -11.857 -5.276  1.00 29.68 ? 192  TYR A CA  1 
ATOM   596  C C   . TYR A 1 83  ? -3.049  -12.109 -3.948  1.00 29.72 ? 192  TYR A C   1 
ATOM   597  O O   . TYR A 1 83  ? -3.595  -12.766 -3.064  1.00 30.29 ? 192  TYR A O   1 
ATOM   598  C CB  . TYR A 1 83  ? -3.931  -10.358 -5.551  1.00 29.48 ? 192  TYR A CB  1 
ATOM   599  C CG  . TYR A 1 83  ? -4.367  -10.090 -6.970  1.00 29.43 ? 192  TYR A CG  1 
ATOM   600  C CD1 . TYR A 1 83  ? -5.714  -10.155 -7.330  1.00 29.62 ? 192  TYR A CD1 1 
ATOM   601  C CD2 . TYR A 1 83  ? -3.432  -9.802  -7.965  1.00 29.31 ? 192  TYR A CD2 1 
ATOM   602  C CE1 . TYR A 1 83  ? -6.117  -9.939  -8.637  1.00 29.37 ? 192  TYR A CE1 1 
ATOM   603  C CE2 . TYR A 1 83  ? -3.830  -9.580  -9.274  1.00 29.36 ? 192  TYR A CE2 1 
ATOM   604  C CZ  . TYR A 1 83  ? -5.172  -9.651  -9.598  1.00 29.31 ? 192  TYR A CZ  1 
ATOM   605  O OH  . TYR A 1 83  ? -5.579  -9.435  -10.885 1.00 30.04 ? 192  TYR A OH  1 
ATOM   606  N N   . ASN A 1 84  ? -1.833  -11.592 -3.821  1.00 29.69 ? 193  ASN A N   1 
ATOM   607  C CA  . ASN A 1 84  ? -1.002  -11.852 -2.658  1.00 29.18 ? 193  ASN A CA  1 
ATOM   608  C C   . ASN A 1 84  ? -0.797  -10.611 -1.811  1.00 29.20 ? 193  ASN A C   1 
ATOM   609  O O   . ASN A 1 84  ? -0.590  -9.516  -2.335  1.00 28.79 ? 193  ASN A O   1 
ATOM   610  C CB  . ASN A 1 84  ? 0.359   -12.389 -3.099  1.00 29.27 ? 193  ASN A CB  1 
ATOM   611  C CG  . ASN A 1 84  ? 0.242   -13.569 -4.037  1.00 29.33 ? 193  ASN A CG  1 
ATOM   612  O OD1 . ASN A 1 84  ? -0.023  -14.689 -3.608  1.00 30.13 ? 193  ASN A OD1 1 
ATOM   613  N ND2 . ASN A 1 84  ? 0.440   -13.324 -5.327  1.00 29.19 ? 193  ASN A ND2 1 
ATOM   614  N N   . TRP A 1 85  ? -0.869  -10.794 -0.500  1.00 29.22 ? 194  TRP A N   1 
ATOM   615  C CA  . TRP A 1 85  ? -0.386  -9.798  0.450   1.00 29.73 ? 194  TRP A CA  1 
ATOM   616  C C   . TRP A 1 85  ? 0.116   -10.511 1.700   1.00 30.45 ? 194  TRP A C   1 
ATOM   617  O O   . TRP A 1 85  ? -0.120  -11.712 1.870   1.00 31.01 ? 194  TRP A O   1 
ATOM   618  C CB  . TRP A 1 85  ? -1.435  -8.701  0.728   1.00 29.38 ? 194  TRP A CB  1 
ATOM   619  C CG  . TRP A 1 85  ? -2.360  -8.885  1.914   1.00 28.98 ? 194  TRP A CG  1 
ATOM   620  C CD1 . TRP A 1 85  ? -3.097  -9.992  2.231   1.00 28.57 ? 194  TRP A CD1 1 
ATOM   621  C CD2 . TRP A 1 85  ? -2.679  -7.897  2.903   1.00 28.61 ? 194  TRP A CD2 1 
ATOM   622  N NE1 . TRP A 1 85  ? -3.834  -9.763  3.367   1.00 28.19 ? 194  TRP A NE1 1 
ATOM   623  C CE2 . TRP A 1 85  ? -3.596  -8.486  3.801   1.00 28.36 ? 194  TRP A CE2 1 
ATOM   624  C CE3 . TRP A 1 85  ? -2.270  -6.573  3.124   1.00 28.19 ? 194  TRP A CE3 1 
ATOM   625  C CZ2 . TRP A 1 85  ? -4.115  -7.796  4.903   1.00 28.33 ? 194  TRP A CZ2 1 
ATOM   626  C CZ3 . TRP A 1 85  ? -2.783  -5.889  4.220   1.00 28.14 ? 194  TRP A CZ3 1 
ATOM   627  C CH2 . TRP A 1 85  ? -3.698  -6.502  5.095   1.00 28.19 ? 194  TRP A CH2 1 
ATOM   628  N N   . HIS A 1 86  ? 0.818   -9.780  2.561   1.00 30.81 ? 195  HIS A N   1 
ATOM   629  C CA  . HIS A 1 86  ? 1.570   -10.384 3.660   1.00 31.21 ? 195  HIS A CA  1 
ATOM   630  C C   . HIS A 1 86  ? 0.770   -11.353 4.534   1.00 30.73 ? 195  HIS A C   1 
ATOM   631  O O   . HIS A 1 86  ? 1.336   -12.281 5.114   1.00 30.69 ? 195  HIS A O   1 
ATOM   632  C CB  . HIS A 1 86  ? 2.220   -9.302  4.520   1.00 31.97 ? 195  HIS A CB  1 
ATOM   633  C CG  . HIS A 1 86  ? 3.305   -9.818  5.409   1.00 32.80 ? 195  HIS A CG  1 
ATOM   634  N ND1 . HIS A 1 86  ? 3.080   -10.188 6.718   1.00 32.97 ? 195  HIS A ND1 1 
ATOM   635  C CD2 . HIS A 1 86  ? 4.621   -10.041 5.175   1.00 33.00 ? 195  HIS A CD2 1 
ATOM   636  C CE1 . HIS A 1 86  ? 4.211   -10.609 7.254   1.00 33.30 ? 195  HIS A CE1 1 
ATOM   637  N NE2 . HIS A 1 86  ? 5.162   -10.530 6.339   1.00 33.37 ? 195  HIS A NE2 1 
ATOM   638  N N   . HIS A 1 87  ? -0.542  -11.142 4.607   1.00 30.47 ? 196  HIS A N   1 
ATOM   639  C CA  . HIS A 1 87  ? -1.412  -11.909 5.499   1.00 30.02 ? 196  HIS A CA  1 
ATOM   640  C C   . HIS A 1 87  ? -2.262  -12.970 4.800   1.00 29.42 ? 196  HIS A C   1 
ATOM   641  O O   . HIS A 1 87  ? -3.138  -13.571 5.421   1.00 30.03 ? 196  HIS A O   1 
ATOM   642  C CB  . HIS A 1 87  ? -2.308  -10.961 6.298   1.00 30.61 ? 196  HIS A CB  1 
ATOM   643  C CG  . HIS A 1 87  ? -1.550  -10.018 7.176   1.00 30.93 ? 196  HIS A CG  1 
ATOM   644  N ND1 . HIS A 1 87  ? -1.091  -10.374 8.426   1.00 31.27 ? 196  HIS A ND1 1 
ATOM   645  C CD2 . HIS A 1 87  ? -1.160  -8.736  6.982   1.00 31.09 ? 196  HIS A CD2 1 
ATOM   646  C CE1 . HIS A 1 87  ? -0.454  -9.350  8.966   1.00 31.61 ? 196  HIS A CE1 1 
ATOM   647  N NE2 . HIS A 1 87  ? -0.484  -8.344  8.111   1.00 31.79 ? 196  HIS A NE2 1 
ATOM   648  N N   . GLY A 1 88  ? -2.007  -13.200 3.517   1.00 28.64 ? 197  GLY A N   1 
ATOM   649  C CA  . GLY A 1 88  ? -2.718  -14.234 2.778   1.00 28.01 ? 197  GLY A CA  1 
ATOM   650  C C   . GLY A 1 88  ? -3.301  -13.773 1.462   1.00 27.67 ? 197  GLY A C   1 
ATOM   651  O O   . GLY A 1 88  ? -2.729  -12.920 0.784   1.00 26.87 ? 197  GLY A O   1 
ATOM   652  N N   . ALA A 1 89  ? -4.448  -14.347 1.109   1.00 28.06 ? 198  ALA A N   1 
ATOM   653  C CA  . ALA A 1 89  ? -5.084  -14.112 -0.187  1.00 28.34 ? 198  ALA A CA  1 
ATOM   654  C C   . ALA A 1 89  ? -5.967  -12.872 -0.191  1.00 28.56 ? 198  ALA A C   1 
ATOM   655  O O   . ALA A 1 89  ? -6.708  -12.621 0.762   1.00 29.01 ? 198  ALA A O   1 
ATOM   656  C CB  . ALA A 1 89  ? -5.893  -15.329 -0.607  1.00 28.06 ? 198  ALA A CB  1 
ATOM   657  N N   . VAL A 1 90  ? -5.867  -12.097 -1.268  1.00 28.72 ? 199  VAL A N   1 
ATOM   658  C CA  . VAL A 1 90  ? -6.747  -10.958 -1.501  1.00 28.59 ? 199  VAL A CA  1 
ATOM   659  C C   . VAL A 1 90  ? -7.558  -11.253 -2.755  1.00 28.98 ? 199  VAL A C   1 
ATOM   660  O O   . VAL A 1 90  ? -6.990  -11.458 -3.831  1.00 29.26 ? 199  VAL A O   1 
ATOM   661  C CB  . VAL A 1 90  ? -5.975  -9.634  -1.717  1.00 28.18 ? 199  VAL A CB  1 
ATOM   662  C CG1 . VAL A 1 90  ? -6.940  -8.458  -1.733  1.00 27.97 ? 199  VAL A CG1 1 
ATOM   663  C CG2 . VAL A 1 90  ? -4.913  -9.424  -0.650  1.00 28.05 ? 199  VAL A CG2 1 
ATOM   664  N N   . GLN A 1 91  ? -8.878  -11.286 -2.609  1.00 28.76 ? 200  GLN A N   1 
ATOM   665  C CA  . GLN A 1 91  ? -9.761  -11.485 -3.744  1.00 29.23 ? 200  GLN A CA  1 
ATOM   666  C C   . GLN A 1 91  ? -10.002 -10.159 -4.440  1.00 29.91 ? 200  GLN A C   1 
ATOM   667  O O   . GLN A 1 91  ? -10.215 -9.142  -3.785  1.00 30.50 ? 200  GLN A O   1 
ATOM   668  C CB  . GLN A 1 91  ? -11.096 -12.091 -3.298  1.00 29.52 ? 200  GLN A CB  1 
ATOM   669  C CG  . GLN A 1 91  ? -12.059 -12.387 -4.442  1.00 29.75 ? 200  GLN A CG  1 
ATOM   670  C CD  . GLN A 1 91  ? -13.225 -13.275 -4.044  1.00 30.22 ? 200  GLN A CD  1 
ATOM   671  O OE1 . GLN A 1 91  ? -13.648 -13.301 -2.886  1.00 29.99 ? 200  GLN A OE1 1 
ATOM   672  N NE2 . GLN A 1 91  ? -13.756 -14.010 -5.014  1.00 30.28 ? 200  GLN A NE2 1 
ATOM   673  N N   . PHE A 1 92  ? -9.951  -10.171 -5.767  1.00 30.47 ? 201  PHE A N   1 
ATOM   674  C CA  . PHE A 1 92  ? -10.414 -9.039  -6.552  1.00 31.35 ? 201  PHE A CA  1 
ATOM   675  C C   . PHE A 1 92  ? -11.649 -9.461  -7.342  1.00 32.04 ? 201  PHE A C   1 
ATOM   676  O O   . PHE A 1 92  ? -11.577 -10.334 -8.209  1.00 31.80 ? 201  PHE A O   1 
ATOM   677  C CB  . PHE A 1 92  ? -9.310  -8.505  -7.467  1.00 31.72 ? 201  PHE A CB  1 
ATOM   678  C CG  . PHE A 1 92  ? -9.633  -7.175  -8.097  1.00 31.96 ? 201  PHE A CG  1 
ATOM   679  C CD1 . PHE A 1 92  ? -9.910  -6.062  -7.309  1.00 31.94 ? 201  PHE A CD1 1 
ATOM   680  C CD2 . PHE A 1 92  ? -9.648  -7.034  -9.478  1.00 32.39 ? 201  PHE A CD2 1 
ATOM   681  C CE1 . PHE A 1 92  ? -10.207 -4.837  -7.888  1.00 31.91 ? 201  PHE A CE1 1 
ATOM   682  C CE2 . PHE A 1 92  ? -9.942  -5.812  -10.063 1.00 32.52 ? 201  PHE A CE2 1 
ATOM   683  C CZ  . PHE A 1 92  ? -10.221 -4.711  -9.266  1.00 32.24 ? 201  PHE A CZ  1 
ATOM   684  N N   . SER A 1 93  ? -12.786 -8.856  -7.008  1.00 32.82 ? 202  SER A N   1 
ATOM   685  C CA  . SER A 1 93  ? -14.066 -9.196  -7.615  1.00 33.63 ? 202  SER A CA  1 
ATOM   686  C C   . SER A 1 93  ? -15.032 -8.019  -7.520  1.00 34.59 ? 202  SER A C   1 
ATOM   687  O O   . SER A 1 93  ? -15.258 -7.477  -6.436  1.00 34.93 ? 202  SER A O   1 
ATOM   688  C CB  . SER A 1 93  ? -14.671 -10.425 -6.933  1.00 33.67 ? 202  SER A CB  1 
ATOM   689  O OG  . SER A 1 93  ? -15.825 -10.874 -7.622  1.00 34.39 ? 202  SER A OG  1 
ATOM   690  N N   . GLY A 1 94  ? -15.597 -7.630  -8.662  1.00 35.09 ? 203  GLY A N   1 
ATOM   691  C CA  . GLY A 1 94  ? -16.552 -6.522  -8.731  1.00 34.81 ? 203  GLY A CA  1 
ATOM   692  C C   . GLY A 1 94  ? -15.934 -5.176  -8.402  1.00 34.62 ? 203  GLY A C   1 
ATOM   693  O O   . GLY A 1 94  ? -16.569 -4.337  -7.760  1.00 34.58 ? 203  GLY A O   1 
ATOM   694  N N   . GLY A 1 95  ? -14.692 -4.979  -8.845  1.00 34.49 ? 204  GLY A N   1 
ATOM   695  C CA  . GLY A 1 95  ? -13.936 -3.757  -8.573  1.00 33.50 ? 204  GLY A CA  1 
ATOM   696  C C   . GLY A 1 95  ? -13.532 -3.605  -7.117  1.00 33.28 ? 204  GLY A C   1 
ATOM   697  O O   . GLY A 1 95  ? -13.213 -2.505  -6.672  1.00 33.59 ? 204  GLY A O   1 
ATOM   698  N N   . ARG A 1 96  ? -13.535 -4.714  -6.379  1.00 33.10 ? 205  ARG A N   1 
ATOM   699  C CA  . ARG A 1 96  ? -13.272 -4.700  -4.942  1.00 32.85 ? 205  ARG A CA  1 
ATOM   700  C C   . ARG A 1 96  ? -12.214 -5.715  -4.524  1.00 32.02 ? 205  ARG A C   1 
ATOM   701  O O   . ARG A 1 96  ? -12.273 -6.884  -4.907  1.00 31.53 ? 205  ARG A O   1 
ATOM   702  C CB  . ARG A 1 96  ? -14.564 -4.959  -4.162  1.00 34.26 ? 205  ARG A CB  1 
ATOM   703  C CG  . ARG A 1 96  ? -15.609 -3.862  -4.287  1.00 35.88 ? 205  ARG A CG  1 
ATOM   704  C CD  . ARG A 1 96  ? -17.002 -4.370  -3.949  1.00 36.85 ? 205  ARG A CD  1 
ATOM   705  N NE  . ARG A 1 96  ? -17.226 -4.461  -2.508  1.00 37.91 ? 205  ARG A NE  1 
ATOM   706  C CZ  . ARG A 1 96  ? -17.138 -5.582  -1.798  1.00 38.74 ? 205  ARG A CZ  1 
ATOM   707  N NH1 . ARG A 1 96  ? -16.826 -6.734  -2.383  1.00 39.76 ? 205  ARG A NH1 1 
ATOM   708  N NH2 . ARG A 1 96  ? -17.365 -5.553  -0.492  1.00 38.81 ? 205  ARG A NH2 1 
ATOM   709  N N   . PHE A 1 97  ? -11.247 -5.246  -3.738  1.00 31.26 ? 206  PHE A N   1 
ATOM   710  C CA  . PHE A 1 97  ? -10.281 -6.108  -3.074  1.00 30.04 ? 206  PHE A CA  1 
ATOM   711  C C   . PHE A 1 97  ? -10.841 -6.497  -1.705  1.00 29.51 ? 206  PHE A C   1 
ATOM   712  O O   . PHE A 1 97  ? -11.200 -5.627  -0.911  1.00 29.05 ? 206  PHE A O   1 
ATOM   713  C CB  . PHE A 1 97  ? -8.943  -5.384  -2.888  1.00 30.03 ? 206  PHE A CB  1 
ATOM   714  C CG  . PHE A 1 97  ? -8.137  -5.227  -4.150  1.00 29.53 ? 206  PHE A CG  1 
ATOM   715  C CD1 . PHE A 1 97  ? -7.380  -6.285  -4.649  1.00 29.28 ? 206  PHE A CD1 1 
ATOM   716  C CD2 . PHE A 1 97  ? -8.098  -4.008  -4.818  1.00 29.38 ? 206  PHE A CD2 1 
ATOM   717  C CE1 . PHE A 1 97  ? -6.622  -6.137  -5.802  1.00 28.95 ? 206  PHE A CE1 1 
ATOM   718  C CE2 . PHE A 1 97  ? -7.340  -3.853  -5.972  1.00 29.18 ? 206  PHE A CE2 1 
ATOM   719  C CZ  . PHE A 1 97  ? -6.601  -4.919  -6.463  1.00 28.92 ? 206  PHE A CZ  1 
ATOM   720  N N   . THR A 1 98  ? -10.922 -7.801  -1.440  1.00 29.54 ? 207  THR A N   1 
ATOM   721  C CA  . THR A 1 98  ? -11.426 -8.315  -0.155  1.00 29.04 ? 207  THR A CA  1 
ATOM   722  C C   . THR A 1 98  ? -10.486 -9.329  0.489   1.00 29.13 ? 207  THR A C   1 
ATOM   723  O O   . THR A 1 98  ? -9.749  -10.039 -0.198  1.00 29.02 ? 207  THR A O   1 
ATOM   724  C CB  . THR A 1 98  ? -12.825 -8.967  -0.273  1.00 28.28 ? 207  THR A CB  1 
ATOM   725  O OG1 . THR A 1 98  ? -12.813 -9.960  -1.305  1.00 28.01 ? 207  THR A OG1 1 
ATOM   726  C CG2 . THR A 1 98  ? -13.894 -7.932  -0.576  1.00 28.14 ? 207  THR A CG2 1 
ATOM   727  N N   . ILE A 1 99  ? -10.525 -9.376  1.818   1.00 29.30 ? 208  ILE A N   1 
ATOM   728  C CA  . ILE A 1 99  ? -9.804  -10.365 2.617   1.00 29.67 ? 208  ILE A CA  1 
ATOM   729  C C   . ILE A 1 99  ? -10.758 -10.922 3.679   1.00 30.19 ? 208  ILE A C   1 
ATOM   730  O O   . ILE A 1 99  ? -11.803 -10.320 3.938   1.00 30.19 ? 208  ILE A O   1 
ATOM   731  C CB  . ILE A 1 99  ? -8.551  -9.760  3.303   1.00 29.50 ? 208  ILE A CB  1 
ATOM   732  C CG1 . ILE A 1 99  ? -8.904  -8.471  4.062   1.00 28.95 ? 208  ILE A CG1 1 
ATOM   733  C CG2 . ILE A 1 99  ? -7.439  -9.527  2.286   1.00 29.39 ? 208  ILE A CG2 1 
ATOM   734  C CD1 . ILE A 1 99  ? -7.922  -8.098  5.150   1.00 28.33 ? 208  ILE A CD1 1 
ATOM   735  N N   . PRO A 1 100 ? -10.423 -12.079 4.285   1.00 31.08 ? 209  PRO A N   1 
ATOM   736  C CA  . PRO A 1 100 ? -11.224 -12.503 5.434   1.00 31.88 ? 209  PRO A CA  1 
ATOM   737  C C   . PRO A 1 100 ? -11.035 -11.561 6.627   1.00 32.68 ? 209  PRO A C   1 
ATOM   738  O O   . PRO A 1 100 ? -9.902  -11.224 6.975   1.00 33.23 ? 209  PRO A O   1 
ATOM   739  C CB  . PRO A 1 100 ? -10.685 -13.905 5.752   1.00 31.28 ? 209  PRO A CB  1 
ATOM   740  C CG  . PRO A 1 100 ? -9.357  -13.985 5.085   1.00 31.02 ? 209  PRO A CG  1 
ATOM   741  C CD  . PRO A 1 100 ? -9.461  -13.116 3.871   1.00 31.36 ? 209  PRO A CD  1 
ATOM   742  N N   . THR A 1 101 ? -12.144 -11.130 7.228   1.00 33.12 ? 210  THR A N   1 
ATOM   743  C CA  . THR A 1 101 ? -12.111 -10.235 8.386   1.00 33.22 ? 210  THR A CA  1 
ATOM   744  C C   . THR A 1 101 ? -11.207 -10.803 9.482   1.00 33.45 ? 210  THR A C   1 
ATOM   745  O O   . THR A 1 101 ? -11.376 -11.945 9.911   1.00 33.72 ? 210  THR A O   1 
ATOM   746  C CB  . THR A 1 101 ? -13.529 -9.969  8.937   1.00 33.03 ? 210  THR A CB  1 
ATOM   747  O OG1 . THR A 1 101 ? -14.389 -9.547  7.873   1.00 32.41 ? 210  THR A OG1 1 
ATOM   748  C CG2 . THR A 1 101 ? -13.504 -8.889  10.011  1.00 32.92 ? 210  THR A CG2 1 
ATOM   749  N N   . GLY A 1 102 ? -10.236 -10.001 9.910   1.00 33.64 ? 211  GLY A N   1 
ATOM   750  C CA  . GLY A 1 102 ? -9.248  -10.427 10.899  1.00 33.92 ? 211  GLY A CA  1 
ATOM   751  C C   . GLY A 1 102 ? -7.841  -10.490 10.333  1.00 34.34 ? 211  GLY A C   1 
ATOM   752  O O   . GLY A 1 102 ? -6.863  -10.335 11.068  1.00 34.45 ? 211  GLY A O   1 
ATOM   753  N N   . ALA A 1 103 ? -7.745  -10.714 9.020   1.00 34.40 ? 212  ALA A N   1 
ATOM   754  C CA  . ALA A 1 103 ? -6.460  -10.844 8.329   1.00 34.14 ? 212  ALA A CA  1 
ATOM   755  C C   . ALA A 1 103 ? -5.699  -9.527  8.226   1.00 33.80 ? 212  ALA A C   1 
ATOM   756  O O   . ALA A 1 103 ? -4.474  -9.520  8.127   1.00 34.15 ? 212  ALA A O   1 
ATOM   757  C CB  . ALA A 1 103 ? -6.658  -11.449 6.948   1.00 34.48 ? 212  ALA A CB  1 
ATOM   758  N N   . GLY A 1 104 ? -6.432  -8.418  8.244   1.00 33.48 ? 213  GLY A N   1 
ATOM   759  C CA  . GLY A 1 104 ? -5.840  -7.089  8.180   1.00 32.39 ? 213  GLY A CA  1 
ATOM   760  C C   . GLY A 1 104 ? -6.311  -6.208  9.319   1.00 32.43 ? 213  GLY A C   1 
ATOM   761  O O   . GLY A 1 104 ? -7.457  -6.317  9.772   1.00 32.18 ? 213  GLY A O   1 
ATOM   762  N N   . GLY A 1 105 ? -5.419  -5.335  9.779   1.00 31.90 ? 214  GLY A N   1 
ATOM   763  C CA  . GLY A 1 105 ? -5.711  -4.414  10.871  1.00 31.62 ? 214  GLY A CA  1 
ATOM   764  C C   . GLY A 1 105 ? -4.675  -3.309  10.960  1.00 31.98 ? 214  GLY A C   1 
ATOM   765  O O   . GLY A 1 105 ? -3.832  -3.185  10.071  1.00 32.40 ? 214  GLY A O   1 
ATOM   766  N N   . PRO A 1 106 ? -4.735  -2.491  12.033  1.00 31.84 ? 215  PRO A N   1 
ATOM   767  C CA  . PRO A 1 106 ? -3.790  -1.396  12.248  1.00 31.38 ? 215  PRO A CA  1 
ATOM   768  C C   . PRO A 1 106 ? -2.331  -1.837  12.125  1.00 31.18 ? 215  PRO A C   1 
ATOM   769  O O   . PRO A 1 106 ? -1.906  -2.788  12.785  1.00 31.05 ? 215  PRO A O   1 
ATOM   770  C CB  . PRO A 1 106 ? -4.107  -0.950  13.674  1.00 31.60 ? 215  PRO A CB  1 
ATOM   771  C CG  . PRO A 1 106 ? -5.565  -1.221  13.809  1.00 31.53 ? 215  PRO A CG  1 
ATOM   772  C CD  . PRO A 1 106 ? -5.780  -2.514  13.076  1.00 31.49 ? 215  PRO A CD  1 
ATOM   773  N N   . GLY A 1 107 ? -1.587  -1.145  11.269  1.00 30.73 ? 216  GLY A N   1 
ATOM   774  C CA  . GLY A 1 107 ? -0.201  -1.491  10.986  1.00 30.47 ? 216  GLY A CA  1 
ATOM   775  C C   . GLY A 1 107 ? 0.000   -2.015  9.577   1.00 30.37 ? 216  GLY A C   1 
ATOM   776  O O   . GLY A 1 107 ? 1.132   -2.094  9.098   1.00 30.72 ? 216  GLY A O   1 
ATOM   777  N N   . ASP A 1 108 ? -1.097  -2.369  8.908   1.00 29.93 ? 217  ASP A N   1 
ATOM   778  C CA  . ASP A 1 108 ? -1.038  -2.948  7.562   1.00 29.58 ? 217  ASP A CA  1 
ATOM   779  C C   . ASP A 1 108 ? -1.123  -1.915  6.436   1.00 29.37 ? 217  ASP A C   1 
ATOM   780  O O   . ASP A 1 108 ? -0.848  -2.234  5.282   1.00 29.42 ? 217  ASP A O   1 
ATOM   781  C CB  . ASP A 1 108 ? -2.115  -4.026  7.387   1.00 29.48 ? 217  ASP A CB  1 
ATOM   782  C CG  . ASP A 1 108 ? -1.878  -5.238  8.268   1.00 29.28 ? 217  ASP A CG  1 
ATOM   783  O OD1 . ASP A 1 108 ? -0.727  -5.714  8.339   1.00 29.57 ? 217  ASP A OD1 1 
ATOM   784  O OD2 . ASP A 1 108 ? -2.844  -5.720  8.888   1.00 29.32 ? 217  ASP A OD2 1 
ATOM   785  N N   . SER A 1 109 ? -1.502  -0.684  6.774   1.00 29.39 ? 218  SER A N   1 
ATOM   786  C CA  . SER A 1 109 ? -1.523  0.409   5.807   1.00 29.40 ? 218  SER A CA  1 
ATOM   787  C C   . SER A 1 109 ? -0.162  0.605   5.151   1.00 29.60 ? 218  SER A C   1 
ATOM   788  O O   . SER A 1 109 ? 0.832   0.875   5.830   1.00 29.65 ? 218  SER A O   1 
ATOM   789  C CB  . SER A 1 109 ? -1.964  1.704   6.473   1.00 29.55 ? 218  SER A CB  1 
ATOM   790  O OG  . SER A 1 109 ? -3.367  1.741   6.623   1.00 30.43 ? 218  SER A OG  1 
ATOM   791  N N   . GLY A 1 110 ? -0.124  0.457   3.831   1.00 29.63 ? 219  GLY A N   1 
ATOM   792  C CA  . GLY A 1 110 ? 1.111   0.621   3.073   1.00 29.40 ? 219  GLY A CA  1 
ATOM   793  C C   . GLY A 1 110 ? 1.632   -0.653  2.443   1.00 29.21 ? 219  GLY A C   1 
ATOM   794  O O   . GLY A 1 110 ? 2.458   -0.604  1.528   1.00 29.71 ? 219  GLY A O   1 
ATOM   795  N N   . ARG A 1 111 ? 1.162   -1.793  2.946   1.00 28.48 ? 220  ARG A N   1 
ATOM   796  C CA  . ARG A 1 111 ? 1.494   -3.085  2.367   1.00 28.16 ? 220  ARG A CA  1 
ATOM   797  C C   . ARG A 1 111 ? 0.956   -3.165  0.938   1.00 28.12 ? 220  ARG A C   1 
ATOM   798  O O   . ARG A 1 111 ? -0.182  -2.765  0.680   1.00 27.93 ? 220  ARG A O   1 
ATOM   799  C CB  . ARG A 1 111 ? 0.922   -4.229  3.210   1.00 28.13 ? 220  ARG A CB  1 
ATOM   800  C CG  . ARG A 1 111 ? 1.526   -4.365  4.599   1.00 28.29 ? 220  ARG A CG  1 
ATOM   801  C CD  . ARG A 1 111 ? 1.115   -5.689  5.224   1.00 28.48 ? 220  ARG A CD  1 
ATOM   802  N NE  . ARG A 1 111 ? 1.493   -5.807  6.633   1.00 28.01 ? 220  ARG A NE  1 
ATOM   803  C CZ  . ARG A 1 111 ? 2.672   -6.242  7.071   1.00 27.98 ? 220  ARG A CZ  1 
ATOM   804  N NH1 . ARG A 1 111 ? 3.629   -6.595  6.218   1.00 27.51 ? 220  ARG A NH1 1 
ATOM   805  N NH2 . ARG A 1 111 ? 2.899   -6.318  8.375   1.00 28.03 ? 220  ARG A NH2 1 
ATOM   806  N N   . PRO A 1 112 ? 1.780   -3.664  0.000   1.00 28.33 ? 221  PRO A N   1 
ATOM   807  C CA  . PRO A 1 112 ? 1.318   -3.827  -1.374  1.00 28.37 ? 221  PRO A CA  1 
ATOM   808  C C   . PRO A 1 112 ? 0.522   -5.114  -1.580  1.00 28.61 ? 221  PRO A C   1 
ATOM   809  O O   . PRO A 1 112 ? 0.760   -6.112  -0.895  1.00 28.75 ? 221  PRO A O   1 
ATOM   810  C CB  . PRO A 1 112 ? 2.622   -3.883  -2.174  1.00 28.51 ? 221  PRO A CB  1 
ATOM   811  C CG  . PRO A 1 112 ? 3.619   -4.455  -1.224  1.00 28.39 ? 221  PRO A CG  1 
ATOM   812  C CD  . PRO A 1 112 ? 3.207   -4.016  0.155   1.00 28.35 ? 221  PRO A CD  1 
ATOM   813  N N   . ILE A 1 113 ? -0.426  -5.073  -2.513  1.00 28.71 ? 222  ILE A N   1 
ATOM   814  C CA  . ILE A 1 113 ? -1.107  -6.273  -2.986  1.00 28.38 ? 222  ILE A CA  1 
ATOM   815  C C   . ILE A 1 113 ? -0.450  -6.668  -4.308  1.00 28.48 ? 222  ILE A C   1 
ATOM   816  O O   . ILE A 1 113 ? -0.344  -5.851  -5.221  1.00 28.18 ? 222  ILE A O   1 
ATOM   817  C CB  . ILE A 1 113 ? -2.626  -6.051  -3.155  1.00 28.21 ? 222  ILE A CB  1 
ATOM   818  C CG1 . ILE A 1 113 ? -3.243  -5.551  -1.844  1.00 28.01 ? 222  ILE A CG1 1 
ATOM   819  C CG2 . ILE A 1 113 ? -3.312  -7.333  -3.599  1.00 28.16 ? 222  ILE A CG2 1 
ATOM   820  C CD1 . ILE A 1 113 ? -4.621  -4.942  -1.996  1.00 28.03 ? 222  ILE A CD1 1 
ATOM   821  N N   . LEU A 1 114 ? -0.001  -7.919  -4.388  1.00 29.06 ? 223  LEU A N   1 
ATOM   822  C CA  . LEU A 1 114 ? 0.808   -8.395  -5.510  1.00 29.41 ? 223  LEU A CA  1 
ATOM   823  C C   . LEU A 1 114 ? 0.146   -9.527  -6.294  1.00 29.83 ? 223  LEU A C   1 
ATOM   824  O O   . LEU A 1 114 ? -0.613  -10.317 -5.733  1.00 29.99 ? 223  LEU A O   1 
ATOM   825  C CB  . LEU A 1 114 ? 2.171   -8.890  -5.006  1.00 29.04 ? 223  LEU A CB  1 
ATOM   826  C CG  . LEU A 1 114 ? 3.036   -8.027  -4.087  1.00 28.87 ? 223  LEU A CG  1 
ATOM   827  C CD1 . LEU A 1 114 ? 4.104   -8.884  -3.430  1.00 28.98 ? 223  LEU A CD1 1 
ATOM   828  C CD2 . LEU A 1 114 ? 3.668   -6.870  -4.840  1.00 28.77 ? 223  LEU A CD2 1 
ATOM   829  N N   . ASP A 1 115 ? 0.449   -9.609  -7.589  1.00 30.15 ? 224  ASP A N   1 
ATOM   830  C CA  . ASP A 1 115 ? 0.129   -10.805 -8.365  1.00 30.47 ? 224  ASP A CA  1 
ATOM   831  C C   . ASP A 1 115 ? 1.240   -11.850 -8.199  1.00 30.75 ? 224  ASP A C   1 
ATOM   832  O O   . ASP A 1 115 ? 2.226   -11.605 -7.503  1.00 30.89 ? 224  ASP A O   1 
ATOM   833  C CB  . ASP A 1 115 ? -0.140  -10.472 -9.844  1.00 30.79 ? 224  ASP A CB  1 
ATOM   834  C CG  . ASP A 1 115 ? 1.028   -9.766  -10.533 1.00 31.17 ? 224  ASP A CG  1 
ATOM   835  O OD1 . ASP A 1 115 ? 2.104   -9.596  -9.925  1.00 31.82 ? 224  ASP A OD1 1 
ATOM   836  O OD2 . ASP A 1 115 ? 0.866   -9.379  -11.708 1.00 30.98 ? 224  ASP A OD2 1 
ATOM   837  N N   . ASN A 1 116 ? 1.077   -13.008 -8.830  1.00 31.18 ? 225  ASN A N   1 
ATOM   838  C CA  . ASN A 1 116 ? 2.043   -14.101 -8.699  1.00 31.86 ? 225  ASN A CA  1 
ATOM   839  C C   . ASN A 1 116 ? 3.407   -13.811 -9.331  1.00 32.45 ? 225  ASN A C   1 
ATOM   840  O O   . ASN A 1 116 ? 4.409   -14.438 -8.977  1.00 32.79 ? 225  ASN A O   1 
ATOM   841  C CB  . ASN A 1 116 ? 1.455   -15.409 -9.245  1.00 31.95 ? 225  ASN A CB  1 
ATOM   842  C CG  . ASN A 1 116 ? 0.200   -15.840 -8.508  1.00 32.01 ? 225  ASN A CG  1 
ATOM   843  O OD1 . ASN A 1 116 ? -0.277  -15.153 -7.606  1.00 32.88 ? 225  ASN A OD1 1 
ATOM   844  N ND2 . ASN A 1 116 ? -0.345  -16.979 -8.896  1.00 32.54 ? 225  ASN A ND2 1 
ATOM   845  N N   . SER A 1 117 ? 3.440   -12.857 -10.257 1.00 32.99 ? 226  SER A N   1 
ATOM   846  C CA  . SER A 1 117 ? 4.689   -12.421 -10.878 1.00 33.30 ? 226  SER A CA  1 
ATOM   847  C C   . SER A 1 117 ? 5.469   -11.447 -9.987  1.00 33.33 ? 226  SER A C   1 
ATOM   848  O O   . SER A 1 117 ? 6.602   -11.085 -10.303 1.00 33.81 ? 226  SER A O   1 
ATOM   849  C CB  . SER A 1 117 ? 4.419   -11.798 -12.251 1.00 33.59 ? 226  SER A CB  1 
ATOM   850  O OG  . SER A 1 117 ? 3.593   -10.653 -12.142 1.00 34.83 ? 226  SER A OG  1 
ATOM   851  N N   . GLY A 1 118 ? 4.853   -11.029 -8.881  1.00 33.19 ? 227  GLY A N   1 
ATOM   852  C CA  . GLY A 1 118 ? 5.491   -10.144 -7.907  1.00 32.25 ? 227  GLY A CA  1 
ATOM   853  C C   . GLY A 1 118 ? 5.332   -8.659  -8.184  1.00 32.13 ? 227  GLY A C   1 
ATOM   854  O O   . GLY A 1 118 ? 6.043   -7.835  -7.604  1.00 32.27 ? 227  GLY A O   1 
ATOM   855  N N   . LYS A 1 119 ? 4.399   -8.315  -9.068  1.00 31.83 ? 228  LYS A N   1 
ATOM   856  C CA  . LYS A 1 119 ? 4.123   -6.918  -9.401  1.00 31.86 ? 228  LYS A CA  1 
ATOM   857  C C   . LYS A 1 119 ? 2.993   -6.382  -8.541  1.00 31.25 ? 228  LYS A C   1 
ATOM   858  O O   . LYS A 1 119 ? 2.083   -7.126  -8.178  1.00 31.53 ? 228  LYS A O   1 
ATOM   859  C CB  . LYS A 1 119 ? 3.771   -6.767  -10.881 1.00 32.62 ? 228  LYS A CB  1 
ATOM   860  C CG  . LYS A 1 119 ? 4.946   -6.997  -11.815 1.00 33.48 ? 228  LYS A CG  1 
ATOM   861  C CD  . LYS A 1 119 ? 4.582   -6.684  -13.255 1.00 34.49 ? 228  LYS A CD  1 
ATOM   862  C CE  . LYS A 1 119 ? 5.690   -7.117  -14.203 1.00 35.23 ? 228  LYS A CE  1 
ATOM   863  N NZ  . LYS A 1 119 ? 7.001   -6.504  -13.844 1.00 35.96 ? 228  LYS A NZ  1 
ATOM   864  N N   . VAL A 1 120 ? 3.057   -5.092  -8.218  1.00 30.27 ? 229  VAL A N   1 
ATOM   865  C CA  . VAL A 1 120 ? 2.043   -4.456  -7.381  1.00 29.38 ? 229  VAL A CA  1 
ATOM   866  C C   . VAL A 1 120 ? 0.799   -4.152  -8.210  1.00 29.10 ? 229  VAL A C   1 
ATOM   867  O O   . VAL A 1 120 ? 0.900   -3.719  -9.363  1.00 28.68 ? 229  VAL A O   1 
ATOM   868  C CB  . VAL A 1 120 ? 2.575   -3.172  -6.695  1.00 29.06 ? 229  VAL A CB  1 
ATOM   869  C CG1 . VAL A 1 120 ? 1.498   -2.501  -5.855  1.00 28.81 ? 229  VAL A CG1 1 
ATOM   870  C CG2 . VAL A 1 120 ? 3.766   -3.492  -5.813  1.00 29.08 ? 229  VAL A CG2 1 
ATOM   871  N N   . VAL A 1 121 ? -0.367  -4.415  -7.620  1.00 28.78 ? 230  VAL A N   1 
ATOM   872  C CA  . VAL A 1 121 ? -1.653  -4.037  -8.206  1.00 28.16 ? 230  VAL A CA  1 
ATOM   873  C C   . VAL A 1 121 ? -2.341  -2.936  -7.393  1.00 27.98 ? 230  VAL A C   1 
ATOM   874  O O   . VAL A 1 121 ? -3.079  -2.124  -7.951  1.00 28.62 ? 230  VAL A O   1 
ATOM   875  C CB  . VAL A 1 121 ? -2.599  -5.249  -8.427  1.00 28.02 ? 230  VAL A CB  1 
ATOM   876  C CG1 . VAL A 1 121 ? -2.007  -6.218  -9.438  1.00 27.71 ? 230  VAL A CG1 1 
ATOM   877  C CG2 . VAL A 1 121 ? -2.918  -5.969  -7.123  1.00 27.99 ? 230  VAL A CG2 1 
ATOM   878  N N   . ALA A 1 122 ? -2.080  -2.905  -6.084  1.00 27.55 ? 231  ALA A N   1 
ATOM   879  C CA  . ALA A 1 122 ? -2.694  -1.926  -5.178  1.00 27.33 ? 231  ALA A CA  1 
ATOM   880  C C   . ALA A 1 122 ? -1.882  -1.686  -3.904  1.00 27.16 ? 231  ALA A C   1 
ATOM   881  O O   . ALA A 1 122 ? -1.043  -2.504  -3.527  1.00 27.21 ? 231  ALA A O   1 
ATOM   882  C CB  . ALA A 1 122 ? -4.114  -2.352  -4.823  1.00 27.21 ? 231  ALA A CB  1 
ATOM   883  N N   . ILE A 1 123 ? -2.146  -0.554  -3.251  1.00 27.20 ? 232  ILE A N   1 
ATOM   884  C CA  . ILE A 1 123 ? -1.590  -0.236  -1.933  1.00 26.82 ? 232  ILE A CA  1 
ATOM   885  C C   . ILE A 1 123 ? -2.733  -0.152  -0.925  1.00 26.74 ? 232  ILE A C   1 
ATOM   886  O O   . ILE A 1 123 ? -3.710  0.553   -1.154  1.00 27.04 ? 232  ILE A O   1 
ATOM   887  C CB  . ILE A 1 123 ? -0.801  1.099   -1.945  1.00 26.56 ? 232  ILE A CB  1 
ATOM   888  C CG1 . ILE A 1 123 ? 0.429   1.016   -2.868  1.00 26.47 ? 232  ILE A CG1 1 
ATOM   889  C CG2 . ILE A 1 123 ? -0.418  1.535   -0.534  1.00 26.25 ? 232  ILE A CG2 1 
ATOM   890  C CD1 . ILE A 1 123 ? 1.490   0.009   -2.462  1.00 26.47 ? 232  ILE A CD1 1 
ATOM   891  N N   . VAL A 1 124 ? -2.602  -0.875  0.185   1.00 26.61 ? 233  VAL A N   1 
ATOM   892  C CA  . VAL A 1 124 ? -3.640  -0.935  1.219   1.00 26.14 ? 233  VAL A CA  1 
ATOM   893  C C   . VAL A 1 124 ? -3.652  0.335   2.073   1.00 25.99 ? 233  VAL A C   1 
ATOM   894  O O   . VAL A 1 124 ? -2.605  0.780   2.547   1.00 25.93 ? 233  VAL A O   1 
ATOM   895  C CB  . VAL A 1 124 ? -3.459  -2.181  2.123   1.00 25.92 ? 233  VAL A CB  1 
ATOM   896  C CG1 . VAL A 1 124 ? -4.571  -2.277  3.161   1.00 25.85 ? 233  VAL A CG1 1 
ATOM   897  C CG2 . VAL A 1 124 ? -3.414  -3.449  1.284   1.00 25.69 ? 233  VAL A CG2 1 
ATOM   898  N N   . LEU A 1 125 ? -4.840  0.910   2.254   1.00 26.01 ? 234  LEU A N   1 
ATOM   899  C CA  . LEU A 1 125 ? -5.032  2.067   3.134   1.00 26.43 ? 234  LEU A CA  1 
ATOM   900  C C   . LEU A 1 125 ? -5.803  1.698   4.402   1.00 26.70 ? 234  LEU A C   1 
ATOM   901  O O   . LEU A 1 125 ? -5.593  2.289   5.461   1.00 26.74 ? 234  LEU A O   1 
ATOM   902  C CB  . LEU A 1 125 ? -5.775  3.195   2.412   1.00 26.31 ? 234  LEU A CB  1 
ATOM   903  C CG  . LEU A 1 125 ? -5.217  3.815   1.130   1.00 26.48 ? 234  LEU A CG  1 
ATOM   904  C CD1 . LEU A 1 125 ? -6.252  4.762   0.543   1.00 26.49 ? 234  LEU A CD1 1 
ATOM   905  C CD2 . LEU A 1 125 ? -3.899  4.536   1.372   1.00 26.74 ? 234  LEU A CD2 1 
ATOM   906  N N   . GLY A 1 126 ? -6.707  0.732   4.277   1.00 26.80 ? 235  GLY A N   1 
ATOM   907  C CA  . GLY A 1 126 ? -7.562  0.316   5.378   1.00 27.17 ? 235  GLY A CA  1 
ATOM   908  C C   . GLY A 1 126 ? -8.654  -0.614  4.898   1.00 27.68 ? 235  GLY A C   1 
ATOM   909  O O   . GLY A 1 126 ? -8.660  -1.018  3.734   1.00 28.35 ? 235  GLY A O   1 
ATOM   910  N N   . GLY A 1 127 ? -9.582  -0.954  5.787   1.00 27.73 ? 236  GLY A N   1 
ATOM   911  C CA  . GLY A 1 127 ? -10.655 -1.878  5.444   1.00 27.60 ? 236  GLY A CA  1 
ATOM   912  C C   . GLY A 1 127 ? -11.972 -1.631  6.152   1.00 28.07 ? 236  GLY A C   1 
ATOM   913  O O   . GLY A 1 127 ? -11.998 -1.197  7.305   1.00 28.10 ? 236  GLY A O   1 
ATOM   914  N N   . ALA A 1 128 ? -13.063 -1.916  5.444   1.00 28.57 ? 237  ALA A N   1 
ATOM   915  C CA  . ALA A 1 128 ? -14.413 -1.852  5.989   1.00 28.84 ? 237  ALA A CA  1 
ATOM   916  C C   . ALA A 1 128 ? -14.916 -3.258  6.312   1.00 29.55 ? 237  ALA A C   1 
ATOM   917  O O   . ALA A 1 128 ? -14.952 -4.123  5.440   1.00 29.77 ? 237  ALA A O   1 
ATOM   918  C CB  . ALA A 1 128 ? -15.343 -1.175  4.997   1.00 28.58 ? 237  ALA A CB  1 
ATOM   919  N N   . ASN A 1 129 ? -15.299 -3.477  7.567   1.00 30.36 ? 238  ASN A N   1 
ATOM   920  C CA  . ASN A 1 129 ? -15.786 -4.778  8.021   1.00 31.18 ? 238  ASN A CA  1 
ATOM   921  C C   . ASN A 1 129 ? -17.205 -5.073  7.531   1.00 32.13 ? 238  ASN A C   1 
ATOM   922  O O   . ASN A 1 129 ? -18.145 -4.325  7.821   1.00 31.84 ? 238  ASN A O   1 
ATOM   923  C CB  . ASN A 1 129 ? -15.712 -4.864  9.552   1.00 31.45 ? 238  ASN A CB  1 
ATOM   924  C CG  . ASN A 1 129 ? -16.070 -6.238  10.090  1.00 31.39 ? 238  ASN A CG  1 
ATOM   925  O OD1 . ASN A 1 129 ? -16.340 -7.172  9.336   1.00 32.39 ? 238  ASN A OD1 1 
ATOM   926  N ND2 . ASN A 1 129 ? -16.071 -6.367  11.409  1.00 31.42 ? 238  ASN A ND2 1 
ATOM   927  N N   . GLU A 1 130 ? -17.346 -6.170  6.790   1.00 33.15 ? 239  GLU A N   1 
ATOM   928  C CA  . GLU A 1 130 ? -18.639 -6.583  6.242   1.00 34.53 ? 239  GLU A CA  1 
ATOM   929  C C   . GLU A 1 130 ? -19.074 -7.943  6.788   1.00 35.16 ? 239  GLU A C   1 
ATOM   930  O O   . GLU A 1 130 ? -19.790 -8.695  6.120   1.00 35.51 ? 239  GLU A O   1 
ATOM   931  C CB  . GLU A 1 130 ? -18.585 -6.622  4.713   1.00 34.96 ? 239  GLU A CB  1 
ATOM   932  C CG  . GLU A 1 130 ? -18.209 -5.302  4.064   1.00 36.01 ? 239  GLU A CG  1 
ATOM   933  C CD  . GLU A 1 130 ? -18.055 -5.405  2.560   1.00 36.73 ? 239  GLU A CD  1 
ATOM   934  O OE1 . GLU A 1 130 ? -18.099 -6.533  2.018   1.00 37.06 ? 239  GLU A OE1 1 
ATOM   935  O OE2 . GLU A 1 130 ? -17.885 -4.350  1.913   1.00 37.41 ? 239  GLU A OE2 1 
ATOM   936  N N   . GLY A 1 131 ? -18.643 -8.246  8.008   1.00 35.91 ? 240  GLY A N   1 
ATOM   937  C CA  . GLY A 1 131 ? -18.939 -9.527  8.634   1.00 36.54 ? 240  GLY A CA  1 
ATOM   938  C C   . GLY A 1 131 ? -17.832 -10.525 8.371   1.00 37.31 ? 240  GLY A C   1 
ATOM   939  O O   . GLY A 1 131 ? -16.783 -10.477 9.019   1.00 38.20 ? 240  GLY A O   1 
ATOM   940  N N   . ALA A 1 132 ? -18.066 -11.419 7.413   1.00 36.88 ? 241  ALA A N   1 
ATOM   941  C CA  . ALA A 1 132 ? -17.098 -12.451 7.050   1.00 36.15 ? 241  ALA A CA  1 
ATOM   942  C C   . ALA A 1 132 ? -15.916 -11.887 6.265   1.00 35.97 ? 241  ALA A C   1 
ATOM   943  O O   . ALA A 1 132 ? -14.773 -12.291 6.490   1.00 36.16 ? 241  ALA A O   1 
ATOM   944  C CB  . ALA A 1 132 ? -17.776 -13.564 6.266   1.00 36.54 ? 241  ALA A CB  1 
ATOM   945  N N   . ARG A 1 133 ? -16.194 -10.958 5.350   1.00 35.52 ? 242  ARG A N   1 
ATOM   946  C CA  . ARG A 1 133 ? -15.149 -10.352 4.520   1.00 34.59 ? 242  ARG A CA  1 
ATOM   947  C C   . ARG A 1 133 ? -14.921 -8.877  4.838   1.00 33.34 ? 242  ARG A C   1 
ATOM   948  O O   . ARG A 1 133 ? -15.820 -8.187  5.319   1.00 32.85 ? 242  ARG A O   1 
ATOM   949  C CB  . ARG A 1 133 ? -15.453 -10.510 3.023   1.00 35.62 ? 242  ARG A CB  1 
ATOM   950  C CG  . ARG A 1 133 ? -15.802 -11.920 2.578   1.00 36.76 ? 242  ARG A CG  1 
ATOM   951  C CD  . ARG A 1 133 ? -15.026 -12.313 1.336   1.00 37.35 ? 242  ARG A CD  1 
ATOM   952  N NE  . ARG A 1 133 ? -13.768 -12.968 1.693   1.00 38.53 ? 242  ARG A NE  1 
ATOM   953  C CZ  . ARG A 1 133 ? -12.697 -13.043 0.907   1.00 38.51 ? 242  ARG A CZ  1 
ATOM   954  N NH1 . ARG A 1 133 ? -12.701 -12.494 -0.301  1.00 38.82 ? 242  ARG A NH1 1 
ATOM   955  N NH2 . ARG A 1 133 ? -11.609 -13.666 1.336   1.00 38.25 ? 242  ARG A NH2 1 
ATOM   956  N N   . THR A 1 134 ? -13.705 -8.415  4.565   1.00 31.88 ? 243  THR A N   1 
ATOM   957  C CA  . THR A 1 134 ? -13.347 -7.012  4.718   1.00 30.63 ? 243  THR A CA  1 
ATOM   958  C C   . THR A 1 134 ? -12.927 -6.452  3.362   1.00 30.25 ? 243  THR A C   1 
ATOM   959  O O   . THR A 1 134 ? -11.953 -6.914  2.764   1.00 30.16 ? 243  THR A O   1 
ATOM   960  C CB  . THR A 1 134 ? -12.215 -6.823  5.751   1.00 30.40 ? 243  THR A CB  1 
ATOM   961  O OG1 . THR A 1 134 ? -12.665 -7.256  7.038   1.00 30.57 ? 243  THR A OG1 1 
ATOM   962  C CG2 . THR A 1 134 ? -11.800 -5.367  5.845   1.00 29.95 ? 243  THR A CG2 1 
ATOM   963  N N   . ALA A 1 135 ? -13.679 -5.467  2.879   1.00 29.75 ? 244  ALA A N   1 
ATOM   964  C CA  . ALA A 1 135 ? -13.345 -4.767  1.647   1.00 28.99 ? 244  ALA A CA  1 
ATOM   965  C C   . ALA A 1 135 ? -12.226 -3.769  1.913   1.00 28.56 ? 244  ALA A C   1 
ATOM   966  O O   . ALA A 1 135 ? -12.343 -2.913  2.790   1.00 28.47 ? 244  ALA A O   1 
ATOM   967  C CB  . ALA A 1 135 ? -14.571 -4.066  1.086   1.00 28.96 ? 244  ALA A CB  1 
ATOM   968  N N   . LEU A 1 136 ? -11.139 -3.890  1.157   1.00 28.35 ? 245  LEU A N   1 
ATOM   969  C CA  . LEU A 1 136 ? -9.963  -3.044  1.350   1.00 28.02 ? 245  LEU A CA  1 
ATOM   970  C C   . LEU A 1 136 ? -10.041 -1.715  0.606   1.00 28.03 ? 245  LEU A C   1 
ATOM   971  O O   . LEU A 1 136 ? -10.346 -1.681  -0.591  1.00 28.21 ? 245  LEU A O   1 
ATOM   972  C CB  . LEU A 1 136 ? -8.685  -3.777  0.919   1.00 27.47 ? 245  LEU A CB  1 
ATOM   973  C CG  . LEU A 1 136 ? -8.271  -5.075  1.614   1.00 27.35 ? 245  LEU A CG  1 
ATOM   974  C CD1 . LEU A 1 136 ? -6.992  -5.606  0.989   1.00 27.38 ? 245  LEU A CD1 1 
ATOM   975  C CD2 . LEU A 1 136 ? -8.088  -4.875  3.108   1.00 27.04 ? 245  LEU A CD2 1 
ATOM   976  N N   . SER A 1 137 ? -9.770  -0.629  1.327   1.00 27.81 ? 246  SER A N   1 
ATOM   977  C CA  A SER A 1 137 ? -9.585  0.671   0.697   0.50 27.82 ? 246  SER A CA  1 
ATOM   978  C CA  B SER A 1 137 ? -9.580  0.682   0.717   0.50 27.85 ? 246  SER A CA  1 
ATOM   979  C C   . SER A 1 137 ? -8.162  0.759   0.160   1.00 27.77 ? 246  SER A C   1 
ATOM   980  O O   . SER A 1 137 ? -7.192  0.536   0.890   1.00 27.60 ? 246  SER A O   1 
ATOM   981  C CB  A SER A 1 137 ? -9.884  1.804   1.675   0.50 27.83 ? 246  SER A CB  1 
ATOM   982  C CB  B SER A 1 137 ? -9.816  1.793   1.741   0.50 27.91 ? 246  SER A CB  1 
ATOM   983  O OG  A SER A 1 137 ? -11.278 1.895   1.917   0.50 27.90 ? 246  SER A OG  1 
ATOM   984  O OG  B SER A 1 137 ? -9.497  3.064   1.203   0.50 28.09 ? 246  SER A OG  1 
ATOM   985  N N   . VAL A 1 138 ? -8.043  1.060   -1.130  1.00 27.88 ? 247  VAL A N   1 
ATOM   986  C CA  . VAL A 1 138 ? -6.744  1.009   -1.802  1.00 27.90 ? 247  VAL A CA  1 
ATOM   987  C C   . VAL A 1 138 ? -6.431  2.213   -2.680  1.00 28.37 ? 247  VAL A C   1 
ATOM   988  O O   . VAL A 1 138 ? -7.294  3.043   -2.954  1.00 28.32 ? 247  VAL A O   1 
ATOM   989  C CB  . VAL A 1 138 ? -6.576  -0.285  -2.651  1.00 27.55 ? 247  VAL A CB  1 
ATOM   990  C CG1 . VAL A 1 138 ? -6.410  -1.509  -1.760  1.00 27.25 ? 247  VAL A CG1 1 
ATOM   991  C CG2 . VAL A 1 138 ? -7.735  -0.468  -3.622  1.00 27.27 ? 247  VAL A CG2 1 
ATOM   992  N N   . VAL A 1 139 ? -5.168  2.294   -3.096  1.00 29.45 ? 248  VAL A N   1 
ATOM   993  C CA  . VAL A 1 139 ? -4.745  3.196   -4.158  1.00 30.12 ? 248  VAL A CA  1 
ATOM   994  C C   . VAL A 1 139 ? -4.263  2.347   -5.335  1.00 30.68 ? 248  VAL A C   1 
ATOM   995  O O   . VAL A 1 139 ? -3.404  1.474   -5.180  1.00 30.17 ? 248  VAL A O   1 
ATOM   996  C CB  . VAL A 1 139 ? -3.628  4.165   -3.709  1.00 30.03 ? 248  VAL A CB  1 
ATOM   997  C CG1 . VAL A 1 139 ? -3.323  5.177   -4.804  1.00 29.77 ? 248  VAL A CG1 1 
ATOM   998  C CG2 . VAL A 1 139 ? -4.026  4.890   -2.435  1.00 30.31 ? 248  VAL A CG2 1 
ATOM   999  N N   . THR A 1 140 ? -4.854  2.595   -6.500  1.00 31.52 ? 249  THR A N   1 
ATOM   1000 C CA  . THR A 1 140 ? -4.457  1.945   -7.742  1.00 32.34 ? 249  THR A CA  1 
ATOM   1001 C C   . THR A 1 140 ? -4.070  3.018   -8.758  1.00 33.14 ? 249  THR A C   1 
ATOM   1002 O O   . THR A 1 140 ? -4.269  4.209   -8.510  1.00 33.42 ? 249  THR A O   1 
ATOM   1003 C CB  . THR A 1 140 ? -5.587  1.060   -8.314  1.00 32.24 ? 249  THR A CB  1 
ATOM   1004 O OG1 . THR A 1 140 ? -6.796  1.821   -8.407  1.00 32.33 ? 249  THR A OG1 1 
ATOM   1005 C CG2 . THR A 1 140 ? -5.832  -0.151  -7.427  1.00 32.00 ? 249  THR A CG2 1 
ATOM   1006 N N   . TRP A 1 141 ? -3.500  2.599   -9.883  1.00 34.15 ? 250  TRP A N   1 
ATOM   1007 C CA  . TRP A 1 141 ? -3.150  3.519   -10.963 1.00 35.33 ? 250  TRP A CA  1 
ATOM   1008 C C   . TRP A 1 141 ? -3.676  2.997   -12.293 1.00 36.21 ? 250  TRP A C   1 
ATOM   1009 O O   . TRP A 1 141 ? -3.476  1.826   -12.627 1.00 36.68 ? 250  TRP A O   1 
ATOM   1010 C CB  . TRP A 1 141 ? -1.635  3.729   -11.032 1.00 35.28 ? 250  TRP A CB  1 
ATOM   1011 C CG  . TRP A 1 141 ? -1.088  4.525   -9.885  1.00 35.62 ? 250  TRP A CG  1 
ATOM   1012 C CD1 . TRP A 1 141 ? -0.850  5.869   -9.862  1.00 35.59 ? 250  TRP A CD1 1 
ATOM   1013 C CD2 . TRP A 1 141 ? -0.713  4.030   -8.591  1.00 35.73 ? 250  TRP A CD2 1 
ATOM   1014 N NE1 . TRP A 1 141 ? -0.351  6.243   -8.638  1.00 35.78 ? 250  TRP A NE1 1 
ATOM   1015 C CE2 . TRP A 1 141 ? -0.255  5.133   -7.838  1.00 35.78 ? 250  TRP A CE2 1 
ATOM   1016 C CE3 . TRP A 1 141 ? -0.718  2.761   -7.995  1.00 35.55 ? 250  TRP A CE3 1 
ATOM   1017 C CZ2 . TRP A 1 141 ? 0.193   5.007   -6.520  1.00 35.76 ? 250  TRP A CZ2 1 
ATOM   1018 C CZ3 . TRP A 1 141 ? -0.273  2.636   -6.681  1.00 35.28 ? 250  TRP A CZ3 1 
ATOM   1019 C CH2 . TRP A 1 141 ? 0.177   3.753   -5.960  1.00 35.43 ? 250  TRP A CH2 1 
ATOM   1020 N N   . ASN A 1 142 ? -4.356  3.864   -13.042 1.00 36.51 ? 251  ASN A N   1 
ATOM   1021 C CA  . ASN A 1 142 ? -4.876  3.496   -14.358 1.00 36.90 ? 251  ASN A CA  1 
ATOM   1022 C C   . ASN A 1 142 ? -3.789  3.521   -15.433 1.00 37.44 ? 251  ASN A C   1 
ATOM   1023 O O   . ASN A 1 142 ? -2.630  3.832   -15.143 1.00 37.88 ? 251  ASN A O   1 
ATOM   1024 C CB  . ASN A 1 142 ? -6.083  4.371   -14.749 1.00 36.84 ? 251  ASN A CB  1 
ATOM   1025 C CG  . ASN A 1 142 ? -5.718  5.830   -14.992 1.00 36.51 ? 251  ASN A CG  1 
ATOM   1026 O OD1 . ASN A 1 142 ? -4.547  6.210   -14.999 1.00 36.92 ? 251  ASN A OD1 1 
ATOM   1027 N ND2 . ASN A 1 142 ? -6.735  6.655   -15.202 1.00 36.36 ? 251  ASN A ND2 1 
ATOM   1028 N N   . LYS A 1 143 ? -4.169  3.199   -16.667 1.00 37.80 ? 252  LYS A N   1 
ATOM   1029 C CA  . LYS A 1 143 ? -3.232  3.153   -17.791 1.00 38.16 ? 252  LYS A CA  1 
ATOM   1030 C C   . LYS A 1 143 ? -2.618  4.519   -18.123 1.00 38.61 ? 252  LYS A C   1 
ATOM   1031 O O   . LYS A 1 143 ? -1.519  4.592   -18.674 1.00 39.34 ? 252  LYS A O   1 
ATOM   1032 C CB  . LYS A 1 143 ? -3.907  2.542   -19.023 1.00 38.14 ? 252  LYS A CB  1 
ATOM   1033 C CG  . LYS A 1 143 ? -4.532  1.182   -18.762 1.00 38.68 ? 252  LYS A CG  1 
ATOM   1034 C CD  . LYS A 1 143 ? -5.087  0.556   -20.030 1.00 39.26 ? 252  LYS A CD  1 
ATOM   1035 C CE  . LYS A 1 143 ? -5.984  -0.635  -19.716 1.00 40.70 ? 252  LYS A CE  1 
ATOM   1036 N NZ  . LYS A 1 143 ? -5.308  -1.721  -18.946 1.00 41.26 ? 252  LYS A NZ  1 
ATOM   1037 N N   . LYS A 1 144 ? -3.328  5.593   -17.774 1.00 39.58 ? 253  LYS A N   1 
ATOM   1038 C CA  . LYS A 1 144 ? -2.851  6.967   -17.971 1.00 39.16 ? 253  LYS A CA  1 
ATOM   1039 C C   . LYS A 1 144 ? -1.810  7.367   -16.927 1.00 38.17 ? 253  LYS A C   1 
ATOM   1040 O O   . LYS A 1 144 ? -1.141  8.390   -17.072 1.00 38.07 ? 253  LYS A O   1 
ATOM   1041 C CB  . LYS A 1 144 ? -4.020  7.958   -17.923 1.00 40.71 ? 253  LYS A CB  1 
ATOM   1042 C CG  . LYS A 1 144 ? -5.071  7.766   -19.004 1.00 42.78 ? 253  LYS A CG  1 
ATOM   1043 C CD  . LYS A 1 144 ? -6.249  8.707   -18.791 1.00 44.46 ? 253  LYS A CD  1 
ATOM   1044 C CE  . LYS A 1 144 ? -7.426  8.350   -19.690 1.00 45.90 ? 253  LYS A CE  1 
ATOM   1045 N NZ  . LYS A 1 144 ? -7.179  8.657   -21.128 1.00 46.80 ? 253  LYS A NZ  1 
ATOM   1046 N N   . GLY A 1 145 ? -1.685  6.558   -15.876 1.00 37.79 ? 254  GLY A N   1 
ATOM   1047 C CA  . GLY A 1 145 ? -0.754  6.829   -14.781 1.00 36.79 ? 254  GLY A CA  1 
ATOM   1048 C C   . GLY A 1 145 ? -1.398  7.584   -13.634 1.00 36.23 ? 254  GLY A C   1 
ATOM   1049 O O   . GLY A 1 145 ? -0.738  7.915   -12.646 1.00 35.67 ? 254  GLY A O   1 
ATOM   1050 N N   . ALA A 1 146 ? -2.696  7.852   -13.773 1.00 35.95 ? 255  ALA A N   1 
ATOM   1051 C CA  . ALA A 1 146 ? -3.467  8.582   -12.777 1.00 35.58 ? 255  ALA A CA  1 
ATOM   1052 C C   . ALA A 1 146 ? -3.812  7.693   -11.586 1.00 35.71 ? 255  ALA A C   1 
ATOM   1053 O O   . ALA A 1 146 ? -4.195  6.532   -11.757 1.00 35.24 ? 255  ALA A O   1 
ATOM   1054 C CB  . ALA A 1 146 ? -4.733  9.140   -13.408 1.00 35.82 ? 255  ALA A CB  1 
ATOM   1055 N N   . ALA A 1 147 ? -3.670  8.251   -10.384 1.00 35.58 ? 256  ALA A N   1 
ATOM   1056 C CA  . ALA A 1 147 ? -3.964  7.538   -9.143  1.00 35.31 ? 256  ALA A CA  1 
ATOM   1057 C C   . ALA A 1 147 ? -5.461  7.504   -8.874  1.00 35.26 ? 256  ALA A C   1 
ATOM   1058 O O   . ALA A 1 147 ? -6.166  8.473   -9.142  1.00 36.32 ? 256  ALA A O   1 
ATOM   1059 C CB  . ALA A 1 147 ? -3.231  8.180   -7.975  1.00 35.37 ? 256  ALA A CB  1 
ATOM   1060 N N   . ILE A 1 148 ? -5.940  6.379   -8.352  1.00 34.93 ? 257  ILE A N   1 
ATOM   1061 C CA  . ILE A 1 148 ? -7.350  6.224   -8.002  1.00 34.98 ? 257  ILE A CA  1 
ATOM   1062 C C   . ILE A 1 148 ? -7.466  5.699   -6.574  1.00 35.16 ? 257  ILE A C   1 
ATOM   1063 O O   . ILE A 1 148 ? -6.927  4.641   -6.250  1.00 35.67 ? 257  ILE A O   1 
ATOM   1064 C CB  . ILE A 1 148 ? -8.091  5.255   -8.959  1.00 34.95 ? 257  ILE A CB  1 
ATOM   1065 C CG1 . ILE A 1 148 ? -7.835  5.615   -10.428 1.00 34.64 ? 257  ILE A CG1 1 
ATOM   1066 C CG2 . ILE A 1 148 ? -9.589  5.249   -8.666  1.00 34.89 ? 257  ILE A CG2 1 
ATOM   1067 C CD1 . ILE A 1 148 ? -7.951  4.442   -11.376 1.00 34.56 ? 257  ILE A CD1 1 
ATOM   1068 N N   . LYS A 1 149 ? -8.160  6.446   -5.721  1.00 35.62 ? 258  LYS A N   1 
ATOM   1069 C CA  . LYS A 1 149 ? -8.445  5.984   -4.371  1.00 35.52 ? 258  LYS A CA  1 
ATOM   1070 C C   . LYS A 1 149 ? -9.831  5.356   -4.327  1.00 35.89 ? 258  LYS A C   1 
ATOM   1071 O O   . LYS A 1 149 ? -10.828 6.000   -4.658  1.00 35.65 ? 258  LYS A O   1 
ATOM   1072 C CB  . LYS A 1 149 ? -8.333  7.125   -3.361  1.00 35.59 ? 258  LYS A CB  1 
ATOM   1073 C CG  . LYS A 1 149 ? -8.344  6.666   -1.910  1.00 35.77 ? 258  LYS A CG  1 
ATOM   1074 C CD  . LYS A 1 149 ? -8.023  7.808   -0.961  1.00 36.25 ? 258  LYS A CD  1 
ATOM   1075 C CE  . LYS A 1 149 ? -9.261  8.602   -0.579  1.00 36.41 ? 258  LYS A CE  1 
ATOM   1076 N NZ  . LYS A 1 149 ? -9.985  7.958   0.548   1.00 36.69 ? 258  LYS A NZ  1 
ATOM   1077 N N   . THR A 1 150 ? -9.876  4.088   -3.929  1.00 36.43 ? 259  THR A N   1 
ATOM   1078 C CA  . THR A 1 150 ? -11.127 3.363   -3.776  1.00 37.51 ? 259  THR A CA  1 
ATOM   1079 C C   . THR A 1 150 ? -11.450 3.247   -2.294  1.00 38.65 ? 259  THR A C   1 
ATOM   1080 O O   . THR A 1 150 ? -10.852 2.446   -1.581  1.00 39.15 ? 259  THR A O   1 
ATOM   1081 C CB  . THR A 1 150 ? -11.052 1.963   -4.421  1.00 37.33 ? 259  THR A CB  1 
ATOM   1082 O OG1 . THR A 1 150 ? -10.593 2.086   -5.772  1.00 37.64 ? 259  THR A OG1 1 
ATOM   1083 C CG2 . THR A 1 150 ? -12.417 1.279   -4.411  1.00 36.76 ? 259  THR A CG2 1 
ATOM   1084 N N   . THR A 1 151 ? -12.390 4.066   -1.837  1.00 39.79 ? 260  THR A N   1 
ATOM   1085 C CA  . THR A 1 151 ? -12.813 4.064   -0.444  1.00 40.81 ? 260  THR A CA  1 
ATOM   1086 C C   . THR A 1 151 ? -14.190 3.424   -0.316  1.00 40.82 ? 260  THR A C   1 
ATOM   1087 O O   . THR A 1 151 ? -15.108 3.743   -1.077  1.00 41.45 ? 260  THR A O   1 
ATOM   1088 C CB  . THR A 1 151 ? -12.841 5.492   0.133   1.00 41.49 ? 260  THR A CB  1 
ATOM   1089 O OG1 . THR A 1 151 ? -11.567 6.109   -0.075  1.00 42.88 ? 260  THR A OG1 1 
ATOM   1090 C CG2 . THR A 1 151 ? -13.150 5.479   1.629   1.00 41.97 ? 260  THR A CG2 1 
ATOM   1091 N N   . HIS A 1 152 ? -14.317 2.517   0.648   1.00 40.16 ? 261  HIS A N   1 
ATOM   1092 C CA  . HIS A 1 152 ? -15.578 1.848   0.928   1.00 39.43 ? 261  HIS A CA  1 
ATOM   1093 C C   . HIS A 1 152 ? -16.286 2.502   2.108   1.00 39.98 ? 261  HIS A C   1 
ATOM   1094 O O   . HIS A 1 152 ? -15.659 3.196   2.913   1.00 39.86 ? 261  HIS A O   1 
ATOM   1095 C CB  . HIS A 1 152 ? -15.342 0.361   1.198   1.00 38.73 ? 261  HIS A CB  1 
ATOM   1096 C CG  . HIS A 1 152 ? -14.681 -0.359  0.063   1.00 37.84 ? 261  HIS A CG  1 
ATOM   1097 N ND1 . HIS A 1 152 ? -15.351 -0.702  -1.092  1.00 37.72 ? 261  HIS A ND1 1 
ATOM   1098 C CD2 . HIS A 1 152 ? -13.410 -0.794  -0.096  1.00 37.49 ? 261  HIS A CD2 1 
ATOM   1099 C CE1 . HIS A 1 152 ? -14.521 -1.321  -1.913  1.00 37.25 ? 261  HIS A CE1 1 
ATOM   1100 N NE2 . HIS A 1 152 ? -13.338 -1.390  -1.333  1.00 37.36 ? 261  HIS A NE2 1 
ATOM   1101 N N   . GLU A 1 153 ? -17.598 2.282   2.188   1.00 40.29 ? 262  GLU A N   1 
ATOM   1102 C CA  . GLU A 1 153 ? -18.429 2.781   3.279   1.00 40.85 ? 262  GLU A CA  1 
ATOM   1103 C C   . GLU A 1 153 ? -17.916 2.273   4.628   1.00 40.31 ? 262  GLU A C   1 
ATOM   1104 O O   . GLU A 1 153 ? -17.731 1.070   4.809   1.00 41.07 ? 262  GLU A O   1 
ATOM   1105 C CB  . GLU A 1 153 ? -19.882 2.344   3.054   1.00 42.18 ? 262  GLU A CB  1 
ATOM   1106 C CG  . GLU A 1 153 ? -20.871 2.739   4.144   1.00 43.97 ? 262  GLU A CG  1 
ATOM   1107 C CD  . GLU A 1 153 ? -22.146 1.903   4.122   1.00 45.61 ? 262  GLU A CD  1 
ATOM   1108 O OE1 . GLU A 1 153 ? -22.369 1.145   3.150   1.00 45.33 ? 262  GLU A OE1 1 
ATOM   1109 O OE2 . GLU A 1 153 ? -22.935 2.001   5.089   1.00 46.49 ? 262  GLU A OE2 1 
ATOM   1110 N N   . ASP A 1 154 ? -17.681 3.197   5.559   1.00 39.28 ? 263  ASP A N   1 
ATOM   1111 C CA  . ASP A 1 154 ? -17.191 2.883   6.908   1.00 38.20 ? 263  ASP A CA  1 
ATOM   1112 C C   . ASP A 1 154 ? -15.824 2.190   6.910   1.00 36.98 ? 263  ASP A C   1 
ATOM   1113 O O   . ASP A 1 154 ? -15.653 1.125   7.505   1.00 36.72 ? 263  ASP A O   1 
ATOM   1114 C CB  . ASP A 1 154 ? -18.223 2.059   7.701   1.00 39.37 ? 263  ASP A CB  1 
ATOM   1115 C CG  . ASP A 1 154 ? -19.446 2.871   8.106   1.00 40.14 ? 263  ASP A CG  1 
ATOM   1116 O OD1 . ASP A 1 154 ? -19.297 4.066   8.447   1.00 40.48 ? 263  ASP A OD1 1 
ATOM   1117 O OD2 . ASP A 1 154 ? -20.558 2.301   8.098   1.00 40.15 ? 263  ASP A OD2 1 
ATOM   1118 N N   . THR A 1 155 ? -14.857 2.808   6.239   1.00 35.83 ? 264  THR A N   1 
ATOM   1119 C CA  . THR A 1 155 ? -13.485 2.303   6.205   1.00 34.69 ? 264  THR A CA  1 
ATOM   1120 C C   . THR A 1 155 ? -12.749 2.654   7.497   1.00 33.76 ? 264  THR A C   1 
ATOM   1121 O O   . THR A 1 155 ? -12.848 3.775   7.991   1.00 33.63 ? 264  THR A O   1 
ATOM   1122 C CB  . THR A 1 155 ? -12.705 2.858   4.988   1.00 34.70 ? 264  THR A CB  1 
ATOM   1123 O OG1 . THR A 1 155 ? -13.189 2.246   3.787   1.00 35.07 ? 264  THR A OG1 1 
ATOM   1124 C CG2 . THR A 1 155 ? -11.208 2.586   5.111   1.00 34.55 ? 264  THR A CG2 1 
ATOM   1125 N N   . VAL A 1 156 ? -12.024 1.683   8.038   1.00 32.98 ? 265  VAL A N   1 
ATOM   1126 C CA  . VAL A 1 156 ? -11.120 1.925   9.150   1.00 32.61 ? 265  VAL A CA  1 
ATOM   1127 C C   . VAL A 1 156 ? -9.706  2.076   8.595   1.00 32.88 ? 265  VAL A C   1 
ATOM   1128 O O   . VAL A 1 156 ? -9.203  1.175   7.923   1.00 32.84 ? 265  VAL A O   1 
ATOM   1129 C CB  . VAL A 1 156 ? -11.157 0.777   10.186  1.00 32.36 ? 265  VAL A CB  1 
ATOM   1130 C CG1 . VAL A 1 156 ? -10.320 1.130   11.409  1.00 32.06 ? 265  VAL A CG1 1 
ATOM   1131 C CG2 . VAL A 1 156 ? -12.588 0.463   10.598  1.00 32.09 ? 265  VAL A CG2 1 
ATOM   1132 N N   . GLU A 1 157 ? -9.083  3.223   8.859   1.00 33.27 ? 266  GLU A N   1 
ATOM   1133 C CA  . GLU A 1 157 ? -7.669  3.437   8.544   1.00 33.91 ? 266  GLU A CA  1 
ATOM   1134 C C   . GLU A 1 157 ? -6.799  2.522   9.390   1.00 34.20 ? 266  GLU A C   1 
ATOM   1135 O O   . GLU A 1 157 ? -7.023  2.377   10.595  1.00 34.86 ? 266  GLU A O   1 
ATOM   1136 C CB  . GLU A 1 157 ? -7.260  4.887   8.799   1.00 34.35 ? 266  GLU A CB  1 
ATOM   1137 C CG  . GLU A 1 157 ? -7.385  5.796   7.591   1.00 35.01 ? 266  GLU A CG  1 
ATOM   1138 C CD  . GLU A 1 157 ? -6.989  7.234   7.879   1.00 35.44 ? 266  GLU A CD  1 
ATOM   1139 O OE1 . GLU A 1 157 ? -6.401  7.510   8.949   1.00 35.42 ? 266  GLU A OE1 1 
ATOM   1140 O OE2 . GLU A 1 157 ? -7.268  8.098   7.020   1.00 35.86 ? 266  GLU A OE2 1 
ATOM   1141 N N   . TRP A 1 158 ? -5.804  1.911   8.758   1.00 33.87 ? 267  TRP A N   1 
ATOM   1142 C CA  . TRP A 1 158 ? -4.908  1.002   9.458   1.00 33.39 ? 267  TRP A CA  1 
ATOM   1143 C C   . TRP A 1 158 ? -3.521  1.608   9.660   1.00 33.61 ? 267  TRP A C   1 
ATOM   1144 O O   . TRP A 1 158 ? -3.353  2.828   9.626   1.00 33.84 ? 267  TRP A O   1 
ATOM   1145 C CB  . TRP A 1 158 ? -4.837  -0.346  8.730   1.00 32.42 ? 267  TRP A CB  1 
ATOM   1146 C CG  . TRP A 1 158 ? -6.118  -1.137  8.811   1.00 31.73 ? 267  TRP A CG  1 
ATOM   1147 C CD1 . TRP A 1 158 ? -7.124  -0.983  9.729   1.00 31.70 ? 267  TRP A CD1 1 
ATOM   1148 C CD2 . TRP A 1 158 ? -6.513  -2.222  7.967   1.00 31.27 ? 267  TRP A CD2 1 
ATOM   1149 N NE1 . TRP A 1 158 ? -8.126  -1.893  9.495   1.00 31.59 ? 267  TRP A NE1 1 
ATOM   1150 C CE2 . TRP A 1 158 ? -7.777  -2.669  8.420   1.00 31.41 ? 267  TRP A CE2 1 
ATOM   1151 C CE3 . TRP A 1 158 ? -5.925  -2.860  6.867   1.00 30.70 ? 267  TRP A CE3 1 
ATOM   1152 C CZ2 . TRP A 1 158 ? -8.464  -3.724  7.811   1.00 31.22 ? 267  TRP A CZ2 1 
ATOM   1153 C CZ3 . TRP A 1 158 ? -6.609  -3.906  6.262   1.00 30.82 ? 267  TRP A CZ3 1 
ATOM   1154 C CH2 . TRP A 1 158 ? -7.865  -4.329  6.737   1.00 30.82 ? 267  TRP A CH2 1 
ATOM   1155 O OXT . TRP A 1 158 ? -2.536  0.903   9.868   1.00 34.22 ? 267  TRP A OXT 1 
HETATM 1156 N N7  . PZE B 2 .   ? 3.465   4.539   -9.722  0.75 39.27 ? 1268 PZE A N7  1 
HETATM 1157 C C8  . PZE B 2 .   ? 3.033   5.798   -10.357 0.75 39.17 ? 1268 PZE A C8  1 
HETATM 1158 C C9  . PZE B 2 .   ? 2.956   5.635   -11.873 0.75 39.26 ? 1268 PZE A C9  1 
HETATM 1159 N N10 . PZE B 2 .   ? 2.042   4.534   -12.233 0.75 39.20 ? 1268 PZE A N10 1 
HETATM 1160 C C11 . PZE B 2 .   ? 2.418   3.269   -11.572 0.75 39.17 ? 1268 PZE A C11 1 
HETATM 1161 C C12 . PZE B 2 .   ? 2.547   3.436   -10.058 0.75 39.06 ? 1268 PZE A C12 1 
HETATM 1162 O O   . HOH C 3 .   ? 17.174  -7.654  0.023   1.00 41.09 ? 2001 HOH A O   1 
HETATM 1163 O O   . HOH C 3 .   ? 14.301  -7.596  -3.224  1.00 43.02 ? 2002 HOH A O   1 
HETATM 1164 O O   . HOH C 3 .   ? 10.236  -6.831  -0.055  1.00 39.70 ? 2003 HOH A O   1 
HETATM 1165 O O   . HOH C 3 .   ? 9.411   8.968   13.928  1.00 32.69 ? 2004 HOH A O   1 
HETATM 1166 O O   . HOH C 3 .   ? 2.640   8.501   15.550  1.00 39.98 ? 2005 HOH A O   1 
HETATM 1167 O O   . HOH C 3 .   ? 5.869   -2.849  16.323  1.00 32.90 ? 2006 HOH A O   1 
HETATM 1168 O O   . HOH C 3 .   ? 2.773   2.169   0.594   1.00 27.64 ? 2007 HOH A O   1 
HETATM 1169 O O   . HOH C 3 .   ? 5.812   -7.145  8.411   1.00 40.68 ? 2008 HOH A O   1 
HETATM 1170 O O   . HOH C 3 .   ? 3.724   0.576   -14.552 1.00 37.52 ? 2009 HOH A O   1 
HETATM 1171 O O   . HOH C 3 .   ? 10.978  -0.383  -11.702 1.00 34.42 ? 2010 HOH A O   1 
HETATM 1172 O O   . HOH C 3 .   ? 6.629   7.518   -11.917 1.00 44.25 ? 2011 HOH A O   1 
HETATM 1173 O O   . HOH C 3 .   ? -0.297  6.616   11.904  1.00 32.45 ? 2012 HOH A O   1 
HETATM 1174 O O   . HOH C 3 .   ? -2.958  11.096  10.620  1.00 43.31 ? 2013 HOH A O   1 
HETATM 1175 O O   . HOH C 3 .   ? 4.058   12.026  7.906   1.00 37.12 ? 2014 HOH A O   1 
HETATM 1176 O O   . HOH C 3 .   ? 10.681  9.164   6.606   1.00 29.71 ? 2015 HOH A O   1 
HETATM 1177 O O   . HOH C 3 .   ? 17.943  10.576  3.439   1.00 38.77 ? 2016 HOH A O   1 
HETATM 1178 O O   . HOH C 3 .   ? 14.654  13.821  -1.092  1.00 30.13 ? 2017 HOH A O   1 
HETATM 1179 O O   . HOH C 3 .   ? 8.680   14.642  -3.722  1.00 30.07 ? 2018 HOH A O   1 
HETATM 1180 O O   . HOH C 3 .   ? 0.079   15.259  6.056   1.00 37.54 ? 2019 HOH A O   1 
HETATM 1181 O O   . HOH C 3 .   ? -2.964  14.703  -6.041  1.00 44.04 ? 2020 HOH A O   1 
HETATM 1182 O O   . HOH C 3 .   ? -3.621  16.540  -4.100  1.00 42.77 ? 2021 HOH A O   1 
HETATM 1183 O O   . HOH C 3 .   ? -3.776  17.464  -1.273  1.00 42.94 ? 2022 HOH A O   1 
HETATM 1184 O O   . HOH C 3 .   ? 4.202   0.587   -17.745 1.00 38.53 ? 2023 HOH A O   1 
HETATM 1185 O O   . HOH C 3 .   ? -4.143  11.553  4.976   1.00 36.42 ? 2024 HOH A O   1 
HETATM 1186 O O   . HOH C 3 .   ? -7.526  6.889   4.354   1.00 28.16 ? 2025 HOH A O   1 
HETATM 1187 O O   . HOH C 3 .   ? -3.096  12.209  7.617   1.00 41.60 ? 2026 HOH A O   1 
HETATM 1188 O O   . HOH C 3 .   ? 18.484  10.444  -4.552  1.00 35.94 ? 2027 HOH A O   1 
HETATM 1189 O O   . HOH C 3 .   ? 22.504  5.195   3.286   1.00 37.38 ? 2028 HOH A O   1 
HETATM 1190 O O   . HOH C 3 .   ? -9.093  -8.211  -16.976 1.00 35.44 ? 2029 HOH A O   1 
HETATM 1191 O O   . HOH C 3 .   ? -1.965  -9.245  -12.388 1.00 29.85 ? 2030 HOH A O   1 
HETATM 1192 O O   . HOH C 3 .   ? -7.702  -5.582  -15.982 1.00 43.99 ? 2031 HOH A O   1 
HETATM 1193 O O   . HOH C 3 .   ? -10.555 -0.807  -8.931  1.00 37.54 ? 2032 HOH A O   1 
HETATM 1194 O O   . HOH C 3 .   ? -14.342 -13.507 -9.884  1.00 43.80 ? 2033 HOH A O   1 
HETATM 1195 O O   . HOH C 3 .   ? -13.075 -6.716  -10.316 1.00 32.42 ? 2034 HOH A O   1 
HETATM 1196 O O   . HOH C 3 .   ? 3.867   -12.387 -4.227  1.00 25.18 ? 2035 HOH A O   1 
HETATM 1197 O O   . HOH C 3 .   ? 3.223   -11.207 -0.354  1.00 24.14 ? 2036 HOH A O   1 
HETATM 1198 O O   . HOH C 3 .   ? 1.553   -7.281  1.633   1.00 21.53 ? 2037 HOH A O   1 
HETATM 1199 O O   . HOH C 3 .   ? -9.246  -13.697 0.209   1.00 25.75 ? 2038 HOH A O   1 
HETATM 1200 O O   . HOH C 3 .   ? -13.644 -9.290  -3.690  1.00 24.90 ? 2039 HOH A O   1 
HETATM 1201 O O   . HOH C 3 .   ? -12.725 -14.167 -7.552  1.00 22.12 ? 2040 HOH A O   1 
HETATM 1202 O O   . HOH C 3 .   ? -10.430 -1.243  -6.042  1.00 28.25 ? 2041 HOH A O   1 
HETATM 1203 O O   . HOH C 3 .   ? -14.701 -0.016  -6.621  1.00 36.64 ? 2042 HOH A O   1 
HETATM 1204 O O   . HOH C 3 .   ? -10.982 -2.058  -3.286  1.00 22.01 ? 2043 HOH A O   1 
HETATM 1205 O O   . HOH C 3 .   ? -8.716  -13.855 10.772  1.00 37.85 ? 2044 HOH A O   1 
HETATM 1206 O O   . HOH C 3 .   ? 0.936   -5.994  11.344  1.00 32.21 ? 2045 HOH A O   1 
HETATM 1207 O O   . HOH C 3 .   ? -2.272  -7.378  11.342  1.00 29.65 ? 2046 HOH A O   1 
HETATM 1208 O O   . HOH C 3 .   ? 4.269   -6.617  3.230   1.00 33.46 ? 2047 HOH A O   1 
HETATM 1209 O O   . HOH C 3 .   ? 6.851   -7.134  5.698   1.00 36.95 ? 2048 HOH A O   1 
HETATM 1210 O O   . HOH C 3 .   ? 1.927   -9.334  -14.505 1.00 39.15 ? 2049 HOH A O   1 
HETATM 1211 O O   . HOH C 3 .   ? -11.942 -3.023  9.716   1.00 21.70 ? 2050 HOH A O   1 
HETATM 1212 O O   . HOH C 3 .   ? -15.918 -1.045  9.370   1.00 24.87 ? 2051 HOH A O   1 
HETATM 1213 O O   . HOH C 3 .   ? -21.416 -12.158 5.780   1.00 42.15 ? 2052 HOH A O   1 
HETATM 1214 O O   . HOH C 3 .   ? -14.060 -15.464 4.416   1.00 30.10 ? 2053 HOH A O   1 
HETATM 1215 O O   . HOH C 3 .   ? -12.097 -5.854  9.346   1.00 31.53 ? 2054 HOH A O   1 
HETATM 1216 O O   . HOH C 3 .   ? -9.946  5.726   2.838   1.00 39.78 ? 2055 HOH A O   1 
HETATM 1217 O O   . HOH C 3 .   ? -5.935  0.562   -12.037 1.00 36.06 ? 2056 HOH A O   1 
HETATM 1218 O O   . HOH C 3 .   ? 2.090   8.339   -7.499  1.00 24.92 ? 2057 HOH A O   1 
HETATM 1219 O O   . HOH C 3 .   ? 0.558   3.456   -14.255 1.00 41.15 ? 2058 HOH A O   1 
HETATM 1220 O O   . HOH C 3 .   ? -6.969  1.391   -16.209 1.00 40.35 ? 2059 HOH A O   1 
HETATM 1221 O O   . HOH C 3 .   ? 0.657   2.949   -17.145 1.00 40.84 ? 2060 HOH A O   1 
HETATM 1222 O O   . HOH C 3 .   ? -9.673  8.885   -6.806  1.00 43.59 ? 2061 HOH A O   1 
HETATM 1223 O O   . HOH C 3 .   ? -14.190 5.497   -3.952  1.00 34.49 ? 2062 HOH A O   1 
HETATM 1224 O O   . HOH C 3 .   ? -18.985 1.185   -0.234  1.00 35.93 ? 2063 HOH A O   1 
HETATM 1225 O O   . HOH C 3 .   ? -18.967 -1.427  4.155   1.00 30.15 ? 2064 HOH A O   1 
HETATM 1226 O O   . HOH C 3 .   ? -6.447  10.655  6.136   1.00 37.50 ? 2065 HOH A O   1 
# 
